data_4UO2
#
_entry.id   4UO2
#
_cell.length_a   79.296
_cell.length_b   129.794
_cell.length_c   193.634
_cell.angle_alpha   90.00
_cell.angle_beta   90.00
_cell.angle_gamma   90.00
#
_symmetry.space_group_name_H-M   'P 21 21 21'
#
loop_
_entity.id
_entity.type
_entity.pdbx_description
1 polymer 'H3 HAEMAGGLUTININ HA1 CHAIN'
2 polymer 'H3 HAEMAGGLUTININ HA2 CHAIN'
3 branched alpha-D-mannopyranose-(1-3)-[alpha-D-mannopyranose-(1-6)]beta-D-mannopyranose-(1-4)-2-acetamido-2-deoxy-beta-D-glucopyranose-(1-4)-2-acetamido-2-deoxy-beta-D-glucopyranose
4 branched 2-acetamido-2-deoxy-beta-D-glucopyranose-(1-4)-2-acetamido-2-deoxy-beta-D-glucopyranose
5 branched beta-D-mannopyranose-(1-4)-2-acetamido-2-deoxy-beta-D-glucopyranose-(1-4)-[alpha-L-fucopyranose-(1-6)]2-acetamido-2-deoxy-beta-D-glucopyranose
6 branched beta-D-mannopyranose-(1-4)-2-acetamido-2-deoxy-beta-D-glucopyranose-(1-4)-2-acetamido-2-deoxy-beta-D-glucopyranose
7 branched 'N-acetyl-alpha-neuraminic acid-(2-3)-beta-D-galactopyranose-(1-4)-[alpha-L-fucopyranose-(1-3)]2-acetamido-2-deoxy-beta-D-glucopyranose'
8 branched alpha-L-fucopyranose-(1-6)-2-acetamido-2-deoxy-beta-D-glucopyranose
9 branched alpha-D-mannopyranose-(1-3)-beta-D-mannopyranose-(1-4)-2-acetamido-2-deoxy-beta-D-glucopyranose-(1-4)-2-acetamido-2-deoxy-beta-D-glucopyranose
10 branched 2-acetamido-2-deoxy-beta-D-glucopyranose-(1-4)-[alpha-L-fucopyranose-(1-6)]2-acetamido-2-deoxy-beta-D-glucopyranose
11 non-polymer 2-acetamido-2-deoxy-beta-D-glucopyranose
12 water water
#
loop_
_entity_poly.entity_id
_entity_poly.type
_entity_poly.pdbx_seq_one_letter_code
_entity_poly.pdbx_strand_id
1 'polypeptide(L)'
;SQNPISNNNTATLCLGHHAVANGTLVKTISDDQIEVTNATELVQSISMGKICNNSYRILDGRNCTLIDAMLGDPHCDVFQ
YENWDLFIERSSAFSNCYPYDIPDYASLRSIVASSGTLEFTAEGFTWTGVTQNGRSGACKRGSADSFFSRLNWLTKSGNS
YPTLNVTMPNNKNFDKLYIWGIHHPSSNQEQTKLYIQESGRVTVSTKRSQQTIIPNIGSRPWVRGQSGRISIYWTIVKPG
DILMINSNGNLVAPRGYFKLKTGKSSVMRSDVPIDICVSECITPNGSISNEKPFQNVNKVTYGKCPKYIRQNTLKLATGM
RNVPEKQIR
;
A,C,E
2 'polypeptide(L)'
;GIFGAIAGFIENGWEGMVDGWYGFRYQNSEGTGQAADLKSTQTAIDQINEKLNRVIERTNEKFHQIEKEFSEVEGRIQDL
EKYVEDTKIDLWSYNAELLVALENQHTIDLTDAEMNKLFEKTRRQLRENAEDMGGGCFKIYHKCDNACIGSIRNGTYDHY
IYRDEALNNRFQ
;
B,D,F
#
loop_
_chem_comp.id
_chem_comp.type
_chem_comp.name
_chem_comp.formula
BMA D-saccharide, beta linking beta-D-mannopyranose 'C6 H12 O6'
FUC L-saccharide, alpha linking alpha-L-fucopyranose 'C6 H12 O5'
GAL D-saccharide, beta linking beta-D-galactopyranose 'C6 H12 O6'
MAN D-saccharide, alpha linking alpha-D-mannopyranose 'C6 H12 O6'
NAG D-saccharide, beta linking 2-acetamido-2-deoxy-beta-D-glucopyranose 'C8 H15 N O6'
SIA D-saccharide, alpha linking 'N-acetyl-alpha-neuraminic acid' 'C11 H19 N O9'
#
# COMPACT_ATOMS: atom_id res chain seq x y z
N GLN A 2 30.41 -9.99 -59.71
CA GLN A 2 31.61 -10.89 -59.76
C GLN A 2 32.88 -10.11 -60.11
N ASN A 3 32.73 -8.84 -60.48
CA ASN A 3 33.85 -7.97 -60.80
C ASN A 3 34.47 -7.33 -59.54
N PRO A 4 35.80 -7.48 -59.37
CA PRO A 4 36.51 -6.98 -58.19
C PRO A 4 36.40 -5.46 -57.99
N ILE A 5 36.50 -4.69 -59.08
CA ILE A 5 36.36 -3.24 -59.01
C ILE A 5 34.91 -2.86 -59.24
N SER A 6 34.31 -2.20 -58.24
CA SER A 6 32.92 -1.73 -58.32
C SER A 6 32.72 -0.85 -59.56
N ASN A 7 31.50 -0.83 -60.07
CA ASN A 7 31.24 -0.09 -61.29
C ASN A 7 31.08 1.41 -61.03
N ASN A 8 31.43 2.24 -62.02
CA ASN A 8 31.16 3.67 -61.98
C ASN A 8 29.65 3.95 -62.06
N ASN A 9 28.91 3.00 -62.61
CA ASN A 9 27.48 3.14 -62.78
C ASN A 9 26.69 2.43 -61.69
N THR A 10 27.37 2.16 -60.56
CA THR A 10 26.73 1.59 -59.37
C THR A 10 27.28 2.23 -58.10
N ALA A 11 26.56 2.11 -57.00
CA ALA A 11 27.02 2.60 -55.69
C ALA A 11 26.45 1.75 -54.55
N THR A 12 27.11 1.82 -53.39
CA THR A 12 26.69 1.07 -52.21
C THR A 12 26.28 2.02 -51.08
N LEU A 13 25.17 1.70 -50.42
CA LEU A 13 24.66 2.53 -49.32
C LEU A 13 24.30 1.67 -48.14
N CYS A 14 25.01 1.84 -47.04
CA CYS A 14 24.76 1.04 -45.85
C CYS A 14 24.21 1.88 -44.71
N LEU A 15 23.24 1.32 -43.99
CA LEU A 15 22.66 1.99 -42.85
C LEU A 15 23.16 1.35 -41.57
N GLY A 16 23.30 2.14 -40.51
CA GLY A 16 23.86 1.62 -39.28
C GLY A 16 23.53 2.46 -38.07
N HIS A 17 24.10 2.04 -36.94
CA HIS A 17 23.89 2.70 -35.68
C HIS A 17 25.19 2.67 -34.93
N HIS A 18 25.34 3.54 -33.95
CA HIS A 18 26.57 3.64 -33.19
C HIS A 18 26.71 2.49 -32.19
N ALA A 19 27.93 2.30 -31.71
CA ALA A 19 28.24 1.35 -30.65
C ALA A 19 29.37 1.96 -29.86
N VAL A 20 29.46 1.65 -28.57
CA VAL A 20 30.62 2.08 -27.78
C VAL A 20 31.50 0.89 -27.40
N ALA A 21 32.77 1.18 -27.11
CA ALA A 21 33.72 0.14 -26.71
C ALA A 21 33.26 -0.62 -25.47
N ASN A 22 32.99 0.10 -24.38
CA ASN A 22 32.59 -0.51 -23.12
C ASN A 22 31.11 -0.28 -22.80
N GLY A 23 30.29 -1.29 -23.05
CA GLY A 23 28.86 -1.22 -22.76
C GLY A 23 28.55 -1.40 -21.29
N THR A 24 27.27 -1.55 -20.98
CA THR A 24 26.81 -1.73 -19.61
C THR A 24 25.50 -2.53 -19.53
N LEU A 25 25.42 -3.47 -18.59
CA LEU A 25 24.27 -4.37 -18.50
C LEU A 25 23.06 -3.76 -17.78
N VAL A 26 21.89 -3.98 -18.37
CA VAL A 26 20.61 -3.61 -17.75
C VAL A 26 19.64 -4.79 -17.79
N LYS A 27 18.51 -4.67 -17.10
CA LYS A 27 17.48 -5.71 -17.14
C LYS A 27 16.23 -5.23 -17.86
N THR A 28 15.71 -6.05 -18.76
CA THR A 28 14.41 -5.79 -19.41
C THR A 28 13.36 -6.84 -19.05
N ILE A 29 12.24 -6.82 -19.76
CA ILE A 29 11.18 -7.82 -19.61
C ILE A 29 11.59 -9.11 -20.33
N SER A 30 12.44 -8.98 -21.35
CA SER A 30 12.91 -10.11 -22.17
C SER A 30 14.20 -10.80 -21.69
N ASP A 31 15.05 -10.04 -20.99
CA ASP A 31 16.41 -10.47 -20.67
C ASP A 31 16.80 -10.14 -19.24
N ASP A 32 17.38 -11.13 -18.57
CA ASP A 32 18.00 -10.94 -17.26
C ASP A 32 19.09 -9.87 -17.34
N GLN A 33 19.93 -9.97 -18.37
CA GLN A 33 21.03 -9.03 -18.62
C GLN A 33 21.15 -8.76 -20.11
N ILE A 34 21.24 -7.49 -20.47
CA ILE A 34 21.45 -7.10 -21.86
C ILE A 34 22.32 -5.83 -21.92
N GLU A 35 23.25 -5.79 -22.86
CA GLU A 35 24.23 -4.70 -22.92
C GLU A 35 23.76 -3.48 -23.71
N VAL A 36 23.70 -2.34 -23.05
CA VAL A 36 23.34 -1.08 -23.70
C VAL A 36 24.53 -0.11 -23.82
N THR A 37 24.36 0.92 -24.64
CA THR A 37 25.42 1.90 -24.89
C THR A 37 25.67 2.81 -23.69
N ASN A 38 24.64 3.05 -22.88
CA ASN A 38 24.74 3.92 -21.71
C ASN A 38 23.61 3.63 -20.73
N ALA A 39 23.81 3.93 -19.44
CA ALA A 39 22.78 3.74 -18.42
C ALA A 39 22.99 4.56 -17.17
N THR A 40 21.93 4.72 -16.39
CA THR A 40 21.90 5.58 -15.22
C THR A 40 21.54 4.81 -13.95
N GLU A 41 22.23 5.14 -12.86
CA GLU A 41 21.84 4.63 -11.55
C GLU A 41 20.65 5.45 -11.01
N LEU A 42 19.61 4.74 -10.58
CA LEU A 42 18.39 5.35 -10.04
C LEU A 42 18.30 5.25 -8.52
N VAL A 43 19.20 4.50 -7.90
CA VAL A 43 19.15 4.29 -6.46
C VAL A 43 20.30 5.01 -5.77
N GLN A 44 19.95 5.88 -4.81
CA GLN A 44 20.93 6.54 -3.97
C GLN A 44 21.30 5.63 -2.80
N SER A 45 22.56 5.23 -2.75
CA SER A 45 23.01 4.35 -1.68
C SER A 45 24.06 5.00 -0.77
N ILE A 46 24.61 6.13 -1.21
CA ILE A 46 25.65 6.81 -0.45
C ILE A 46 25.10 8.09 0.21
N SER A 47 25.25 8.17 1.53
CA SER A 47 24.97 9.41 2.27
C SER A 47 26.25 10.24 2.43
N MET A 48 26.08 11.50 2.84
CA MET A 48 27.19 12.43 3.06
C MET A 48 27.94 12.19 4.39
N GLY A 49 27.32 11.45 5.29
CA GLY A 49 27.90 11.17 6.61
C GLY A 49 27.73 12.27 7.64
N LYS A 50 27.07 13.35 7.24
CA LYS A 50 26.83 14.54 8.07
C LYS A 50 25.46 15.12 7.74
N ILE A 51 24.90 15.88 8.67
CA ILE A 51 23.59 16.50 8.44
C ILE A 51 23.75 17.97 8.08
N CYS A 52 23.39 18.30 6.86
CA CYS A 52 23.46 19.67 6.36
C CYS A 52 22.42 20.54 7.05
N ASN A 53 22.83 21.73 7.46
CA ASN A 53 21.95 22.62 8.20
C ASN A 53 21.72 23.97 7.50
N ASN A 54 21.79 23.95 6.16
CA ASN A 54 21.62 25.18 5.40
C ASN A 54 20.22 25.36 4.81
N SER A 55 19.52 24.27 4.56
CA SER A 55 18.16 24.34 4.03
C SER A 55 17.15 24.46 5.15
N TYR A 56 17.11 23.46 6.02
CA TYR A 56 16.19 23.47 7.15
C TYR A 56 16.91 23.92 8.42
N ARG A 57 16.15 24.47 9.36
CA ARG A 57 16.68 24.78 10.67
C ARG A 57 16.85 23.49 11.49
N ILE A 58 18.09 23.12 11.74
CA ILE A 58 18.42 21.90 12.48
C ILE A 58 18.87 22.25 13.88
N LEU A 59 18.21 21.69 14.89
CA LEU A 59 18.57 21.96 16.29
C LEU A 59 19.15 20.72 16.99
N ASP A 60 20.43 20.81 17.35
CA ASP A 60 21.12 19.71 18.03
C ASP A 60 20.72 19.68 19.50
N GLY A 61 20.13 18.56 19.90
CA GLY A 61 19.69 18.36 21.28
C GLY A 61 20.79 17.95 22.23
N ARG A 62 21.95 17.58 21.66
CA ARG A 62 23.13 17.17 22.45
C ARG A 62 22.81 16.18 23.57
N ASN A 63 22.87 16.64 24.81
CA ASN A 63 22.58 15.80 25.97
C ASN A 63 21.09 15.78 26.39
N CYS A 64 20.22 16.44 25.63
CA CYS A 64 18.80 16.60 26.00
C CYS A 64 17.81 15.96 25.03
N THR A 65 16.81 15.27 25.59
CA THR A 65 15.66 14.86 24.80
C THR A 65 14.75 16.08 24.65
N LEU A 66 13.99 16.11 23.57
CA LEU A 66 13.02 17.16 23.34
C LEU A 66 12.11 17.35 24.55
N ILE A 67 11.67 16.25 25.14
CA ILE A 67 10.80 16.28 26.30
C ILE A 67 11.46 16.97 27.48
N ASP A 68 12.73 16.65 27.73
CA ASP A 68 13.45 17.28 28.84
C ASP A 68 13.62 18.78 28.61
N ALA A 69 13.90 19.17 27.37
CA ALA A 69 14.01 20.59 27.03
C ALA A 69 12.70 21.32 27.35
N MET A 70 11.58 20.67 27.01
CA MET A 70 10.27 21.22 27.27
C MET A 70 10.05 21.47 28.76
N LEU A 71 9.99 20.39 29.56
CA LEU A 71 9.73 20.45 30.99
C LEU A 71 10.62 21.43 31.77
N GLY A 72 11.87 21.60 31.34
CA GLY A 72 12.78 22.50 32.02
C GLY A 72 13.78 21.81 32.95
N ASP A 73 14.27 20.65 32.52
CA ASP A 73 15.40 19.97 33.14
C ASP A 73 16.59 20.94 33.14
N PRO A 74 17.12 21.27 34.34
CA PRO A 74 18.17 22.31 34.50
C PRO A 74 19.29 22.28 33.47
N HIS A 75 19.75 21.10 33.08
CA HIS A 75 20.84 21.01 32.10
C HIS A 75 20.35 21.19 30.64
N CYS A 76 19.09 21.58 30.49
CA CYS A 76 18.48 21.83 29.19
C CYS A 76 17.99 23.27 29.11
N ASP A 77 18.53 24.12 29.99
CA ASP A 77 18.11 25.52 30.10
C ASP A 77 18.40 26.36 28.85
N VAL A 78 19.40 25.93 28.07
CA VAL A 78 19.79 26.62 26.83
C VAL A 78 18.73 26.48 25.71
N PHE A 79 17.74 25.62 25.91
CA PHE A 79 16.74 25.34 24.88
C PHE A 79 15.43 26.10 25.05
N GLN A 80 15.40 27.07 25.95
CA GLN A 80 14.19 27.87 26.22
C GLN A 80 13.77 28.71 25.02
N TYR A 81 12.48 28.62 24.66
CA TYR A 81 11.86 29.42 23.58
C TYR A 81 12.44 29.15 22.18
N GLU A 82 12.99 27.95 22.00
CA GLU A 82 13.60 27.58 20.73
C GLU A 82 12.55 27.18 19.71
N ASN A 83 12.95 27.19 18.44
CA ASN A 83 12.12 26.64 17.36
C ASN A 83 12.99 25.97 16.29
N TRP A 84 12.43 24.97 15.61
CA TRP A 84 13.18 24.13 14.68
C TRP A 84 12.29 23.57 13.58
N ASP A 85 12.91 23.14 12.49
CA ASP A 85 12.25 22.30 11.50
C ASP A 85 12.50 20.83 11.87
N LEU A 86 13.70 20.54 12.34
CA LEU A 86 14.09 19.19 12.71
C LEU A 86 15.00 19.19 13.94
N PHE A 87 14.56 18.48 14.98
CA PHE A 87 15.28 18.39 16.24
C PHE A 87 16.04 17.07 16.31
N ILE A 88 17.34 17.15 16.57
CA ILE A 88 18.19 15.95 16.63
C ILE A 88 18.33 15.43 18.06
N GLU A 89 17.78 14.25 18.32
CA GLU A 89 17.98 13.58 19.61
C GLU A 89 19.16 12.60 19.52
N ARG A 90 20.18 12.86 20.32
CA ARG A 90 21.35 11.98 20.37
C ARG A 90 21.07 10.83 21.31
N SER A 91 21.74 9.71 21.09
CA SER A 91 21.55 8.53 21.93
C SER A 91 22.14 8.72 23.32
N SER A 92 23.19 9.54 23.40
CA SER A 92 23.90 9.81 24.65
C SER A 92 23.12 10.74 25.58
N ALA A 93 21.98 11.25 25.09
CA ALA A 93 21.12 12.13 25.87
C ALA A 93 20.69 11.45 27.16
N PHE A 94 20.46 12.25 28.20
CA PHE A 94 20.05 11.75 29.51
C PHE A 94 19.15 12.74 30.25
N SER A 95 18.56 12.29 31.35
CA SER A 95 17.75 13.14 32.22
C SER A 95 18.45 13.30 33.58
N ASN A 96 18.30 14.47 34.18
CA ASN A 96 19.09 14.82 35.36
C ASN A 96 18.26 15.61 36.36
N CYS A 97 16.95 15.41 36.34
CA CYS A 97 16.05 16.10 37.25
C CYS A 97 15.27 15.07 38.07
N TYR A 98 14.06 15.41 38.51
CA TYR A 98 13.23 14.51 39.32
C TYR A 98 12.77 13.32 38.46
N PRO A 99 12.79 12.09 39.03
CA PRO A 99 12.38 10.95 38.21
C PRO A 99 10.91 11.03 37.85
N TYR A 100 10.60 10.75 36.59
CA TYR A 100 9.25 10.86 36.09
C TYR A 100 8.91 9.78 35.08
N ASP A 101 7.64 9.72 34.72
CA ASP A 101 7.22 9.00 33.54
C ASP A 101 6.08 9.78 32.89
N ILE A 102 5.81 9.46 31.62
CA ILE A 102 4.70 10.07 30.91
C ILE A 102 3.90 8.96 30.27
N PRO A 103 2.68 8.67 30.78
CA PRO A 103 1.85 7.73 30.03
C PRO A 103 1.64 8.30 28.62
N ASP A 104 1.75 7.44 27.61
CA ASP A 104 1.79 7.89 26.22
C ASP A 104 2.85 8.99 25.98
N TYR A 105 4.06 8.70 26.43
CA TYR A 105 5.24 9.52 26.17
C TYR A 105 5.38 9.83 24.68
N ALA A 106 5.25 8.79 23.85
CA ALA A 106 5.42 8.88 22.40
C ALA A 106 4.53 9.96 21.79
N SER A 107 3.25 9.99 22.17
CA SER A 107 2.33 10.99 21.65
C SER A 107 2.76 12.42 21.94
N LEU A 108 3.12 12.69 23.20
CA LEU A 108 3.53 14.03 23.60
C LEU A 108 4.76 14.51 22.82
N ARG A 109 5.72 13.60 22.64
CA ARG A 109 6.94 13.85 21.89
C ARG A 109 6.55 14.19 20.44
N SER A 110 5.68 13.36 19.85
CA SER A 110 5.19 13.58 18.50
C SER A 110 4.54 14.96 18.34
N ILE A 111 3.65 15.29 19.27
CA ILE A 111 2.92 16.57 19.25
C ILE A 111 3.86 17.77 19.28
N VAL A 112 4.77 17.80 20.24
CA VAL A 112 5.70 18.92 20.39
C VAL A 112 6.65 19.03 19.18
N ALA A 113 7.19 17.89 18.75
CA ALA A 113 8.07 17.82 17.60
C ALA A 113 7.43 18.44 16.37
N SER A 114 6.15 18.14 16.15
CA SER A 114 5.42 18.61 14.99
C SER A 114 5.07 20.09 15.07
N SER A 115 4.74 20.54 16.28
CA SER A 115 4.48 21.94 16.59
C SER A 115 5.67 22.81 16.18
N GLY A 116 6.88 22.28 16.38
CA GLY A 116 8.11 22.92 15.94
C GLY A 116 8.57 24.12 16.75
N THR A 117 8.07 24.23 17.98
CA THR A 117 8.39 25.39 18.84
C THR A 117 8.22 25.12 20.33
N LEU A 118 9.06 25.77 21.13
CA LEU A 118 8.96 25.72 22.58
C LEU A 118 8.65 27.11 23.16
N GLU A 119 7.91 27.92 22.41
CA GLU A 119 7.41 29.20 22.91
C GLU A 119 6.55 28.97 24.14
N PHE A 120 6.87 29.66 25.23
CA PHE A 120 6.24 29.45 26.52
C PHE A 120 5.86 30.76 27.19
N THR A 121 4.56 31.00 27.34
CA THR A 121 4.08 32.15 28.09
C THR A 121 3.71 31.73 29.51
N ALA A 122 4.21 32.46 30.49
CA ALA A 122 3.86 32.22 31.89
C ALA A 122 2.53 32.90 32.21
N GLU A 123 1.68 32.18 32.96
CA GLU A 123 0.41 32.75 33.45
C GLU A 123 0.41 32.84 34.95
N GLY A 124 -0.25 33.86 35.48
CA GLY A 124 -0.33 34.08 36.92
C GLY A 124 -1.48 33.33 37.56
N PHE A 125 -1.30 32.02 37.78
CA PHE A 125 -2.26 31.22 38.54
C PHE A 125 -2.20 31.62 40.00
N THR A 126 -3.33 31.53 40.70
CA THR A 126 -3.32 31.76 42.14
C THR A 126 -3.47 30.43 42.87
N TRP A 127 -2.48 30.11 43.70
CA TRP A 127 -2.53 28.89 44.50
C TRP A 127 -2.75 29.27 45.97
N THR A 128 -3.96 29.74 46.25
CA THR A 128 -4.35 30.20 47.59
C THR A 128 -4.21 29.12 48.66
N GLY A 129 -3.35 29.39 49.64
CA GLY A 129 -3.21 28.57 50.84
C GLY A 129 -2.28 27.38 50.75
N VAL A 130 -1.42 27.36 49.72
CA VAL A 130 -0.41 26.28 49.59
C VAL A 130 0.99 26.83 49.33
N THR A 131 1.99 26.05 49.71
CA THR A 131 3.39 26.37 49.46
C THR A 131 3.70 26.07 47.98
N GLN A 132 4.37 27.02 47.32
CA GLN A 132 4.77 26.86 45.92
C GLN A 132 6.28 26.57 45.77
N ASN A 133 6.70 26.37 44.52
CA ASN A 133 8.13 26.22 44.17
C ASN A 133 8.88 25.12 44.92
N GLY A 134 8.20 23.99 45.14
CA GLY A 134 8.84 22.84 45.77
C GLY A 134 9.96 22.35 44.89
N ARG A 135 11.02 21.88 45.52
CA ARG A 135 12.20 21.44 44.78
C ARG A 135 12.82 20.17 45.36
N SER A 136 13.79 19.60 44.66
CA SER A 136 14.39 18.32 45.05
C SER A 136 15.91 18.35 44.90
N GLY A 137 16.57 17.45 45.62
CA GLY A 137 18.03 17.27 45.52
C GLY A 137 18.45 16.39 44.36
N ALA A 138 17.47 15.81 43.68
CA ALA A 138 17.71 14.99 42.48
C ALA A 138 17.76 15.87 41.24
N CYS A 139 17.39 17.14 41.41
CA CYS A 139 17.29 18.07 40.30
C CYS A 139 18.07 19.34 40.59
N LYS A 140 19.40 19.20 40.68
CA LYS A 140 20.28 20.32 41.04
C LYS A 140 20.35 21.38 39.94
N ARG A 141 20.09 22.64 40.31
CA ARG A 141 20.38 23.75 39.40
C ARG A 141 21.65 24.40 39.93
N GLY A 142 22.79 23.96 39.39
CA GLY A 142 24.10 24.38 39.88
C GLY A 142 24.42 23.74 41.22
N SER A 143 24.39 24.55 42.27
CA SER A 143 24.67 24.06 43.62
C SER A 143 23.36 23.79 44.38
N ALA A 144 22.31 24.49 43.98
CA ALA A 144 21.04 24.47 44.70
C ALA A 144 20.12 23.30 44.30
N ASP A 145 19.28 22.88 45.23
CA ASP A 145 18.16 21.99 44.91
C ASP A 145 17.21 22.77 44.03
N SER A 146 16.64 22.09 43.05
CA SER A 146 15.76 22.75 42.10
C SER A 146 14.68 21.80 41.60
N PHE A 147 14.03 22.19 40.49
CA PHE A 147 12.96 21.42 39.89
C PHE A 147 12.83 21.81 38.42
N PHE A 148 12.02 21.07 37.67
CA PHE A 148 11.69 21.44 36.29
C PHE A 148 11.21 22.89 36.28
N SER A 149 11.77 23.68 35.36
CA SER A 149 11.52 25.12 35.36
C SER A 149 10.08 25.47 34.98
N ARG A 150 9.42 24.58 34.25
CA ARG A 150 8.08 24.85 33.77
C ARG A 150 7.01 24.25 34.66
N LEU A 151 7.41 23.61 35.74
CA LEU A 151 6.45 22.99 36.66
C LEU A 151 6.50 23.55 38.08
N ASN A 152 5.34 23.50 38.73
CA ASN A 152 5.18 24.07 40.07
C ASN A 152 4.73 23.01 41.08
N TRP A 153 5.68 22.57 41.91
CA TRP A 153 5.40 21.55 42.92
C TRP A 153 4.77 22.19 44.16
N LEU A 154 3.50 21.88 44.40
CA LEU A 154 2.75 22.47 45.50
C LEU A 154 2.65 21.53 46.69
N THR A 155 2.82 22.07 47.90
CA THR A 155 2.66 21.29 49.13
C THR A 155 1.83 22.07 50.13
N LYS A 156 1.57 21.45 51.28
CA LYS A 156 0.84 22.10 52.38
C LYS A 156 1.51 23.41 52.84
N SER A 157 0.68 24.31 53.35
CA SER A 157 1.13 25.48 54.08
C SER A 157 0.57 25.35 55.50
N GLY A 158 1.42 25.58 56.51
CA GLY A 158 1.00 25.35 57.90
C GLY A 158 0.62 23.89 58.09
N ASN A 159 -0.61 23.63 58.56
CA ASN A 159 -1.07 22.24 58.71
C ASN A 159 -2.24 21.84 57.80
N SER A 160 -2.38 22.53 56.67
CA SER A 160 -3.45 22.21 55.73
C SER A 160 -3.03 22.32 54.26
N TYR A 161 -3.85 21.70 53.41
CA TYR A 161 -3.73 21.77 51.95
C TYR A 161 -5.18 21.84 51.46
N PRO A 162 -5.71 23.06 51.29
CA PRO A 162 -7.13 23.24 50.96
C PRO A 162 -7.44 22.79 49.55
N THR A 163 -8.72 22.62 49.21
CA THR A 163 -9.10 22.18 47.87
C THR A 163 -8.83 23.29 46.85
N LEU A 164 -7.78 23.08 46.04
CA LEU A 164 -7.42 24.02 44.99
C LEU A 164 -8.44 23.98 43.86
N ASN A 165 -8.83 25.16 43.42
CA ASN A 165 -9.85 25.29 42.39
C ASN A 165 -9.59 26.56 41.62
N VAL A 166 -8.89 26.43 40.50
CA VAL A 166 -8.55 27.60 39.71
C VAL A 166 -9.00 27.44 38.26
N THR A 167 -9.10 28.56 37.56
CA THR A 167 -9.55 28.58 36.18
C THR A 167 -8.62 29.43 35.31
N MET A 168 -8.59 29.15 34.00
CA MET A 168 -7.74 29.87 33.08
C MET A 168 -8.30 29.86 31.65
N PRO A 169 -8.96 30.97 31.25
CA PRO A 169 -9.63 31.04 29.95
C PRO A 169 -8.68 31.33 28.78
N ASN A 170 -8.99 30.74 27.63
CA ASN A 170 -8.19 30.94 26.42
C ASN A 170 -8.84 31.99 25.50
N ASN A 171 -8.40 33.23 25.65
CA ASN A 171 -8.90 34.37 24.87
C ASN A 171 -7.90 34.78 23.82
N LYS A 172 -7.27 33.79 23.20
CA LYS A 172 -6.26 34.02 22.17
C LYS A 172 -6.66 33.33 20.87
N ASN A 173 -5.90 33.59 19.80
CA ASN A 173 -6.24 33.07 18.47
C ASN A 173 -5.61 31.72 18.14
N PHE A 174 -5.05 31.06 19.15
CA PHE A 174 -4.32 29.79 18.96
C PHE A 174 -4.55 28.78 20.08
N ASP A 175 -4.19 27.53 19.82
CA ASP A 175 -4.31 26.46 20.81
C ASP A 175 -3.20 26.53 21.86
N LYS A 176 -3.61 26.42 23.12
CA LYS A 176 -2.68 26.40 24.25
C LYS A 176 -2.39 24.97 24.65
N LEU A 177 -1.12 24.69 24.92
CA LEU A 177 -0.70 23.39 25.45
C LEU A 177 -0.27 23.55 26.90
N TYR A 178 -0.94 22.80 27.78
CA TYR A 178 -0.67 22.86 29.22
C TYR A 178 -0.02 21.58 29.70
N ILE A 179 1.23 21.70 30.14
CA ILE A 179 1.96 20.60 30.74
C ILE A 179 1.82 20.72 32.25
N TRP A 180 1.32 19.66 32.88
CA TRP A 180 1.13 19.59 34.33
C TRP A 180 1.35 18.16 34.79
N GLY A 181 1.24 17.90 36.09
CA GLY A 181 1.48 16.55 36.60
C GLY A 181 0.95 16.25 37.99
N ILE A 182 1.20 15.02 38.42
CA ILE A 182 0.85 14.56 39.74
C ILE A 182 2.08 13.91 40.37
N HIS A 183 2.21 14.03 41.69
CA HIS A 183 3.32 13.43 42.42
C HIS A 183 2.88 12.14 43.10
N HIS A 184 3.74 11.12 43.00
CA HIS A 184 3.54 9.82 43.61
C HIS A 184 4.53 9.65 44.76
N PRO A 185 4.05 9.74 46.01
CA PRO A 185 4.92 9.55 47.17
C PRO A 185 5.31 8.10 47.41
N SER A 186 6.29 7.91 48.30
CA SER A 186 6.87 6.61 48.56
C SER A 186 6.21 5.86 49.73
N SER A 187 5.41 6.57 50.53
CA SER A 187 4.70 5.96 51.66
C SER A 187 3.56 6.84 52.16
N ASN A 188 2.58 6.23 52.83
CA ASN A 188 1.45 6.95 53.43
C ASN A 188 1.91 8.06 54.38
N GLN A 189 2.98 7.75 55.11
CA GLN A 189 3.64 8.70 55.98
C GLN A 189 4.05 9.96 55.19
N GLU A 190 4.72 9.75 54.05
CA GLU A 190 5.13 10.84 53.17
C GLU A 190 3.94 11.61 52.55
N GLN A 191 2.89 10.88 52.19
CA GLN A 191 1.68 11.46 51.61
C GLN A 191 1.03 12.50 52.51
N THR A 192 0.74 12.10 53.75
CA THR A 192 0.12 12.99 54.73
C THR A 192 1.09 14.07 55.21
N LYS A 193 2.39 13.81 55.12
CA LYS A 193 3.39 14.82 55.45
C LYS A 193 3.42 15.98 54.45
N LEU A 194 3.22 15.66 53.17
CA LEU A 194 3.29 16.66 52.12
C LEU A 194 1.93 17.31 51.81
N TYR A 195 0.87 16.51 51.91
CA TYR A 195 -0.42 16.93 51.37
C TYR A 195 -1.56 16.85 52.38
N ILE A 196 -1.26 16.39 53.59
CA ILE A 196 -2.27 16.24 54.65
C ILE A 196 -3.33 15.16 54.37
N GLN A 197 -4.05 15.27 53.25
CA GLN A 197 -5.06 14.27 52.87
C GLN A 197 -4.40 12.91 52.57
N GLU A 198 -5.10 11.82 52.94
CA GLU A 198 -4.60 10.47 52.72
C GLU A 198 -4.75 10.03 51.27
N SER A 199 -5.72 10.62 50.57
CA SER A 199 -6.01 10.30 49.18
C SER A 199 -6.00 11.58 48.35
N GLY A 200 -4.89 11.83 47.67
CA GLY A 200 -4.79 12.94 46.71
C GLY A 200 -5.62 12.67 45.47
N ARG A 201 -5.81 13.73 44.68
CA ARG A 201 -6.77 13.70 43.59
C ARG A 201 -6.52 14.92 42.73
N VAL A 202 -6.31 14.72 41.43
CA VAL A 202 -6.21 15.84 40.49
C VAL A 202 -7.24 15.68 39.38
N THR A 203 -8.01 16.74 39.15
CA THR A 203 -8.94 16.79 38.02
C THR A 203 -8.61 18.01 37.18
N VAL A 204 -8.33 17.77 35.91
CA VAL A 204 -8.08 18.82 34.94
C VAL A 204 -9.14 18.69 33.86
N SER A 205 -9.80 19.81 33.54
CA SER A 205 -10.98 19.78 32.67
C SER A 205 -11.09 20.98 31.73
N THR A 206 -11.79 20.76 30.62
CA THR A 206 -12.32 21.83 29.78
C THR A 206 -13.85 21.76 29.83
N LYS A 207 -14.51 22.45 28.90
CA LYS A 207 -15.97 22.42 28.83
C LYS A 207 -16.54 21.06 28.41
N ARG A 208 -15.83 20.37 27.50
CA ARG A 208 -16.29 19.06 27.03
C ARG A 208 -15.15 18.03 26.98
N SER A 209 -14.55 17.77 28.13
CA SER A 209 -13.45 16.81 28.30
C SER A 209 -12.84 16.96 29.69
N GLN A 210 -12.31 15.87 30.22
CA GLN A 210 -11.68 15.88 31.54
C GLN A 210 -10.66 14.75 31.70
N GLN A 211 -9.72 14.96 32.64
CA GLN A 211 -8.77 13.93 33.02
C GLN A 211 -8.70 13.87 34.54
N THR A 212 -8.84 12.66 35.07
CA THR A 212 -8.89 12.45 36.50
C THR A 212 -7.83 11.43 36.92
N ILE A 213 -6.94 11.84 37.82
CA ILE A 213 -5.79 11.02 38.19
C ILE A 213 -5.68 10.88 39.71
N ILE A 214 -5.40 9.65 40.16
CA ILE A 214 -5.08 9.35 41.56
C ILE A 214 -3.57 9.18 41.69
N PRO A 215 -2.98 9.62 42.81
CA PRO A 215 -1.57 9.32 43.04
C PRO A 215 -1.34 7.86 43.41
N ASN A 216 -0.16 7.35 43.06
CA ASN A 216 0.28 5.99 43.37
C ASN A 216 1.27 6.01 44.54
N ILE A 217 1.06 5.15 45.54
CA ILE A 217 1.92 5.15 46.73
C ILE A 217 2.71 3.85 46.90
N GLY A 218 4.04 3.97 47.05
CA GLY A 218 4.89 2.79 47.28
C GLY A 218 6.40 3.02 47.24
N SER A 219 7.15 2.02 47.68
CA SER A 219 8.61 2.05 47.60
C SER A 219 9.08 1.72 46.20
N ARG A 220 9.99 2.53 45.69
CA ARG A 220 10.55 2.36 44.36
C ARG A 220 12.09 2.43 44.42
N PRO A 221 12.78 2.01 43.34
CA PRO A 221 14.23 2.16 43.33
C PRO A 221 14.67 3.64 43.34
N TRP A 222 15.73 3.91 44.09
CA TRP A 222 16.34 5.23 44.14
C TRP A 222 16.84 5.67 42.77
N VAL A 223 16.36 6.83 42.35
CA VAL A 223 16.93 7.53 41.21
C VAL A 223 17.46 8.85 41.74
N ARG A 224 18.76 9.06 41.58
CA ARG A 224 19.43 10.24 42.13
C ARG A 224 18.92 10.56 43.53
N GLY A 225 18.79 9.51 44.34
CA GLY A 225 18.44 9.64 45.76
C GLY A 225 16.96 9.68 46.11
N GLN A 226 16.09 9.60 45.11
CA GLN A 226 14.63 9.68 45.35
C GLN A 226 13.82 8.45 44.93
N SER A 227 12.95 8.01 45.82
CA SER A 227 12.04 6.90 45.53
C SER A 227 10.64 7.41 45.16
N GLY A 228 10.42 8.72 45.28
CA GLY A 228 9.21 9.35 44.76
C GLY A 228 9.27 9.49 43.25
N ARG A 229 8.14 9.76 42.62
CA ARG A 229 8.06 9.95 41.16
C ARG A 229 7.03 11.01 40.82
N ILE A 230 7.08 11.54 39.59
CA ILE A 230 5.96 12.33 39.05
C ILE A 230 5.54 11.76 37.71
N SER A 231 4.24 11.82 37.42
CA SER A 231 3.72 11.44 36.12
C SER A 231 3.29 12.70 35.39
N ILE A 232 3.62 12.79 34.11
CA ILE A 232 3.31 13.98 33.33
C ILE A 232 2.03 13.81 32.55
N TYR A 233 1.26 14.89 32.46
CA TYR A 233 0.06 14.94 31.63
C TYR A 233 -0.03 16.25 30.86
N TRP A 234 -0.69 16.24 29.70
CA TRP A 234 -0.92 17.45 28.93
C TRP A 234 -2.40 17.72 28.69
N THR A 235 -2.72 18.97 28.37
CA THR A 235 -4.08 19.38 28.06
C THR A 235 -4.07 20.49 26.99
N ILE A 236 -4.83 20.28 25.93
CA ILE A 236 -4.96 21.28 24.89
C ILE A 236 -6.27 22.04 25.09
N VAL A 237 -6.16 23.33 25.32
CA VAL A 237 -7.33 24.19 25.43
C VAL A 237 -7.50 24.92 24.11
N LYS A 238 -8.68 24.80 23.51
CA LYS A 238 -8.95 25.42 22.22
C LYS A 238 -9.49 26.84 22.39
N PRO A 239 -9.33 27.70 21.37
CA PRO A 239 -9.79 29.07 21.54
C PRO A 239 -11.26 29.09 21.94
N GLY A 240 -11.62 29.97 22.88
CA GLY A 240 -12.99 30.10 23.37
C GLY A 240 -13.34 29.20 24.55
N ASP A 241 -12.56 28.14 24.73
CA ASP A 241 -12.75 27.20 25.82
C ASP A 241 -12.07 27.71 27.11
N ILE A 242 -12.18 26.94 28.18
CA ILE A 242 -11.58 27.31 29.45
C ILE A 242 -10.75 26.15 30.03
N LEU A 243 -9.76 26.47 30.86
CA LEU A 243 -9.03 25.46 31.61
C LEU A 243 -9.41 25.51 33.09
N MET A 244 -9.69 24.35 33.67
CA MET A 244 -9.98 24.26 35.10
C MET A 244 -9.13 23.18 35.78
N ILE A 245 -8.63 23.50 36.97
CA ILE A 245 -7.83 22.58 37.78
C ILE A 245 -8.43 22.47 39.19
N ASN A 246 -8.83 21.27 39.56
CA ASN A 246 -9.30 21.01 40.92
C ASN A 246 -8.52 19.85 41.59
N SER A 247 -7.95 20.14 42.75
CA SER A 247 -7.05 19.21 43.42
C SER A 247 -7.08 19.35 44.94
N ASN A 248 -7.14 18.22 45.63
CA ASN A 248 -7.01 18.20 47.09
C ASN A 248 -5.64 17.65 47.54
N GLY A 249 -4.68 17.60 46.61
CA GLY A 249 -3.33 17.16 46.92
C GLY A 249 -2.57 16.53 45.76
N ASN A 250 -1.24 16.53 45.88
CA ASN A 250 -0.34 15.82 44.95
C ASN A 250 -0.14 16.48 43.59
N LEU A 251 -0.68 17.68 43.41
CA LEU A 251 -0.61 18.40 42.14
C LEU A 251 0.76 19.01 41.82
N VAL A 252 1.24 18.73 40.62
CA VAL A 252 2.42 19.40 40.07
C VAL A 252 1.91 20.37 39.00
N ALA A 253 1.73 21.61 39.42
CA ALA A 253 0.99 22.62 38.66
C ALA A 253 1.76 23.17 37.45
N PRO A 254 1.02 23.68 36.45
CA PRO A 254 1.69 24.34 35.34
C PRO A 254 2.08 25.75 35.74
N ARG A 255 2.97 26.38 34.95
CA ARG A 255 3.35 27.75 35.20
C ARG A 255 2.73 28.70 34.16
N GLY A 256 2.34 28.14 33.03
CA GLY A 256 1.79 28.89 31.90
C GLY A 256 1.44 27.92 30.79
N TYR A 257 1.54 28.37 29.54
CA TYR A 257 1.21 27.51 28.39
C TYR A 257 2.26 27.54 27.29
N PHE A 258 2.21 26.51 26.45
CA PHE A 258 3.00 26.46 25.22
C PHE A 258 2.10 26.79 24.04
N LYS A 259 2.63 27.56 23.10
CA LYS A 259 1.90 27.86 21.87
C LYS A 259 1.94 26.65 20.93
N LEU A 260 0.76 26.22 20.49
CA LEU A 260 0.66 25.13 19.52
C LEU A 260 0.50 25.66 18.10
N LYS A 261 1.26 25.08 17.18
CA LYS A 261 1.20 25.47 15.79
C LYS A 261 0.90 24.26 14.92
N THR A 262 0.38 24.52 13.71
CA THR A 262 0.36 23.50 12.67
C THR A 262 1.55 23.78 11.77
N GLY A 263 2.65 23.11 12.09
CA GLY A 263 3.90 23.30 11.36
C GLY A 263 4.33 22.07 10.59
N LYS A 264 5.47 22.18 9.93
CA LYS A 264 6.06 21.10 9.13
C LYS A 264 7.25 20.45 9.85
N SER A 265 7.34 20.66 11.15
CA SER A 265 8.50 20.23 11.90
C SER A 265 8.43 18.76 12.32
N SER A 266 9.57 18.25 12.78
CA SER A 266 9.64 16.90 13.36
C SER A 266 10.90 16.72 14.20
N VAL A 267 11.09 15.49 14.68
CA VAL A 267 12.23 15.10 15.51
C VAL A 267 12.85 13.85 14.90
N MET A 268 14.17 13.73 15.01
CA MET A 268 14.89 12.56 14.48
C MET A 268 16.03 12.11 15.39
N ARG A 269 16.17 10.80 15.53
CA ARG A 269 17.25 10.20 16.31
C ARG A 269 18.46 9.92 15.41
N SER A 270 19.61 10.46 15.81
CA SER A 270 20.86 10.22 15.09
C SER A 270 22.07 10.59 15.93
N ASP A 271 23.22 10.04 15.58
CA ASP A 271 24.47 10.38 16.25
C ASP A 271 25.48 11.00 15.27
N VAL A 272 25.01 11.20 14.04
CA VAL A 272 25.79 11.80 12.97
C VAL A 272 25.94 13.32 13.18
N PRO A 273 27.17 13.85 13.01
CA PRO A 273 27.51 15.27 13.21
C PRO A 273 26.76 16.24 12.28
N ILE A 274 26.42 17.43 12.80
CA ILE A 274 25.77 18.47 12.00
C ILE A 274 26.85 19.41 11.44
N ASP A 275 26.77 19.67 10.15
CA ASP A 275 27.81 20.41 9.46
C ASP A 275 27.24 21.27 8.34
N ILE A 276 27.91 22.39 8.08
CA ILE A 276 27.57 23.29 6.98
C ILE A 276 27.73 22.56 5.63
N CYS A 277 26.64 22.50 4.87
CA CYS A 277 26.62 22.00 3.49
C CYS A 277 25.21 22.23 2.93
N VAL A 278 24.98 21.79 1.69
CA VAL A 278 23.69 21.96 1.04
C VAL A 278 22.97 20.62 0.88
N SER A 279 21.69 20.59 1.22
CA SER A 279 20.83 19.40 1.03
C SER A 279 19.39 19.69 1.42
N GLU A 280 18.45 19.11 0.69
CA GLU A 280 17.03 19.26 1.01
C GLU A 280 16.38 17.97 1.50
N CYS A 281 17.19 16.98 1.85
CA CYS A 281 16.70 15.70 2.39
C CYS A 281 17.66 15.14 3.43
N ILE A 282 17.10 14.69 4.55
CA ILE A 282 17.87 14.25 5.72
C ILE A 282 17.44 12.85 6.18
N THR A 283 18.42 12.04 6.58
CA THR A 283 18.18 10.73 7.19
C THR A 283 19.09 10.59 8.42
N PRO A 284 18.82 9.61 9.30
CA PRO A 284 19.70 9.27 10.44
C PRO A 284 21.19 9.08 10.10
N ASN A 285 21.48 8.76 8.83
CA ASN A 285 22.85 8.57 8.39
C ASN A 285 23.49 9.86 7.89
N GLY A 286 22.72 10.94 7.92
CA GLY A 286 23.17 12.22 7.38
C GLY A 286 22.32 12.64 6.19
N SER A 287 22.58 13.84 5.70
CA SER A 287 21.92 14.33 4.49
C SER A 287 22.24 13.44 3.29
N ILE A 288 21.30 13.35 2.36
CA ILE A 288 21.54 12.63 1.10
C ILE A 288 21.13 13.51 -0.08
N SER A 289 21.78 13.29 -1.22
CA SER A 289 21.36 13.92 -2.47
C SER A 289 19.99 13.39 -2.90
N ASN A 290 19.20 14.26 -3.52
CA ASN A 290 17.86 13.89 -3.97
C ASN A 290 17.65 14.02 -5.48
N GLU A 291 18.72 13.84 -6.25
CA GLU A 291 18.62 13.78 -7.71
C GLU A 291 17.89 12.51 -8.14
N LYS A 292 18.25 11.38 -7.52
CA LYS A 292 17.74 10.07 -7.90
C LYS A 292 16.35 9.79 -7.33
N PRO A 293 15.49 9.11 -8.09
CA PRO A 293 14.11 8.83 -7.66
C PRO A 293 14.04 7.94 -6.41
N PHE A 294 15.02 7.07 -6.24
CA PHE A 294 15.00 6.11 -5.14
C PHE A 294 16.23 6.22 -4.28
N GLN A 295 16.11 5.70 -3.06
CA GLN A 295 17.23 5.66 -2.14
C GLN A 295 17.18 4.40 -1.32
N ASN A 296 18.37 3.89 -0.98
CA ASN A 296 18.53 2.68 -0.19
C ASN A 296 19.18 2.98 1.17
N VAL A 297 19.26 4.25 1.55
CA VAL A 297 20.00 4.67 2.74
C VAL A 297 19.27 4.37 4.05
N ASN A 298 18.05 4.89 4.18
CA ASN A 298 17.28 4.75 5.41
C ASN A 298 15.79 4.96 5.15
N LYS A 299 14.97 4.13 5.82
CA LYS A 299 13.50 4.28 5.74
C LYS A 299 12.99 5.52 6.48
N VAL A 300 13.80 6.04 7.40
CA VAL A 300 13.49 7.27 8.14
C VAL A 300 14.06 8.46 7.39
N THR A 301 13.19 9.33 6.86
CA THR A 301 13.63 10.52 6.14
C THR A 301 12.89 11.78 6.57
N TYR A 302 13.44 12.93 6.21
CA TYR A 302 12.76 14.21 6.40
C TYR A 302 13.13 15.17 5.28
N GLY A 303 12.13 15.86 4.74
CA GLY A 303 12.35 16.82 3.66
C GLY A 303 11.97 16.30 2.29
N LYS A 304 12.68 16.78 1.29
CA LYS A 304 12.41 16.44 -0.11
C LYS A 304 13.19 15.17 -0.47
N CYS A 305 12.59 14.01 -0.22
CA CYS A 305 13.33 12.74 -0.26
C CYS A 305 12.94 11.73 -1.35
N PRO A 306 13.94 11.03 -1.90
CA PRO A 306 13.66 9.87 -2.75
C PRO A 306 12.92 8.82 -1.95
N LYS A 307 12.10 8.02 -2.61
CA LYS A 307 11.38 6.92 -1.98
C LYS A 307 12.34 5.82 -1.56
N TYR A 308 12.16 5.30 -0.35
CA TYR A 308 13.06 4.26 0.11
C TYR A 308 12.62 2.90 -0.46
N ILE A 309 13.58 2.11 -0.95
CA ILE A 309 13.27 0.78 -1.50
C ILE A 309 14.35 -0.21 -1.07
N ARG A 310 14.08 -1.51 -1.18
CA ARG A 310 15.01 -2.55 -0.72
C ARG A 310 16.30 -2.61 -1.55
N GLN A 311 16.18 -2.43 -2.87
CA GLN A 311 17.28 -2.64 -3.81
C GLN A 311 18.37 -1.60 -3.64
N ASN A 312 19.63 -2.04 -3.71
CA ASN A 312 20.74 -1.09 -3.61
C ASN A 312 21.13 -0.46 -4.95
N THR A 313 20.68 -1.08 -6.05
CA THR A 313 20.95 -0.59 -7.41
C THR A 313 19.84 -0.87 -8.41
N LEU A 314 19.51 0.13 -9.21
CA LEU A 314 18.60 -0.05 -10.33
C LEU A 314 19.14 0.73 -11.52
N LYS A 315 19.45 0.02 -12.61
CA LYS A 315 20.01 0.67 -13.81
C LYS A 315 18.94 0.91 -14.88
N LEU A 316 18.84 2.16 -15.31
CA LEU A 316 17.89 2.55 -16.33
C LEU A 316 18.65 2.80 -17.62
N ALA A 317 18.29 2.08 -18.68
CA ALA A 317 18.95 2.24 -19.97
C ALA A 317 18.76 3.67 -20.48
N THR A 318 19.84 4.31 -20.92
CA THR A 318 19.73 5.66 -21.50
C THR A 318 20.23 5.66 -22.95
N GLY A 319 20.25 4.47 -23.56
CA GLY A 319 20.67 4.30 -24.94
C GLY A 319 20.34 2.92 -25.50
N MET A 320 20.66 2.72 -26.77
CA MET A 320 20.32 1.48 -27.46
C MET A 320 21.16 0.28 -27.05
N ARG A 321 20.73 -0.91 -27.48
CA ARG A 321 21.50 -2.14 -27.36
C ARG A 321 22.91 -1.91 -27.94
N ASN A 322 23.94 -2.35 -27.23
CA ASN A 322 25.31 -2.16 -27.70
C ASN A 322 25.84 -3.40 -28.41
N VAL A 323 26.13 -3.26 -29.71
CA VAL A 323 26.69 -4.36 -30.49
C VAL A 323 28.06 -3.94 -31.02
N PRO A 324 29.14 -4.30 -30.28
CA PRO A 324 30.51 -3.92 -30.62
C PRO A 324 30.96 -4.49 -31.96
N GLU A 325 31.98 -3.87 -32.56
CA GLU A 325 32.53 -4.29 -33.84
C GLU A 325 33.27 -5.63 -33.74
N LYS A 326 33.30 -6.35 -34.86
CA LYS A 326 34.00 -7.64 -35.01
C LYS A 326 33.79 -8.62 -33.85
N GLY B 1 15.77 -7.80 -30.50
CA GLY B 1 14.75 -6.73 -30.70
C GLY B 1 13.59 -7.26 -31.52
N ILE B 2 12.40 -6.71 -31.31
CA ILE B 2 11.20 -7.22 -31.95
C ILE B 2 11.11 -6.85 -33.44
N PHE B 3 11.85 -5.83 -33.86
CA PHE B 3 11.90 -5.45 -35.28
C PHE B 3 13.01 -6.15 -36.04
N GLY B 4 14.02 -6.63 -35.32
CA GLY B 4 15.12 -7.40 -35.90
C GLY B 4 16.12 -6.60 -36.70
N ALA B 5 16.31 -5.33 -36.33
CA ALA B 5 17.28 -4.48 -37.01
C ALA B 5 18.59 -4.45 -36.22
N ILE B 6 18.54 -3.88 -35.01
CA ILE B 6 19.72 -3.80 -34.15
C ILE B 6 20.01 -5.20 -33.60
N ALA B 7 21.22 -5.69 -33.87
CA ALA B 7 21.58 -7.08 -33.59
C ALA B 7 20.68 -8.04 -34.36
N GLY B 8 20.25 -7.61 -35.54
CA GLY B 8 19.42 -8.40 -36.42
C GLY B 8 20.05 -8.44 -37.79
N PHE B 9 19.36 -7.88 -38.79
CA PHE B 9 19.91 -7.85 -40.13
C PHE B 9 21.07 -6.85 -40.27
N ILE B 10 21.18 -5.93 -39.32
CA ILE B 10 22.41 -5.15 -39.13
C ILE B 10 23.31 -5.87 -38.12
N GLU B 11 24.45 -6.35 -38.62
CA GLU B 11 25.37 -7.25 -37.91
C GLU B 11 25.93 -6.66 -36.62
N ASN B 12 26.49 -5.46 -36.72
CA ASN B 12 27.02 -4.75 -35.54
C ASN B 12 26.87 -3.24 -35.67
N GLY B 13 27.25 -2.52 -34.61
CA GLY B 13 27.22 -1.06 -34.60
C GLY B 13 28.55 -0.44 -34.98
N TRP B 14 28.53 0.86 -35.28
CA TRP B 14 29.72 1.58 -35.70
C TRP B 14 30.34 2.40 -34.57
N GLU B 15 31.50 1.97 -34.10
CA GLU B 15 32.21 2.72 -33.05
C GLU B 15 32.72 4.08 -33.55
N GLY B 16 33.13 4.11 -34.82
CA GLY B 16 33.65 5.32 -35.44
C GLY B 16 32.57 6.33 -35.83
N MET B 17 31.37 6.18 -35.26
CA MET B 17 30.31 7.16 -35.42
C MET B 17 30.01 7.86 -34.09
N VAL B 18 30.39 9.14 -34.04
CA VAL B 18 30.34 9.91 -32.80
C VAL B 18 29.45 11.15 -32.93
N ASP B 19 28.85 11.32 -34.10
CA ASP B 19 28.05 12.51 -34.40
C ASP B 19 26.54 12.23 -34.49
N GLY B 20 26.13 11.05 -34.01
CA GLY B 20 24.73 10.65 -34.05
C GLY B 20 24.61 9.18 -33.72
N TRP B 21 23.38 8.72 -33.51
CA TRP B 21 23.15 7.32 -33.14
C TRP B 21 22.88 6.44 -34.35
N TYR B 22 22.36 7.05 -35.41
CA TYR B 22 22.07 6.35 -36.66
C TYR B 22 22.70 7.12 -37.80
N GLY B 23 22.96 6.44 -38.91
CA GLY B 23 23.54 7.10 -40.06
C GLY B 23 23.80 6.22 -41.27
N PHE B 24 24.63 6.74 -42.17
CA PHE B 24 24.92 6.10 -43.43
C PHE B 24 26.42 5.91 -43.66
N ARG B 25 26.76 4.82 -44.34
CA ARG B 25 28.07 4.64 -44.94
C ARG B 25 27.87 4.33 -46.40
N TYR B 26 28.75 4.85 -47.24
CA TYR B 26 28.54 4.74 -48.68
C TYR B 26 29.87 4.62 -49.44
N GLN B 27 29.78 4.06 -50.64
CA GLN B 27 30.91 3.95 -51.53
C GLN B 27 30.43 4.19 -52.96
N ASN B 28 31.17 5.03 -53.67
CA ASN B 28 30.92 5.31 -55.08
C ASN B 28 32.24 5.62 -55.80
N SER B 29 32.18 6.26 -56.96
CA SER B 29 33.39 6.58 -57.71
C SER B 29 34.28 7.63 -57.02
N GLU B 30 33.73 8.32 -56.02
CA GLU B 30 34.44 9.35 -55.28
C GLU B 30 35.03 8.86 -53.97
N GLY B 31 34.74 7.60 -53.63
CA GLY B 31 35.34 6.95 -52.47
C GLY B 31 34.33 6.52 -51.43
N THR B 32 34.79 6.28 -50.21
CA THR B 32 33.88 5.92 -49.11
C THR B 32 33.55 7.13 -48.25
N GLY B 33 32.63 6.96 -47.29
CA GLY B 33 32.19 8.05 -46.45
C GLY B 33 31.23 7.68 -45.35
N GLN B 34 31.13 8.54 -44.35
CA GLN B 34 30.22 8.31 -43.23
C GLN B 34 29.48 9.59 -42.86
N ALA B 35 28.17 9.48 -42.63
CA ALA B 35 27.36 10.62 -42.21
C ALA B 35 26.23 10.21 -41.27
N ALA B 36 26.06 10.97 -40.20
CA ALA B 36 24.99 10.72 -39.23
C ALA B 36 23.64 11.19 -39.77
N ASP B 37 22.57 10.52 -39.32
CA ASP B 37 21.21 11.00 -39.54
C ASP B 37 20.66 11.64 -38.25
N LEU B 38 20.35 12.92 -38.32
CA LEU B 38 20.00 13.67 -37.11
C LEU B 38 18.53 13.56 -36.68
N LYS B 39 17.63 13.44 -37.65
CA LYS B 39 16.21 13.27 -37.33
C LYS B 39 15.96 11.97 -36.53
N SER B 40 16.55 10.87 -36.99
CA SER B 40 16.47 9.59 -36.31
C SER B 40 17.04 9.65 -34.90
N THR B 41 18.22 10.25 -34.78
CA THR B 41 18.91 10.40 -33.51
C THR B 41 18.06 11.20 -32.53
N GLN B 42 17.51 12.30 -33.03
CA GLN B 42 16.70 13.21 -32.23
C GLN B 42 15.42 12.55 -31.70
N THR B 43 14.75 11.78 -32.55
CA THR B 43 13.50 11.12 -32.17
C THR B 43 13.73 10.17 -31.01
N ALA B 44 14.79 9.38 -31.13
CA ALA B 44 15.23 8.45 -30.10
C ALA B 44 15.59 9.17 -28.79
N ILE B 45 16.45 10.18 -28.88
CA ILE B 45 16.91 10.94 -27.72
C ILE B 45 15.75 11.59 -26.95
N ASP B 46 14.80 12.20 -27.66
CA ASP B 46 13.65 12.86 -27.02
C ASP B 46 12.77 11.89 -26.24
N GLN B 47 12.59 10.69 -26.78
CA GLN B 47 11.82 9.67 -26.11
C GLN B 47 12.53 9.14 -24.87
N ILE B 48 13.86 9.15 -24.88
CA ILE B 48 14.64 8.56 -23.79
C ILE B 48 14.95 9.59 -22.70
N ASN B 49 15.09 10.83 -23.12
CA ASN B 49 15.54 11.91 -22.26
C ASN B 49 14.59 12.18 -21.10
N GLU B 50 15.08 11.96 -19.88
CA GLU B 50 14.30 12.13 -18.64
C GLU B 50 12.95 11.43 -18.73
N LYS B 51 12.96 10.21 -19.26
CA LYS B 51 11.72 9.51 -19.60
C LYS B 51 10.90 9.13 -18.37
N LEU B 52 11.55 9.10 -17.21
CA LEU B 52 10.87 8.77 -15.96
C LEU B 52 9.94 9.89 -15.52
N ASN B 53 10.32 11.13 -15.79
CA ASN B 53 9.48 12.26 -15.43
C ASN B 53 8.03 12.13 -15.91
N ARG B 54 7.82 11.31 -16.93
CA ARG B 54 6.48 11.08 -17.47
C ARG B 54 5.59 10.17 -16.60
N VAL B 55 6.17 9.56 -15.57
CA VAL B 55 5.42 8.66 -14.69
C VAL B 55 5.66 8.90 -13.20
N ILE B 56 6.83 9.44 -12.86
CA ILE B 56 7.17 9.76 -11.47
C ILE B 56 7.00 11.25 -11.20
N GLU B 57 6.23 11.55 -10.16
CA GLU B 57 5.97 12.91 -9.73
C GLU B 57 7.26 13.54 -9.21
N ARG B 58 7.44 14.84 -9.51
CA ARG B 58 8.57 15.60 -9.00
C ARG B 58 8.63 15.45 -7.49
N THR B 59 9.71 14.83 -7.02
CA THR B 59 9.95 14.53 -5.60
C THR B 59 9.40 15.62 -4.67
N ASN B 60 8.49 15.22 -3.79
CA ASN B 60 7.81 16.16 -2.90
C ASN B 60 8.18 15.97 -1.42
N GLU B 61 7.97 17.03 -0.64
CA GLU B 61 8.34 17.07 0.77
C GLU B 61 7.47 16.16 1.63
N LYS B 62 8.11 15.50 2.58
CA LYS B 62 7.42 14.76 3.62
C LYS B 62 8.03 15.13 4.98
N PHE B 63 7.18 15.63 5.87
CA PHE B 63 7.66 16.12 7.15
C PHE B 63 7.49 15.10 8.27
N HIS B 64 6.76 15.45 9.32
CA HIS B 64 6.52 14.53 10.43
C HIS B 64 5.76 13.29 9.94
N GLN B 65 6.25 12.12 10.32
CA GLN B 65 5.65 10.85 9.93
C GLN B 65 5.53 9.94 11.15
N ILE B 66 5.41 8.64 10.95
CA ILE B 66 5.39 7.72 12.08
C ILE B 66 6.79 7.28 12.48
N GLU B 67 6.93 6.83 13.73
CA GLU B 67 8.16 6.22 14.20
C GLU B 67 8.38 4.87 13.51
N LYS B 68 9.64 4.58 13.20
CA LYS B 68 10.00 3.38 12.45
C LYS B 68 11.05 2.52 13.16
N GLU B 69 11.55 3.01 14.29
CA GLU B 69 12.49 2.25 15.11
C GLU B 69 12.09 2.33 16.57
N PHE B 70 12.25 1.22 17.28
CA PHE B 70 11.76 1.11 18.65
C PHE B 70 12.82 0.51 19.56
N SER B 71 12.89 1.02 20.78
CA SER B 71 13.89 0.54 21.71
C SER B 71 13.31 -0.43 22.72
N GLU B 72 11.98 -0.46 22.82
CA GLU B 72 11.29 -1.39 23.72
C GLU B 72 10.28 -2.23 22.97
N VAL B 73 9.95 -3.38 23.55
CA VAL B 73 8.83 -4.19 23.06
C VAL B 73 7.55 -3.66 23.69
N GLU B 74 6.52 -3.47 22.86
CA GLU B 74 5.26 -2.86 23.33
C GLU B 74 4.06 -3.73 22.98
N GLY B 75 4.18 -4.46 21.89
CA GLY B 75 3.09 -5.32 21.44
C GLY B 75 2.27 -4.72 20.32
N ARG B 76 0.96 -4.62 20.56
CA ARG B 76 -0.03 -4.44 19.50
C ARG B 76 0.13 -3.20 18.63
N ILE B 77 0.29 -2.03 19.25
CA ILE B 77 0.45 -0.78 18.51
C ILE B 77 1.73 -0.76 17.65
N GLN B 78 2.83 -1.26 18.23
CA GLN B 78 4.09 -1.35 17.52
C GLN B 78 4.08 -2.33 16.35
N ASP B 79 3.45 -3.48 16.53
CA ASP B 79 3.28 -4.45 15.45
C ASP B 79 2.71 -3.80 14.20
N LEU B 80 1.68 -2.97 14.40
CA LEU B 80 0.98 -2.30 13.32
C LEU B 80 1.85 -1.24 12.65
N GLU B 81 2.49 -0.41 13.47
CA GLU B 81 3.47 0.54 12.98
C GLU B 81 4.49 -0.16 12.08
N LYS B 82 5.06 -1.27 12.58
CA LYS B 82 6.02 -2.06 11.81
C LYS B 82 5.42 -2.69 10.55
N TYR B 83 4.22 -3.25 10.66
CA TYR B 83 3.54 -3.87 9.53
C TYR B 83 3.21 -2.87 8.42
N VAL B 84 2.68 -1.70 8.80
CA VAL B 84 2.37 -0.64 7.84
C VAL B 84 3.61 -0.22 7.05
N GLU B 85 4.72 -0.01 7.76
CA GLU B 85 5.95 0.42 7.09
C GLU B 85 6.53 -0.68 6.21
N ASP B 86 6.47 -1.93 6.67
CA ASP B 86 6.97 -3.04 5.88
C ASP B 86 6.15 -3.23 4.60
N THR B 87 4.86 -2.94 4.68
CA THR B 87 3.97 -3.07 3.56
C THR B 87 4.28 -2.02 2.51
N LYS B 88 4.40 -0.77 2.96
CA LYS B 88 4.71 0.35 2.09
C LYS B 88 6.03 0.13 1.35
N ILE B 89 7.09 -0.23 2.09
CA ILE B 89 8.40 -0.47 1.51
C ILE B 89 8.40 -1.55 0.42
N ASP B 90 7.72 -2.67 0.68
CA ASP B 90 7.63 -3.78 -0.28
C ASP B 90 6.91 -3.38 -1.58
N LEU B 91 5.83 -2.62 -1.44
CA LEU B 91 5.07 -2.18 -2.60
C LEU B 91 5.90 -1.25 -3.47
N TRP B 92 6.58 -0.28 -2.86
CA TRP B 92 7.44 0.64 -3.61
C TRP B 92 8.63 -0.04 -4.27
N SER B 93 9.20 -1.03 -3.58
CA SER B 93 10.28 -1.84 -4.15
C SER B 93 9.83 -2.58 -5.40
N TYR B 94 8.58 -3.08 -5.39
CA TYR B 94 7.99 -3.73 -6.56
C TYR B 94 7.77 -2.74 -7.71
N ASN B 95 7.22 -1.57 -7.38
CA ASN B 95 7.02 -0.51 -8.36
C ASN B 95 8.31 -0.15 -9.09
N ALA B 96 9.36 0.07 -8.31
CA ALA B 96 10.70 0.34 -8.82
C ALA B 96 11.22 -0.77 -9.73
N GLU B 97 11.11 -2.02 -9.29
CA GLU B 97 11.56 -3.16 -10.11
C GLU B 97 10.80 -3.21 -11.43
N LEU B 98 9.48 -3.06 -11.38
CA LEU B 98 8.66 -3.14 -12.59
C LEU B 98 8.88 -1.93 -13.52
N LEU B 99 8.92 -0.73 -12.96
CA LEU B 99 9.13 0.47 -13.77
C LEU B 99 10.43 0.39 -14.57
N VAL B 100 11.51 -0.04 -13.92
CA VAL B 100 12.81 -0.08 -14.58
C VAL B 100 12.78 -1.10 -15.72
N ALA B 101 12.30 -2.30 -15.40
CA ALA B 101 12.14 -3.37 -16.37
C ALA B 101 11.36 -2.92 -17.60
N LEU B 102 10.22 -2.28 -17.39
CA LEU B 102 9.36 -1.82 -18.48
C LEU B 102 10.01 -0.71 -19.30
N GLU B 103 10.60 0.26 -18.59
CA GLU B 103 11.25 1.38 -19.28
C GLU B 103 12.40 0.92 -20.16
N ASN B 104 13.21 0.01 -19.63
CA ASN B 104 14.31 -0.54 -20.40
C ASN B 104 13.79 -1.28 -21.62
N GLN B 105 12.75 -2.09 -21.43
CA GLN B 105 12.14 -2.84 -22.51
C GLN B 105 11.71 -1.88 -23.63
N HIS B 106 11.12 -0.76 -23.22
CA HIS B 106 10.69 0.29 -24.11
C HIS B 106 11.88 0.91 -24.85
N THR B 107 12.98 1.17 -24.14
CA THR B 107 14.16 1.77 -24.76
C THR B 107 14.79 0.92 -25.87
N ILE B 108 14.92 -0.39 -25.62
CA ILE B 108 15.39 -1.33 -26.63
C ILE B 108 14.48 -1.27 -27.86
N ASP B 109 13.19 -1.46 -27.63
CA ASP B 109 12.23 -1.56 -28.72
C ASP B 109 12.15 -0.30 -29.58
N LEU B 110 12.21 0.88 -28.96
CA LEU B 110 12.07 2.14 -29.72
C LEU B 110 13.31 2.48 -30.56
N THR B 111 14.51 2.18 -30.03
CA THR B 111 15.75 2.45 -30.75
C THR B 111 15.93 1.45 -31.89
N ASP B 112 15.49 0.21 -31.64
CA ASP B 112 15.41 -0.84 -32.65
C ASP B 112 14.48 -0.42 -33.77
N ALA B 113 13.33 0.17 -33.38
CA ALA B 113 12.31 0.66 -34.32
C ALA B 113 12.83 1.80 -35.20
N GLU B 114 13.55 2.74 -34.61
CA GLU B 114 14.13 3.85 -35.36
C GLU B 114 15.08 3.32 -36.44
N MET B 115 15.94 2.37 -36.06
CA MET B 115 16.83 1.76 -37.03
C MET B 115 16.03 1.22 -38.19
N ASN B 116 15.03 0.38 -37.89
CA ASN B 116 14.17 -0.18 -38.90
C ASN B 116 13.47 0.88 -39.75
N LYS B 117 12.92 1.91 -39.11
CA LYS B 117 12.22 2.99 -39.82
C LYS B 117 13.13 3.74 -40.78
N LEU B 118 14.36 4.00 -40.37
CA LEU B 118 15.32 4.67 -41.24
C LEU B 118 15.64 3.81 -42.47
N PHE B 119 15.73 2.51 -42.25
CA PHE B 119 15.96 1.61 -43.35
C PHE B 119 14.82 1.67 -44.36
N GLU B 120 13.59 1.56 -43.89
CA GLU B 120 12.42 1.50 -44.77
C GLU B 120 12.14 2.83 -45.48
N LYS B 121 12.51 3.93 -44.83
CA LYS B 121 12.44 5.25 -45.42
C LYS B 121 13.37 5.37 -46.63
N THR B 122 14.54 4.74 -46.53
CA THR B 122 15.53 4.76 -47.60
C THR B 122 15.11 3.87 -48.77
N ARG B 123 14.62 2.67 -48.45
CA ARG B 123 14.13 1.72 -49.43
C ARG B 123 13.08 2.38 -50.32
N ARG B 124 12.08 2.97 -49.68
CA ARG B 124 10.99 3.64 -50.37
C ARG B 124 11.44 4.70 -51.35
N GLN B 125 12.40 5.52 -50.92
CA GLN B 125 12.98 6.54 -51.78
C GLN B 125 13.55 5.93 -53.05
N LEU B 126 14.35 4.87 -52.89
CA LEU B 126 15.09 4.27 -53.99
C LEU B 126 14.22 3.58 -55.04
N ARG B 127 13.00 3.16 -54.67
CA ARG B 127 12.11 2.43 -55.58
C ARG B 127 12.83 1.26 -56.26
N GLU B 128 12.76 1.20 -57.58
CA GLU B 128 13.33 0.09 -58.34
C GLU B 128 14.77 0.34 -58.75
N ASN B 129 15.37 1.40 -58.23
CA ASN B 129 16.75 1.74 -58.59
C ASN B 129 17.79 0.99 -57.75
N ALA B 130 17.34 0.29 -56.71
CA ALA B 130 18.25 -0.38 -55.80
C ALA B 130 17.70 -1.70 -55.32
N GLU B 131 18.59 -2.62 -54.95
CA GLU B 131 18.21 -3.88 -54.31
C GLU B 131 18.76 -3.96 -52.89
N ASP B 132 18.10 -4.75 -52.07
CA ASP B 132 18.52 -5.03 -50.71
C ASP B 132 19.56 -6.16 -50.70
N MET B 133 20.78 -5.84 -50.28
CA MET B 133 21.88 -6.81 -50.26
C MET B 133 21.83 -7.73 -49.05
N GLY B 134 21.11 -7.31 -48.03
CA GLY B 134 21.24 -7.89 -46.70
C GLY B 134 22.28 -7.11 -45.94
N GLY B 135 22.25 -7.19 -44.61
CA GLY B 135 23.24 -6.49 -43.80
C GLY B 135 22.93 -5.02 -43.68
N GLY B 136 21.73 -4.62 -44.10
CA GLY B 136 21.32 -3.22 -44.06
C GLY B 136 21.91 -2.37 -45.16
N CYS B 137 22.42 -3.02 -46.21
CA CYS B 137 23.03 -2.31 -47.32
C CYS B 137 22.19 -2.34 -48.58
N PHE B 138 22.27 -1.26 -49.34
CA PHE B 138 21.62 -1.14 -50.63
C PHE B 138 22.66 -1.11 -51.75
N LYS B 139 22.39 -1.89 -52.79
CA LYS B 139 23.13 -1.80 -54.04
C LYS B 139 22.32 -0.92 -54.98
N ILE B 140 22.84 0.27 -55.24
CA ILE B 140 22.21 1.22 -56.14
C ILE B 140 22.74 0.95 -57.55
N TYR B 141 21.85 0.90 -58.53
CA TYR B 141 22.23 0.48 -59.88
C TYR B 141 22.33 1.62 -60.89
N HIS B 142 22.76 2.79 -60.45
CA HIS B 142 23.06 3.90 -61.37
C HIS B 142 24.24 4.72 -60.87
N LYS B 143 24.86 5.49 -61.77
CA LYS B 143 25.94 6.40 -61.39
C LYS B 143 25.37 7.27 -60.28
N CYS B 144 26.15 7.43 -59.21
CA CYS B 144 25.61 7.99 -57.98
C CYS B 144 26.70 8.66 -57.16
N ASP B 145 26.99 9.92 -57.47
CA ASP B 145 28.06 10.68 -56.81
C ASP B 145 27.67 11.18 -55.40
N ASN B 146 28.60 11.85 -54.72
CA ASN B 146 28.35 12.43 -53.40
C ASN B 146 27.11 13.33 -53.31
N ALA B 147 26.88 14.13 -54.35
CA ALA B 147 25.70 14.99 -54.43
C ALA B 147 24.40 14.20 -54.47
N CYS B 148 24.45 13.03 -55.11
CA CYS B 148 23.29 12.14 -55.22
C CYS B 148 23.01 11.42 -53.91
N ILE B 149 24.06 10.88 -53.29
CA ILE B 149 23.97 10.28 -51.96
C ILE B 149 23.39 11.30 -50.98
N GLY B 150 23.78 12.56 -51.15
CA GLY B 150 23.27 13.66 -50.34
C GLY B 150 21.76 13.80 -50.44
N SER B 151 21.22 13.69 -51.65
CA SER B 151 19.79 13.83 -51.87
C SER B 151 18.98 12.68 -51.26
N ILE B 152 19.58 11.50 -51.20
CA ILE B 152 19.00 10.38 -50.47
C ILE B 152 18.94 10.73 -48.98
N ARG B 153 20.06 11.22 -48.46
CA ARG B 153 20.21 11.53 -47.04
C ARG B 153 19.26 12.62 -46.56
N ASN B 154 18.97 13.61 -47.40
CA ASN B 154 18.07 14.68 -46.98
C ASN B 154 16.64 14.57 -47.57
N GLY B 155 16.35 13.42 -48.18
CA GLY B 155 14.99 13.08 -48.60
C GLY B 155 14.52 13.66 -49.92
N THR B 156 15.44 14.11 -50.76
CA THR B 156 15.07 14.77 -52.00
C THR B 156 15.45 13.98 -53.26
N TYR B 157 15.80 12.70 -53.07
CA TYR B 157 16.18 11.83 -54.18
C TYR B 157 15.03 11.59 -55.15
N ASP B 158 15.27 11.85 -56.43
CA ASP B 158 14.26 11.62 -57.47
C ASP B 158 14.56 10.38 -58.31
N HIS B 159 13.82 9.29 -58.05
CA HIS B 159 14.05 7.99 -58.67
C HIS B 159 13.77 8.01 -60.16
N TYR B 160 12.86 8.89 -60.58
CA TYR B 160 12.37 8.90 -61.94
C TYR B 160 13.49 9.20 -62.96
N ILE B 161 14.40 10.08 -62.60
CA ILE B 161 15.45 10.50 -63.53
C ILE B 161 16.56 9.43 -63.71
N TYR B 162 16.71 8.55 -62.72
CA TYR B 162 17.69 7.46 -62.80
C TYR B 162 17.08 6.11 -63.19
N ARG B 163 15.75 6.02 -63.22
CA ARG B 163 15.07 4.74 -63.43
C ARG B 163 15.54 3.94 -64.64
N ASP B 164 15.53 4.55 -65.83
CA ASP B 164 15.92 3.85 -67.05
C ASP B 164 17.30 3.21 -66.98
N GLU B 165 18.27 3.96 -66.46
CA GLU B 165 19.61 3.44 -66.25
C GLU B 165 19.56 2.25 -65.27
N ALA B 166 18.90 2.46 -64.14
CA ALA B 166 18.83 1.47 -63.07
C ALA B 166 18.21 0.14 -63.50
N LEU B 167 17.07 0.20 -64.18
CA LEU B 167 16.40 -0.99 -64.68
C LEU B 167 17.25 -1.72 -65.73
N ASN B 168 18.05 -0.96 -66.48
CA ASN B 168 18.94 -1.54 -67.47
C ASN B 168 20.13 -2.28 -66.83
N ASN B 169 20.74 -1.70 -65.80
CA ASN B 169 21.81 -2.35 -65.07
C ASN B 169 21.33 -3.52 -64.21
N ARG B 170 20.08 -3.46 -63.77
CA ARG B 170 19.52 -4.50 -62.90
C ARG B 170 19.15 -5.76 -63.65
N PHE B 171 18.76 -5.61 -64.91
CA PHE B 171 18.16 -6.70 -65.68
C PHE B 171 18.87 -7.04 -66.98
N GLN B 172 20.10 -6.56 -67.16
CA GLN B 172 20.93 -6.93 -68.31
C GLN B 172 22.40 -7.08 -67.90
N ASN C 7 5.81 -29.03 -61.11
CA ASN C 7 6.84 -28.28 -61.90
C ASN C 7 8.27 -28.60 -61.44
N ASN C 8 9.20 -28.54 -62.39
CA ASN C 8 10.61 -28.83 -62.10
C ASN C 8 11.55 -27.63 -62.21
N ASN C 9 11.00 -26.49 -62.61
CA ASN C 9 11.76 -25.24 -62.71
C ASN C 9 11.52 -24.33 -61.52
N THR C 10 10.74 -24.81 -60.56
CA THR C 10 10.38 -24.01 -59.39
C THR C 10 10.40 -24.81 -58.11
N ALA C 11 10.27 -24.10 -57.00
CA ALA C 11 10.08 -24.70 -55.69
C ALA C 11 9.18 -23.78 -54.88
N THR C 12 8.59 -24.32 -53.83
CA THR C 12 7.76 -23.53 -52.93
C THR C 12 8.33 -23.68 -51.54
N LEU C 13 8.66 -22.56 -50.91
CA LEU C 13 9.09 -22.54 -49.52
C LEU C 13 8.05 -21.79 -48.69
N CYS C 14 7.42 -22.50 -47.76
CA CYS C 14 6.42 -21.91 -46.89
C CYS C 14 6.94 -21.78 -45.47
N LEU C 15 6.60 -20.66 -44.83
CA LEU C 15 6.97 -20.45 -43.44
C LEU C 15 5.77 -20.63 -42.53
N GLY C 16 6.03 -21.10 -41.32
CA GLY C 16 4.96 -21.29 -40.36
C GLY C 16 5.41 -21.45 -38.93
N HIS C 17 4.44 -21.74 -38.07
CA HIS C 17 4.65 -21.90 -36.64
C HIS C 17 3.75 -23.02 -36.17
N HIS C 18 4.07 -23.60 -35.02
CA HIS C 18 3.32 -24.76 -34.54
C HIS C 18 1.97 -24.34 -33.95
N ALA C 19 1.11 -25.33 -33.72
CA ALA C 19 -0.15 -25.15 -33.00
C ALA C 19 -0.49 -26.44 -32.25
N VAL C 20 -1.40 -26.34 -31.30
CA VAL C 20 -1.95 -27.52 -30.64
C VAL C 20 -3.44 -27.66 -30.91
N ALA C 21 -3.92 -28.89 -30.87
CA ALA C 21 -5.35 -29.17 -30.98
C ALA C 21 -6.09 -28.59 -29.77
N ASN C 22 -5.46 -28.66 -28.60
CA ASN C 22 -6.08 -28.20 -27.35
C ASN C 22 -5.33 -27.06 -26.67
N GLY C 23 -5.73 -25.83 -26.97
CA GLY C 23 -5.12 -24.62 -26.39
C GLY C 23 -5.74 -24.21 -25.08
N THR C 24 -5.48 -22.99 -24.65
CA THR C 24 -6.00 -22.44 -23.39
C THR C 24 -6.09 -20.91 -23.43
N LEU C 25 -7.13 -20.37 -22.80
CA LEU C 25 -7.46 -18.93 -22.87
C LEU C 25 -6.72 -18.07 -21.84
N VAL C 26 -6.10 -16.99 -22.30
CA VAL C 26 -5.46 -16.02 -21.41
C VAL C 26 -5.97 -14.60 -21.68
N LYS C 27 -5.66 -13.68 -20.76
CA LYS C 27 -6.05 -12.27 -20.86
C LYS C 27 -4.84 -11.37 -21.12
N THR C 28 -4.97 -10.44 -22.06
CA THR C 28 -3.90 -9.47 -22.39
C THR C 28 -4.39 -8.03 -22.25
N ILE C 29 -3.52 -7.06 -22.55
CA ILE C 29 -3.92 -5.66 -22.56
C ILE C 29 -4.88 -5.39 -23.72
N SER C 30 -4.67 -6.12 -24.82
CA SER C 30 -5.49 -6.02 -26.03
C SER C 30 -6.78 -6.85 -26.00
N ASP C 31 -6.77 -7.99 -25.30
CA ASP C 31 -7.88 -8.94 -25.39
C ASP C 31 -8.42 -9.45 -24.06
N ASP C 32 -9.74 -9.62 -24.01
CA ASP C 32 -10.40 -10.22 -22.86
C ASP C 32 -10.01 -11.69 -22.75
N GLN C 33 -10.22 -12.43 -23.84
CA GLN C 33 -9.83 -13.82 -23.92
C GLN C 33 -9.18 -14.08 -25.27
N ILE C 34 -8.01 -14.71 -25.24
CA ILE C 34 -7.26 -15.08 -26.44
C ILE C 34 -6.60 -16.44 -26.19
N GLU C 35 -6.52 -17.25 -27.24
CA GLU C 35 -6.08 -18.64 -27.11
C GLU C 35 -4.58 -18.78 -27.42
N VAL C 36 -3.86 -19.37 -26.47
CA VAL C 36 -2.43 -19.62 -26.63
C VAL C 36 -2.13 -21.11 -26.63
N THR C 37 -0.92 -21.48 -27.07
CA THR C 37 -0.56 -22.89 -27.17
C THR C 37 -0.42 -23.54 -25.80
N ASN C 38 -0.08 -22.75 -24.78
CA ASN C 38 0.25 -23.25 -23.45
C ASN C 38 0.26 -22.15 -22.39
N ALA C 39 -0.13 -22.48 -21.16
CA ALA C 39 -0.22 -21.49 -20.08
C ALA C 39 0.05 -22.13 -18.73
N THR C 40 0.13 -21.31 -17.68
CA THR C 40 0.42 -21.80 -16.33
C THR C 40 -0.31 -21.00 -15.25
N GLU C 41 -0.72 -21.69 -14.19
CA GLU C 41 -1.50 -21.09 -13.11
C GLU C 41 -0.59 -20.34 -12.11
N LEU C 42 -0.95 -19.11 -11.79
CA LEU C 42 -0.12 -18.29 -10.89
C LEU C 42 -0.64 -18.19 -9.45
N VAL C 43 -1.82 -18.72 -9.19
CA VAL C 43 -2.43 -18.64 -7.87
C VAL C 43 -2.55 -20.05 -7.25
N GLN C 44 -2.01 -20.21 -6.05
CA GLN C 44 -2.23 -21.44 -5.30
C GLN C 44 -3.57 -21.31 -4.59
N SER C 45 -4.50 -22.19 -4.92
CA SER C 45 -5.84 -22.12 -4.36
C SER C 45 -6.23 -23.37 -3.58
N ILE C 46 -5.31 -24.32 -3.48
CA ILE C 46 -5.51 -25.57 -2.75
C ILE C 46 -4.42 -25.72 -1.71
N SER C 47 -4.82 -26.08 -0.49
CA SER C 47 -3.90 -26.37 0.61
C SER C 47 -3.76 -27.87 0.82
N MET C 48 -2.80 -28.28 1.64
CA MET C 48 -2.58 -29.70 1.91
C MET C 48 -3.57 -30.28 2.92
N GLY C 49 -4.31 -29.40 3.58
CA GLY C 49 -5.28 -29.80 4.61
C GLY C 49 -4.63 -30.11 5.95
N LYS C 50 -3.32 -29.90 6.03
CA LYS C 50 -2.54 -30.20 7.23
C LYS C 50 -1.33 -29.28 7.36
N ILE C 51 -0.93 -29.01 8.60
CA ILE C 51 0.27 -28.22 8.86
C ILE C 51 1.48 -29.15 8.91
N CYS C 52 2.43 -28.91 8.01
CA CYS C 52 3.67 -29.67 7.98
C CYS C 52 4.64 -29.17 9.03
N ASN C 53 5.25 -30.09 9.77
CA ASN C 53 6.13 -29.72 10.89
C ASN C 53 7.61 -30.05 10.69
N ASN C 54 8.04 -30.09 9.44
CA ASN C 54 9.41 -30.45 9.14
C ASN C 54 10.37 -29.27 9.02
N SER C 55 9.96 -28.22 8.32
CA SER C 55 10.81 -27.05 8.16
C SER C 55 10.88 -26.20 9.43
N TYR C 56 9.73 -25.75 9.92
CA TYR C 56 9.66 -24.95 11.14
C TYR C 56 9.23 -25.80 12.34
N ARG C 57 9.68 -25.43 13.54
CA ARG C 57 9.25 -26.09 14.76
C ARG C 57 7.81 -25.69 15.09
N ILE C 58 6.91 -26.67 15.03
CA ILE C 58 5.48 -26.42 15.21
C ILE C 58 4.98 -27.01 16.50
N LEU C 59 4.40 -26.17 17.35
CA LEU C 59 3.91 -26.59 18.65
C LEU C 59 2.38 -26.56 18.67
N ASP C 60 1.78 -27.75 18.77
CA ASP C 60 0.35 -27.90 18.93
C ASP C 60 -0.03 -27.50 20.35
N GLY C 61 -0.92 -26.53 20.49
CA GLY C 61 -1.36 -26.05 21.79
C GLY C 61 -2.40 -26.96 22.42
N ARG C 62 -2.98 -27.83 21.60
CA ARG C 62 -4.05 -28.75 22.01
C ARG C 62 -5.20 -28.02 22.72
N ASN C 63 -5.40 -28.26 24.01
CA ASN C 63 -6.48 -27.59 24.72
C ASN C 63 -6.04 -26.31 25.46
N CYS C 64 -4.85 -25.81 25.12
CA CYS C 64 -4.27 -24.67 25.83
C CYS C 64 -3.98 -23.48 24.93
N THR C 65 -4.22 -22.28 25.45
CA THR C 65 -3.75 -21.04 24.81
C THR C 65 -2.33 -20.73 25.28
N LEU C 66 -1.62 -19.93 24.50
CA LEU C 66 -0.24 -19.56 24.83
C LEU C 66 -0.10 -18.94 26.23
N ILE C 67 -1.05 -18.06 26.57
CA ILE C 67 -1.11 -17.41 27.88
C ILE C 67 -1.27 -18.41 29.03
N ASP C 68 -2.20 -19.36 28.85
CA ASP C 68 -2.50 -20.37 29.87
C ASP C 68 -1.30 -21.27 30.09
N ALA C 69 -0.57 -21.54 29.00
CA ALA C 69 0.65 -22.33 29.07
C ALA C 69 1.74 -21.56 29.81
N MET C 70 1.75 -20.24 29.64
CA MET C 70 2.73 -19.38 30.30
C MET C 70 2.45 -19.26 31.79
N LEU C 71 1.20 -18.94 32.13
CA LEU C 71 0.79 -18.81 33.52
C LEU C 71 0.94 -20.13 34.29
N GLY C 72 0.74 -21.24 33.60
CA GLY C 72 0.90 -22.55 34.22
C GLY C 72 -0.39 -23.10 34.75
N ASP C 73 -1.39 -23.12 33.86
CA ASP C 73 -2.67 -23.79 34.09
C ASP C 73 -2.36 -25.29 34.19
N PRO C 74 -2.96 -26.00 35.17
CA PRO C 74 -2.67 -27.43 35.38
C PRO C 74 -2.73 -28.30 34.11
N HIS C 75 -3.77 -28.17 33.30
CA HIS C 75 -3.86 -28.98 32.09
C HIS C 75 -2.89 -28.53 30.98
N CYS C 76 -2.11 -27.49 31.29
CA CYS C 76 -1.11 -26.96 30.39
C CYS C 76 0.31 -27.28 30.85
N ASP C 77 0.44 -28.01 31.96
CA ASP C 77 1.75 -28.32 32.55
C ASP C 77 2.72 -29.09 31.64
N VAL C 78 2.19 -29.73 30.59
CA VAL C 78 3.03 -30.38 29.59
C VAL C 78 3.81 -29.36 28.72
N PHE C 79 3.46 -28.08 28.83
CA PHE C 79 4.07 -27.05 27.98
C PHE C 79 5.23 -26.31 28.64
N GLN C 80 5.56 -26.72 29.87
CA GLN C 80 6.66 -26.10 30.60
C GLN C 80 7.99 -26.21 29.84
N TYR C 81 8.71 -25.09 29.77
CA TYR C 81 10.05 -24.98 29.16
C TYR C 81 10.09 -25.34 27.68
N GLU C 82 9.06 -24.93 26.94
CA GLU C 82 8.94 -25.21 25.52
C GLU C 82 9.44 -24.05 24.67
N ASN C 83 9.85 -24.34 23.44
CA ASN C 83 10.08 -23.29 22.46
C ASN C 83 9.60 -23.68 21.06
N TRP C 84 9.28 -22.68 20.24
CA TRP C 84 8.64 -22.90 18.94
C TRP C 84 9.05 -21.87 17.89
N ASP C 85 8.88 -22.23 16.63
CA ASP C 85 8.83 -21.27 15.54
C ASP C 85 7.39 -20.76 15.41
N LEU C 86 6.44 -21.69 15.47
CA LEU C 86 5.02 -21.34 15.38
C LEU C 86 4.18 -22.09 16.41
N PHE C 87 3.42 -21.33 17.20
CA PHE C 87 2.49 -21.89 18.18
C PHE C 87 1.10 -21.97 17.59
N ILE C 88 0.47 -23.14 17.66
CA ILE C 88 -0.87 -23.33 17.13
C ILE C 88 -1.90 -23.34 18.25
N GLU C 89 -2.74 -22.29 18.29
CA GLU C 89 -3.85 -22.22 19.22
C GLU C 89 -5.11 -22.78 18.56
N ARG C 90 -5.64 -23.86 19.13
CA ARG C 90 -6.89 -24.46 18.66
C ARG C 90 -8.09 -23.65 19.12
N SER C 91 -9.15 -23.62 18.31
CA SER C 91 -10.35 -22.86 18.67
C SER C 91 -11.05 -23.42 19.91
N SER C 92 -10.86 -24.72 20.18
CA SER C 92 -11.48 -25.39 21.31
C SER C 92 -10.64 -25.35 22.61
N ALA C 93 -9.68 -24.44 22.68
CA ALA C 93 -8.87 -24.27 23.89
C ALA C 93 -9.70 -23.67 25.01
N PHE C 94 -9.32 -23.92 26.25
CA PHE C 94 -10.05 -23.39 27.40
C PHE C 94 -9.14 -23.15 28.61
N SER C 95 -9.53 -22.18 29.44
CA SER C 95 -8.91 -21.99 30.74
C SER C 95 -9.54 -22.93 31.75
N ASN C 96 -8.74 -23.39 32.72
CA ASN C 96 -9.24 -24.30 33.74
C ASN C 96 -8.56 -24.07 35.08
N CYS C 97 -8.20 -22.81 35.33
CA CYS C 97 -7.60 -22.45 36.61
C CYS C 97 -8.43 -21.36 37.27
N TYR C 98 -7.83 -20.54 38.12
CA TYR C 98 -8.52 -19.42 38.74
C TYR C 98 -8.98 -18.43 37.67
N PRO C 99 -10.20 -17.88 37.80
CA PRO C 99 -10.69 -16.91 36.82
C PRO C 99 -9.86 -15.64 36.81
N TYR C 100 -9.43 -15.22 35.61
CA TYR C 100 -8.52 -14.11 35.48
C TYR C 100 -8.85 -13.20 34.30
N ASP C 101 -8.37 -11.97 34.36
CA ASP C 101 -8.36 -11.11 33.19
C ASP C 101 -6.99 -10.45 33.08
N ILE C 102 -6.65 -10.04 31.86
CA ILE C 102 -5.37 -9.36 31.59
C ILE C 102 -5.60 -8.11 30.73
N PRO C 103 -5.44 -6.92 31.32
CA PRO C 103 -5.37 -5.70 30.51
C PRO C 103 -4.25 -5.83 29.49
N ASP C 104 -4.58 -5.59 28.22
CA ASP C 104 -3.64 -5.73 27.11
C ASP C 104 -3.19 -7.19 26.94
N TYR C 105 -4.16 -8.09 27.03
CA TYR C 105 -4.00 -9.51 26.70
C TYR C 105 -3.26 -9.67 25.38
N ALA C 106 -3.78 -9.02 24.34
CA ALA C 106 -3.28 -9.13 22.98
C ALA C 106 -1.79 -8.78 22.87
N SER C 107 -1.38 -7.72 23.57
CA SER C 107 0.01 -7.28 23.55
C SER C 107 0.96 -8.27 24.23
N LEU C 108 0.54 -8.80 25.37
CA LEU C 108 1.35 -9.79 26.07
C LEU C 108 1.50 -11.05 25.23
N ARG C 109 0.36 -11.62 24.83
CA ARG C 109 0.33 -12.75 23.90
C ARG C 109 1.26 -12.54 22.70
N SER C 110 1.18 -11.37 22.09
CA SER C 110 1.96 -11.04 20.90
C SER C 110 3.45 -11.00 21.19
N ILE C 111 3.81 -10.45 22.35
CA ILE C 111 5.20 -10.35 22.81
C ILE C 111 5.78 -11.75 23.08
N VAL C 112 5.01 -12.59 23.76
CA VAL C 112 5.44 -13.95 24.08
C VAL C 112 5.61 -14.79 22.81
N ALA C 113 4.58 -14.79 21.97
CA ALA C 113 4.59 -15.56 20.72
C ALA C 113 5.82 -15.25 19.91
N SER C 114 6.12 -13.95 19.79
CA SER C 114 7.26 -13.44 19.05
C SER C 114 8.59 -13.90 19.62
N SER C 115 8.72 -13.80 20.94
CA SER C 115 9.91 -14.28 21.64
C SER C 115 10.20 -15.75 21.29
N GLY C 116 9.15 -16.58 21.29
CA GLY C 116 9.24 -17.96 20.81
C GLY C 116 9.75 -18.99 21.80
N THR C 117 9.73 -18.64 23.09
CA THR C 117 10.16 -19.55 24.14
C THR C 117 9.40 -19.31 25.45
N LEU C 118 9.31 -20.36 26.27
CA LEU C 118 8.70 -20.28 27.62
C LEU C 118 9.69 -20.68 28.71
N GLU C 119 10.98 -20.59 28.39
CA GLU C 119 12.07 -20.85 29.33
C GLU C 119 11.92 -20.05 30.63
N PHE C 120 11.60 -20.75 31.72
CA PHE C 120 11.37 -20.13 33.03
C PHE C 120 12.44 -20.48 34.04
N THR C 121 12.77 -19.51 34.88
CA THR C 121 13.82 -19.64 35.88
C THR C 121 13.32 -19.14 37.22
N ALA C 122 13.16 -20.07 38.16
CA ALA C 122 12.72 -19.74 39.53
C ALA C 122 13.73 -18.84 40.24
N GLU C 123 13.22 -17.95 41.08
CA GLU C 123 14.07 -17.06 41.86
C GLU C 123 13.63 -17.01 43.31
N GLY C 124 14.61 -17.01 44.21
CA GLY C 124 14.36 -17.05 45.65
C GLY C 124 13.89 -15.72 46.21
N PHE C 125 12.59 -15.45 46.06
CA PHE C 125 11.97 -14.30 46.68
C PHE C 125 11.67 -14.63 48.14
N THR C 126 12.22 -13.83 49.06
CA THR C 126 11.89 -13.98 50.48
C THR C 126 10.64 -13.17 50.80
N TRP C 127 9.61 -13.87 51.26
CA TRP C 127 8.36 -13.23 51.65
C TRP C 127 8.18 -13.41 53.15
N THR C 128 8.67 -12.44 53.92
CA THR C 128 8.67 -12.54 55.38
C THR C 128 7.31 -12.24 55.98
N GLY C 129 6.77 -13.21 56.71
CA GLY C 129 5.54 -13.01 57.50
C GLY C 129 4.23 -13.26 56.78
N VAL C 130 4.27 -13.96 55.65
CA VAL C 130 3.06 -14.30 54.92
C VAL C 130 3.04 -15.78 54.54
N THR C 131 1.84 -16.31 54.32
CA THR C 131 1.66 -17.69 53.91
C THR C 131 1.71 -17.77 52.39
N GLN C 132 2.53 -18.69 51.89
CA GLN C 132 2.73 -18.86 50.46
C GLN C 132 1.88 -19.99 49.90
N ASN C 133 1.92 -20.14 48.58
CA ASN C 133 1.31 -21.26 47.86
C ASN C 133 -0.17 -21.44 48.18
N GLY C 134 -0.91 -20.33 48.17
CA GLY C 134 -2.36 -20.36 48.34
C GLY C 134 -2.99 -21.09 47.17
N ARG C 135 -4.03 -21.86 47.45
CA ARG C 135 -4.64 -22.71 46.43
C ARG C 135 -6.14 -22.47 46.27
N SER C 136 -6.70 -23.00 45.18
CA SER C 136 -8.13 -22.83 44.87
C SER C 136 -8.80 -24.10 44.34
N GLY C 137 -10.12 -24.17 44.53
CA GLY C 137 -10.96 -25.22 43.96
C GLY C 137 -11.26 -25.01 42.48
N ALA C 138 -10.91 -23.84 41.95
CA ALA C 138 -11.12 -23.55 40.55
C ALA C 138 -9.98 -24.09 39.69
N CYS C 139 -8.91 -24.51 40.36
CA CYS C 139 -7.67 -24.85 39.67
C CYS C 139 -7.13 -26.17 40.21
N LYS C 140 -7.86 -27.26 39.95
CA LYS C 140 -7.48 -28.57 40.49
C LYS C 140 -6.32 -29.21 39.73
N ARG C 141 -5.34 -29.69 40.49
CA ARG C 141 -4.18 -30.38 39.94
C ARG C 141 -4.00 -31.66 40.74
N GLY C 142 -4.11 -32.80 40.05
CA GLY C 142 -4.02 -34.11 40.70
C GLY C 142 -5.21 -34.38 41.60
N SER C 143 -6.34 -33.77 41.24
CA SER C 143 -7.62 -33.88 41.99
C SER C 143 -7.65 -33.10 43.29
N ALA C 144 -6.63 -32.28 43.54
CA ALA C 144 -6.58 -31.43 44.74
C ALA C 144 -6.49 -29.97 44.34
N ASP C 145 -6.83 -29.08 45.28
CA ASP C 145 -6.72 -27.64 45.05
C ASP C 145 -5.30 -27.27 44.68
N SER C 146 -5.17 -26.39 43.72
CA SER C 146 -3.86 -25.89 43.32
C SER C 146 -3.97 -24.45 42.82
N PHE C 147 -3.08 -24.08 41.91
CA PHE C 147 -2.98 -22.71 41.40
C PHE C 147 -2.00 -22.68 40.24
N PHE C 148 -1.91 -21.54 39.55
CA PHE C 148 -0.95 -21.36 38.45
C PHE C 148 0.46 -21.69 38.91
N SER C 149 1.14 -22.56 38.18
CA SER C 149 2.47 -23.02 38.59
C SER C 149 3.51 -21.90 38.70
N ARG C 150 3.32 -20.82 37.96
CA ARG C 150 4.31 -19.73 37.89
C ARG C 150 3.96 -18.56 38.80
N LEU C 151 2.83 -18.65 39.48
CA LEU C 151 2.41 -17.59 40.40
C LEU C 151 2.38 -18.09 41.84
N ASN C 152 2.63 -17.17 42.78
CA ASN C 152 2.66 -17.48 44.21
C ASN C 152 1.64 -16.61 44.94
N TRP C 153 0.52 -17.23 45.31
CA TRP C 153 -0.59 -16.55 45.95
C TRP C 153 -0.35 -16.44 47.46
N LEU C 154 -0.12 -15.21 47.91
CA LEU C 154 0.26 -14.95 49.30
C LEU C 154 -0.94 -14.55 50.16
N THR C 155 -0.95 -15.00 51.42
CA THR C 155 -2.02 -14.69 52.38
C THR C 155 -1.42 -14.36 53.75
N LYS C 156 -2.27 -13.89 54.67
CA LYS C 156 -1.85 -13.58 56.04
C LYS C 156 -1.21 -14.77 56.74
N SER C 157 -0.28 -14.47 57.64
CA SER C 157 0.28 -15.48 58.53
C SER C 157 -0.09 -15.08 59.94
N GLY C 158 -0.80 -15.98 60.64
CA GLY C 158 -1.34 -15.70 61.96
C GLY C 158 -2.44 -14.66 61.85
N ASN C 159 -2.19 -13.48 62.41
CA ASN C 159 -3.11 -12.35 62.30
C ASN C 159 -2.40 -11.16 61.68
N SER C 160 -1.48 -11.45 60.77
CA SER C 160 -0.61 -10.40 60.23
C SER C 160 -0.26 -10.61 58.76
N TYR C 161 -0.30 -9.49 58.01
CA TYR C 161 0.21 -9.43 56.65
C TYR C 161 1.02 -8.14 56.58
N PRO C 162 2.33 -8.24 56.86
CA PRO C 162 3.19 -7.05 56.93
C PRO C 162 3.48 -6.51 55.54
N THR C 163 3.78 -5.22 55.46
CA THR C 163 4.12 -4.57 54.20
C THR C 163 5.32 -5.25 53.56
N LEU C 164 5.07 -5.93 52.44
CA LEU C 164 6.10 -6.64 51.71
C LEU C 164 6.95 -5.68 50.88
N ASN C 165 8.27 -5.83 50.98
CA ASN C 165 9.20 -4.97 50.26
C ASN C 165 10.43 -5.76 49.84
N VAL C 166 10.43 -6.25 48.60
CA VAL C 166 11.51 -7.07 48.08
C VAL C 166 12.15 -6.49 46.83
N THR C 167 13.38 -6.90 46.58
CA THR C 167 14.17 -6.39 45.48
C THR C 167 14.88 -7.55 44.78
N MET C 168 14.96 -7.48 43.45
CA MET C 168 15.52 -8.57 42.66
C MET C 168 16.23 -8.04 41.40
N PRO C 169 17.57 -7.90 41.47
CA PRO C 169 18.39 -7.24 40.44
C PRO C 169 18.64 -8.11 39.22
N ASN C 170 18.70 -7.49 38.04
CA ASN C 170 19.02 -8.19 36.81
C ASN C 170 20.51 -8.04 36.47
N ASN C 171 21.29 -9.02 36.91
CA ASN C 171 22.73 -9.08 36.64
C ASN C 171 23.07 -9.97 35.44
N LYS C 172 22.13 -10.08 34.49
CA LYS C 172 22.32 -10.90 33.31
C LYS C 172 22.45 -10.02 32.06
N ASN C 173 22.85 -10.63 30.95
CA ASN C 173 22.96 -9.90 29.68
C ASN C 173 21.70 -9.95 28.80
N PHE C 174 20.54 -10.14 29.40
CA PHE C 174 19.26 -10.15 28.67
C PHE C 174 18.10 -9.56 29.48
N ASP C 175 16.98 -9.30 28.80
CA ASP C 175 15.78 -8.79 29.44
C ASP C 175 15.03 -9.91 30.18
N LYS C 176 14.65 -9.63 31.42
CA LYS C 176 13.83 -10.54 32.20
C LYS C 176 12.38 -10.12 32.07
N LEU C 177 11.49 -11.09 31.83
CA LEU C 177 10.05 -10.83 31.84
C LEU C 177 9.46 -11.38 33.14
N TYR C 178 8.78 -10.52 33.89
CA TYR C 178 8.06 -10.94 35.08
C TYR C 178 6.56 -10.87 34.86
N ILE C 179 5.87 -11.94 35.22
CA ILE C 179 4.43 -12.00 35.23
C ILE C 179 4.01 -12.07 36.69
N TRP C 180 3.23 -11.09 37.12
CA TRP C 180 2.73 -11.04 38.48
C TRP C 180 1.25 -10.71 38.39
N GLY C 181 0.62 -10.50 39.54
CA GLY C 181 -0.79 -10.20 39.52
C GLY C 181 -1.33 -9.73 40.85
N ILE C 182 -2.62 -9.41 40.83
CA ILE C 182 -3.32 -8.95 42.01
C ILE C 182 -4.62 -9.75 42.14
N HIS C 183 -5.06 -9.96 43.37
CA HIS C 183 -6.27 -10.71 43.62
C HIS C 183 -7.40 -9.78 44.05
N HIS C 184 -8.56 -9.93 43.42
CA HIS C 184 -9.75 -9.17 43.78
C HIS C 184 -10.73 -10.06 44.54
N PRO C 185 -10.82 -9.90 45.88
CA PRO C 185 -11.75 -10.70 46.69
C PRO C 185 -13.21 -10.28 46.46
N SER C 186 -14.13 -11.15 46.83
CA SER C 186 -15.56 -10.94 46.55
C SER C 186 -16.33 -10.18 47.63
N SER C 187 -15.72 -10.01 48.81
CA SER C 187 -16.33 -9.27 49.91
C SER C 187 -15.30 -8.62 50.82
N ASN C 188 -15.77 -7.76 51.71
CA ASN C 188 -14.91 -7.11 52.70
C ASN C 188 -14.41 -8.07 53.78
N GLN C 189 -15.19 -9.10 54.09
CA GLN C 189 -14.80 -10.13 55.03
C GLN C 189 -13.67 -10.96 54.43
N GLU C 190 -13.83 -11.29 53.15
CA GLU C 190 -12.82 -12.03 52.40
C GLU C 190 -11.50 -11.27 52.41
N GLN C 191 -11.58 -9.96 52.10
CA GLN C 191 -10.43 -9.07 52.12
C GLN C 191 -9.67 -9.09 53.44
N THR C 192 -10.39 -8.80 54.54
CA THR C 192 -9.77 -8.75 55.87
C THR C 192 -9.41 -10.14 56.40
N LYS C 193 -10.10 -11.19 55.94
CA LYS C 193 -9.78 -12.58 56.31
C LYS C 193 -8.46 -13.06 55.69
N LEU C 194 -8.22 -12.69 54.44
CA LEU C 194 -7.01 -13.13 53.74
C LEU C 194 -5.81 -12.21 53.97
N TYR C 195 -6.06 -10.91 54.07
CA TYR C 195 -4.98 -9.93 54.04
C TYR C 195 -4.92 -8.96 55.22
N ILE C 196 -5.82 -9.13 56.19
CA ILE C 196 -5.92 -8.24 57.37
C ILE C 196 -6.34 -6.80 57.03
N GLN C 197 -5.52 -6.09 56.25
CA GLN C 197 -5.82 -4.71 55.84
C GLN C 197 -7.15 -4.64 55.13
N GLU C 198 -7.90 -3.57 55.39
CA GLU C 198 -9.18 -3.32 54.73
C GLU C 198 -8.96 -3.03 53.25
N SER C 199 -7.83 -2.40 52.96
CA SER C 199 -7.51 -1.95 51.61
C SER C 199 -6.16 -2.51 51.17
N GLY C 200 -6.11 -3.04 49.96
CA GLY C 200 -4.88 -3.61 49.43
C GLY C 200 -4.18 -2.67 48.48
N ARG C 201 -2.94 -3.01 48.13
CA ARG C 201 -2.09 -2.21 47.25
C ARG C 201 -0.88 -3.03 46.78
N VAL C 202 -0.59 -2.97 45.48
CA VAL C 202 0.60 -3.60 44.90
C VAL C 202 1.33 -2.60 43.99
N THR C 203 2.57 -2.28 44.34
CA THR C 203 3.43 -1.42 43.54
C THR C 203 4.60 -2.24 43.02
N VAL C 204 4.72 -2.36 41.69
CA VAL C 204 5.84 -3.06 41.06
C VAL C 204 6.59 -2.07 40.18
N SER C 205 7.89 -1.94 40.41
CA SER C 205 8.67 -0.90 39.76
C SER C 205 10.09 -1.31 39.38
N THR C 206 10.65 -0.57 38.44
CA THR C 206 12.07 -0.62 38.12
C THR C 206 12.57 0.81 38.28
N LYS C 207 13.72 1.13 37.70
CA LYS C 207 14.23 2.50 37.68
C LYS C 207 13.51 3.33 36.63
N ARG C 208 13.11 2.69 35.53
CA ARG C 208 12.48 3.39 34.41
C ARG C 208 10.96 3.24 34.35
N SER C 209 10.36 2.54 35.31
CA SER C 209 8.91 2.37 35.31
C SER C 209 8.32 2.01 36.67
N GLN C 210 7.01 2.16 36.78
CA GLN C 210 6.26 1.89 38.00
C GLN C 210 4.80 1.59 37.66
N GLN C 211 4.22 0.58 38.31
CA GLN C 211 2.80 0.26 38.15
C GLN C 211 2.22 0.01 39.53
N THR C 212 1.16 0.75 39.87
CA THR C 212 0.46 0.53 41.15
C THR C 212 -1.00 0.17 40.93
N ILE C 213 -1.41 -0.97 41.45
CA ILE C 213 -2.76 -1.47 41.24
C ILE C 213 -3.51 -1.69 42.57
N ILE C 214 -4.75 -1.20 42.60
CA ILE C 214 -5.63 -1.35 43.77
C ILE C 214 -6.66 -2.44 43.48
N PRO C 215 -6.94 -3.30 44.47
CA PRO C 215 -8.01 -4.30 44.36
C PRO C 215 -9.39 -3.66 44.31
N ASN C 216 -10.30 -4.29 43.57
CA ASN C 216 -11.71 -3.93 43.58
C ASN C 216 -12.51 -5.04 44.23
N ILE C 217 -13.05 -4.78 45.42
CA ILE C 217 -13.83 -5.77 46.16
C ILE C 217 -15.25 -5.89 45.58
N GLY C 218 -15.73 -7.13 45.45
CA GLY C 218 -17.08 -7.37 44.93
C GLY C 218 -17.26 -8.69 44.20
N SER C 219 -18.51 -9.16 44.17
CA SER C 219 -18.85 -10.40 43.47
C SER C 219 -18.79 -10.23 41.96
N ARG C 220 -18.10 -11.16 41.30
CA ARG C 220 -18.19 -11.32 39.86
C ARG C 220 -18.93 -12.64 39.57
N PRO C 221 -19.33 -12.88 38.31
CA PRO C 221 -20.03 -14.12 37.98
C PRO C 221 -19.25 -15.38 38.36
N TRP C 222 -19.98 -16.35 38.92
CA TRP C 222 -19.44 -17.64 39.35
C TRP C 222 -18.70 -18.35 38.20
N VAL C 223 -17.39 -18.53 38.39
CA VAL C 223 -16.57 -19.34 37.48
C VAL C 223 -15.85 -20.41 38.28
N ARG C 224 -16.14 -21.67 37.95
CA ARG C 224 -15.59 -22.84 38.65
C ARG C 224 -15.57 -22.66 40.17
N GLY C 225 -16.68 -22.15 40.71
CA GLY C 225 -16.84 -21.99 42.15
C GLY C 225 -16.57 -20.58 42.64
N GLN C 226 -15.65 -19.89 42.00
CA GLN C 226 -15.15 -18.63 42.53
C GLN C 226 -15.82 -17.39 41.95
N SER C 227 -16.09 -16.43 42.83
CA SER C 227 -16.68 -15.16 42.46
C SER C 227 -15.62 -14.07 42.49
N GLY C 228 -14.47 -14.40 43.08
CA GLY C 228 -13.31 -13.51 43.06
C GLY C 228 -12.67 -13.54 41.69
N ARG C 229 -11.64 -12.71 41.51
CA ARG C 229 -10.90 -12.63 40.25
C ARG C 229 -9.43 -12.34 40.49
N ILE C 230 -8.62 -12.57 39.47
CA ILE C 230 -7.21 -12.21 39.50
C ILE C 230 -6.85 -11.46 38.24
N SER C 231 -6.12 -10.35 38.40
CA SER C 231 -5.65 -9.55 37.27
C SER C 231 -4.15 -9.75 37.09
N ILE C 232 -3.76 -10.04 35.85
CA ILE C 232 -2.35 -10.26 35.50
C ILE C 232 -1.75 -9.00 34.90
N TYR C 233 -0.47 -8.80 35.18
CA TYR C 233 0.32 -7.68 34.69
C TYR C 233 1.73 -8.18 34.41
N TRP C 234 2.50 -7.45 33.63
CA TRP C 234 3.86 -7.86 33.35
C TRP C 234 4.84 -6.71 33.47
N THR C 235 6.10 -7.04 33.75
CA THR C 235 7.16 -6.04 33.83
C THR C 235 8.42 -6.63 33.23
N ILE C 236 9.11 -5.82 32.41
CA ILE C 236 10.39 -6.21 31.82
C ILE C 236 11.55 -5.54 32.55
N VAL C 237 12.49 -6.33 33.03
CA VAL C 237 13.67 -5.79 33.69
C VAL C 237 14.87 -5.93 32.75
N LYS C 238 15.54 -4.81 32.49
CA LYS C 238 16.65 -4.74 31.55
C LYS C 238 18.00 -5.04 32.23
N PRO C 239 19.02 -5.41 31.43
CA PRO C 239 20.35 -5.67 31.99
C PRO C 239 20.85 -4.46 32.75
N GLY C 240 21.16 -4.64 34.03
CA GLY C 240 21.64 -3.55 34.88
C GLY C 240 20.57 -2.92 35.74
N ASP C 241 19.31 -3.09 35.33
CA ASP C 241 18.17 -2.58 36.08
C ASP C 241 17.87 -3.47 37.28
N ILE C 242 16.77 -3.18 37.99
CA ILE C 242 16.44 -3.87 39.22
C ILE C 242 14.93 -3.84 39.45
N LEU C 243 14.34 -5.02 39.65
CA LEU C 243 12.91 -5.12 39.97
C LEU C 243 12.68 -4.97 41.45
N MET C 244 11.64 -4.21 41.80
CA MET C 244 11.19 -4.05 43.19
C MET C 244 9.69 -4.31 43.30
N ILE C 245 9.30 -5.06 44.33
CA ILE C 245 7.90 -5.32 44.58
C ILE C 245 7.54 -4.86 45.99
N ASN C 246 6.57 -3.95 46.07
CA ASN C 246 6.06 -3.50 47.36
C ASN C 246 4.55 -3.69 47.46
N SER C 247 4.10 -4.34 48.53
CA SER C 247 2.69 -4.66 48.69
C SER C 247 2.27 -4.78 50.16
N ASN C 248 1.03 -4.39 50.45
CA ASN C 248 0.48 -4.60 51.79
C ASN C 248 -0.81 -5.44 51.79
N GLY C 249 -0.96 -6.25 50.75
CA GLY C 249 -2.09 -7.15 50.60
C GLY C 249 -2.42 -7.40 49.13
N ASN C 250 -3.03 -8.57 48.87
CA ASN C 250 -3.59 -8.92 47.55
C ASN C 250 -2.56 -9.24 46.46
N LEU C 251 -1.29 -9.39 46.86
CA LEU C 251 -0.24 -9.72 45.92
C LEU C 251 -0.29 -11.18 45.45
N VAL C 252 -0.29 -11.36 44.13
CA VAL C 252 -0.05 -12.67 43.52
C VAL C 252 1.35 -12.59 42.90
N ALA C 253 2.31 -13.11 43.65
CA ALA C 253 3.71 -12.89 43.38
C ALA C 253 4.23 -13.75 42.25
N PRO C 254 5.24 -13.25 41.51
CA PRO C 254 5.91 -14.11 40.56
C PRO C 254 6.84 -15.07 41.30
N ARG C 255 7.27 -16.13 40.62
CA ARG C 255 8.19 -17.09 41.21
C ARG C 255 9.56 -17.00 40.56
N GLY C 256 9.66 -16.17 39.52
CA GLY C 256 10.89 -16.05 38.73
C GLY C 256 10.65 -15.30 37.44
N TYR C 257 11.47 -15.58 36.43
CA TYR C 257 11.41 -14.81 35.19
C TYR C 257 11.39 -15.68 33.93
N PHE C 258 10.77 -15.15 32.88
CA PHE C 258 10.82 -15.75 31.55
C PHE C 258 11.92 -15.04 30.75
N LYS C 259 12.65 -15.82 29.96
CA LYS C 259 13.68 -15.25 29.09
C LYS C 259 13.02 -14.64 27.85
N LEU C 260 13.12 -13.32 27.71
CA LEU C 260 12.72 -12.67 26.47
C LEU C 260 13.87 -12.66 25.48
N LYS C 261 13.55 -12.88 24.21
CA LYS C 261 14.55 -12.81 23.14
C LYS C 261 13.95 -12.32 21.84
N THR C 262 14.76 -11.63 21.03
CA THR C 262 14.35 -11.22 19.68
C THR C 262 14.20 -12.49 18.83
N GLY C 263 12.96 -12.82 18.53
CA GLY C 263 12.65 -14.06 17.83
C GLY C 263 12.04 -13.81 16.48
N LYS C 264 11.94 -14.87 15.69
CA LYS C 264 11.26 -14.83 14.40
C LYS C 264 10.06 -15.76 14.50
N SER C 265 9.51 -15.84 15.70
CA SER C 265 8.41 -16.74 16.01
C SER C 265 7.08 -16.04 16.01
N SER C 266 6.02 -16.83 15.85
CA SER C 266 4.65 -16.34 15.93
C SER C 266 3.67 -17.39 16.48
N VAL C 267 2.41 -16.97 16.62
CA VAL C 267 1.32 -17.81 17.08
C VAL C 267 0.24 -17.76 16.01
N MET C 268 -0.47 -18.88 15.80
CA MET C 268 -1.53 -18.94 14.81
C MET C 268 -2.75 -19.76 15.28
N ARG C 269 -3.93 -19.29 14.90
CA ARG C 269 -5.17 -19.99 15.16
C ARG C 269 -5.52 -20.95 14.01
N SER C 270 -5.65 -22.24 14.34
CA SER C 270 -6.07 -23.24 13.36
C SER C 270 -6.70 -24.45 14.04
N ASP C 271 -7.38 -25.28 13.25
CA ASP C 271 -8.01 -26.50 13.76
C ASP C 271 -7.59 -27.73 12.98
N VAL C 272 -6.74 -27.53 11.97
CA VAL C 272 -6.28 -28.62 11.12
C VAL C 272 -5.23 -29.50 11.82
N PRO C 273 -5.15 -30.78 11.43
CA PRO C 273 -4.13 -31.66 12.02
C PRO C 273 -2.69 -31.21 11.68
N ILE C 274 -1.75 -31.65 12.51
CA ILE C 274 -0.32 -31.44 12.27
C ILE C 274 0.33 -32.80 12.02
N ASP C 275 1.03 -32.91 10.89
CA ASP C 275 1.74 -34.14 10.56
C ASP C 275 2.98 -33.87 9.72
N ILE C 276 3.86 -34.86 9.64
CA ILE C 276 5.09 -34.76 8.83
C ILE C 276 4.79 -34.64 7.33
N CYS C 277 5.29 -33.56 6.73
CA CYS C 277 5.26 -33.35 5.27
C CYS C 277 6.21 -32.21 4.86
N VAL C 278 6.41 -32.06 3.55
CA VAL C 278 7.34 -31.07 3.03
C VAL C 278 6.62 -29.78 2.65
N SER C 279 6.86 -28.72 3.42
CA SER C 279 6.31 -27.39 3.14
C SER C 279 7.02 -26.31 3.95
N GLU C 280 7.14 -25.13 3.35
CA GLU C 280 7.79 -23.98 4.00
C GLU C 280 6.85 -22.78 4.19
N CYS C 281 5.55 -23.03 4.05
CA CYS C 281 4.54 -22.01 4.23
C CYS C 281 3.31 -22.58 4.93
N ILE C 282 2.80 -21.83 5.90
CA ILE C 282 1.74 -22.32 6.77
C ILE C 282 0.59 -21.31 6.87
N THR C 283 -0.62 -21.79 6.66
CA THR C 283 -1.85 -20.99 6.76
C THR C 283 -2.79 -21.72 7.74
N PRO C 284 -3.84 -21.04 8.23
CA PRO C 284 -4.85 -21.72 9.04
C PRO C 284 -5.48 -22.93 8.39
N ASN C 285 -5.59 -22.92 7.06
CA ASN C 285 -6.23 -24.02 6.33
C ASN C 285 -5.25 -25.15 6.05
N GLY C 286 -4.01 -24.97 6.51
CA GLY C 286 -2.96 -25.96 6.30
C GLY C 286 -1.79 -25.37 5.54
N SER C 287 -0.76 -26.18 5.35
CA SER C 287 0.40 -25.78 4.57
C SER C 287 0.06 -25.69 3.08
N ILE C 288 0.77 -24.81 2.38
CA ILE C 288 0.58 -24.65 0.95
C ILE C 288 1.91 -24.68 0.20
N SER C 289 1.86 -25.12 -1.05
CA SER C 289 3.03 -25.10 -1.92
C SER C 289 3.41 -23.66 -2.28
N ASN C 290 4.70 -23.35 -2.18
CA ASN C 290 5.18 -22.01 -2.52
C ASN C 290 5.80 -21.92 -3.91
N GLU C 291 5.44 -22.84 -4.80
CA GLU C 291 5.91 -22.83 -6.18
C GLU C 291 5.44 -21.57 -6.90
N LYS C 292 4.19 -21.17 -6.63
CA LYS C 292 3.54 -20.05 -7.31
C LYS C 292 3.76 -18.70 -6.61
N PRO C 293 3.71 -17.60 -7.38
CA PRO C 293 3.94 -16.29 -6.76
C PRO C 293 2.75 -15.77 -5.92
N PHE C 294 1.55 -16.30 -6.17
CA PHE C 294 0.35 -15.84 -5.47
C PHE C 294 -0.45 -16.97 -4.87
N GLN C 295 -1.31 -16.63 -3.91
CA GLN C 295 -2.22 -17.60 -3.29
C GLN C 295 -3.55 -16.96 -2.93
N ASN C 296 -4.59 -17.80 -2.89
CA ASN C 296 -5.94 -17.40 -2.56
C ASN C 296 -6.48 -18.17 -1.35
N VAL C 297 -5.60 -18.87 -0.65
CA VAL C 297 -6.00 -19.74 0.47
C VAL C 297 -6.37 -18.93 1.71
N ASN C 298 -5.46 -18.07 2.16
CA ASN C 298 -5.66 -17.30 3.37
C ASN C 298 -4.72 -16.12 3.49
N LYS C 299 -5.23 -15.02 4.06
CA LYS C 299 -4.40 -13.84 4.31
C LYS C 299 -3.49 -14.04 5.52
N VAL C 300 -3.90 -14.92 6.43
CA VAL C 300 -3.05 -15.29 7.55
C VAL C 300 -2.02 -16.32 7.06
N THR C 301 -0.77 -15.92 6.92
CA THR C 301 0.31 -16.86 6.59
C THR C 301 1.52 -16.69 7.49
N TYR C 302 2.40 -17.69 7.45
CA TYR C 302 3.67 -17.65 8.16
C TYR C 302 4.68 -18.47 7.37
N GLY C 303 5.88 -17.91 7.17
CA GLY C 303 6.96 -18.60 6.46
C GLY C 303 7.27 -18.00 5.11
N LYS C 304 7.84 -18.81 4.21
CA LYS C 304 8.11 -18.40 2.82
C LYS C 304 6.84 -18.61 2.00
N CYS C 305 6.00 -17.57 1.94
CA CYS C 305 4.65 -17.70 1.40
C CYS C 305 4.36 -16.87 0.15
N PRO C 306 3.59 -17.43 -0.79
CA PRO C 306 3.09 -16.63 -1.89
C PRO C 306 2.23 -15.48 -1.35
N LYS C 307 2.06 -14.43 -2.15
CA LYS C 307 1.30 -13.26 -1.70
C LYS C 307 -0.18 -13.53 -1.84
N TYR C 308 -0.96 -13.17 -0.81
CA TYR C 308 -2.40 -13.31 -0.88
C TYR C 308 -3.02 -12.23 -1.76
N ILE C 309 -3.86 -12.67 -2.71
CA ILE C 309 -4.63 -11.80 -3.61
C ILE C 309 -6.10 -12.24 -3.68
N ARG C 310 -6.98 -11.34 -4.13
CA ARG C 310 -8.42 -11.61 -4.20
C ARG C 310 -8.79 -12.65 -5.26
N GLN C 311 -8.09 -12.64 -6.39
CA GLN C 311 -8.41 -13.53 -7.51
C GLN C 311 -8.10 -14.98 -7.17
N ASN C 312 -8.88 -15.90 -7.72
CA ASN C 312 -8.64 -17.31 -7.49
C ASN C 312 -7.88 -17.97 -8.64
N THR C 313 -7.73 -17.22 -9.73
CA THR C 313 -6.97 -17.70 -10.89
C THR C 313 -6.35 -16.57 -11.74
N LEU C 314 -5.10 -16.78 -12.13
CA LEU C 314 -4.43 -15.94 -13.11
C LEU C 314 -3.58 -16.86 -13.97
N LYS C 315 -3.89 -16.90 -15.26
CA LYS C 315 -3.17 -17.73 -16.20
C LYS C 315 -2.11 -16.91 -16.90
N LEU C 316 -0.87 -17.38 -16.87
CA LEU C 316 0.22 -16.74 -17.57
C LEU C 316 0.56 -17.52 -18.84
N ALA C 317 0.42 -16.87 -19.99
CA ALA C 317 0.76 -17.48 -21.27
C ALA C 317 2.23 -17.90 -21.26
N THR C 318 2.52 -19.07 -21.80
CA THR C 318 3.88 -19.57 -21.91
C THR C 318 4.16 -20.06 -23.32
N GLY C 319 3.33 -19.63 -24.26
CA GLY C 319 3.48 -20.02 -25.66
C GLY C 319 2.74 -19.06 -26.56
N MET C 320 3.04 -19.09 -27.85
CA MET C 320 2.42 -18.18 -28.82
C MET C 320 0.91 -18.35 -28.93
N ARG C 321 0.26 -17.44 -29.66
CA ARG C 321 -1.14 -17.56 -30.03
C ARG C 321 -1.41 -18.90 -30.75
N ASN C 322 -2.51 -19.54 -30.38
CA ASN C 322 -2.86 -20.84 -30.95
C ASN C 322 -3.88 -20.67 -32.06
N VAL C 323 -3.51 -21.11 -33.27
CA VAL C 323 -4.36 -20.95 -34.44
C VAL C 323 -4.48 -22.29 -35.16
N PRO C 324 -5.46 -23.13 -34.74
CA PRO C 324 -5.59 -24.54 -35.18
C PRO C 324 -5.88 -24.70 -36.67
N GLU C 325 -5.49 -25.86 -37.22
CA GLU C 325 -5.58 -26.13 -38.66
C GLU C 325 -7.03 -26.15 -39.18
N LYS C 326 -7.20 -25.73 -40.43
CA LYS C 326 -8.52 -25.69 -41.09
C LYS C 326 -9.02 -27.08 -41.42
N GLY D 1 -2.24 -9.77 -33.59
CA GLY D 1 -0.80 -9.39 -33.38
C GLY D 1 -0.41 -8.08 -34.06
N ILE D 2 0.57 -7.39 -33.49
CA ILE D 2 0.97 -6.09 -34.01
C ILE D 2 1.77 -6.18 -35.31
N PHE D 3 2.40 -7.33 -35.54
CA PHE D 3 3.12 -7.58 -36.78
C PHE D 3 2.20 -8.24 -37.81
N GLY D 4 1.15 -8.92 -37.31
CA GLY D 4 0.18 -9.59 -38.15
C GLY D 4 0.75 -10.74 -38.95
N ALA D 5 1.66 -11.51 -38.34
CA ALA D 5 2.16 -12.73 -38.93
C ALA D 5 1.31 -13.89 -38.42
N ILE D 6 1.35 -14.13 -37.11
CA ILE D 6 0.51 -15.12 -36.47
C ILE D 6 -0.91 -14.59 -36.36
N ALA D 7 -1.88 -15.38 -36.84
CA ALA D 7 -3.28 -14.96 -36.99
C ALA D 7 -3.38 -13.80 -37.95
N GLY D 8 -2.46 -13.76 -38.93
CA GLY D 8 -2.38 -12.69 -39.91
C GLY D 8 -2.12 -13.20 -41.32
N PHE D 9 -0.97 -12.87 -41.88
CA PHE D 9 -0.68 -13.26 -43.26
C PHE D 9 -0.26 -14.71 -43.34
N ILE D 10 0.02 -15.31 -42.19
CA ILE D 10 0.05 -16.77 -42.09
C ILE D 10 -1.32 -17.27 -41.61
N GLU D 11 -2.06 -17.90 -42.53
CA GLU D 11 -3.44 -18.35 -42.31
C GLU D 11 -3.63 -19.12 -40.98
N ASN D 12 -2.83 -20.17 -40.77
CA ASN D 12 -2.93 -20.99 -39.55
C ASN D 12 -1.61 -21.58 -39.09
N GLY D 13 -1.61 -22.19 -37.91
CA GLY D 13 -0.47 -22.93 -37.39
C GLY D 13 -0.45 -24.38 -37.86
N TRP D 14 0.70 -25.04 -37.69
CA TRP D 14 0.85 -26.44 -38.04
C TRP D 14 0.87 -27.33 -36.81
N GLU D 15 -0.08 -28.27 -36.73
CA GLU D 15 -0.09 -29.26 -35.66
C GLU D 15 0.97 -30.33 -35.87
N GLY D 16 1.30 -30.59 -37.13
CA GLY D 16 2.26 -31.63 -37.49
C GLY D 16 3.72 -31.29 -37.27
N MET D 17 4.01 -30.10 -36.74
CA MET D 17 5.38 -29.72 -36.42
C MET D 17 5.65 -29.79 -34.93
N VAL D 18 6.41 -30.81 -34.54
CA VAL D 18 6.64 -31.16 -33.14
C VAL D 18 8.03 -30.77 -32.64
N ASP D 19 8.97 -30.68 -33.58
CA ASP D 19 10.40 -30.49 -33.27
C ASP D 19 10.81 -29.02 -33.08
N GLY D 20 9.88 -28.09 -33.29
CA GLY D 20 10.15 -26.67 -33.13
C GLY D 20 8.89 -25.84 -32.97
N TRP D 21 9.07 -24.53 -32.81
CA TRP D 21 7.97 -23.57 -32.68
C TRP D 21 7.75 -22.88 -34.01
N TYR D 22 8.81 -22.81 -34.80
CA TYR D 22 8.81 -22.15 -36.11
C TYR D 22 9.60 -23.02 -37.07
N GLY D 23 9.25 -22.97 -38.34
CA GLY D 23 9.94 -23.81 -39.30
C GLY D 23 9.50 -23.61 -40.73
N PHE D 24 9.88 -24.57 -41.57
CA PHE D 24 9.70 -24.45 -43.00
C PHE D 24 9.00 -25.68 -43.57
N ARG D 25 8.09 -25.47 -44.51
CA ARG D 25 7.56 -26.54 -45.35
C ARG D 25 7.91 -26.23 -46.79
N TYR D 26 8.22 -27.25 -47.58
CA TYR D 26 8.65 -27.02 -48.96
C TYR D 26 8.24 -28.09 -49.95
N GLN D 27 8.04 -27.69 -51.20
CA GLN D 27 7.91 -28.64 -52.31
C GLN D 27 8.88 -28.27 -53.42
N ASN D 28 9.68 -29.26 -53.84
CA ASN D 28 10.61 -29.11 -54.96
C ASN D 28 10.58 -30.33 -55.87
N SER D 29 11.67 -30.53 -56.61
CA SER D 29 11.79 -31.66 -57.54
C SER D 29 11.97 -33.01 -56.86
N GLU D 30 12.24 -33.01 -55.56
CA GLU D 30 12.44 -34.24 -54.80
C GLU D 30 11.28 -34.54 -53.85
N GLY D 31 10.13 -33.92 -54.10
CA GLY D 31 8.95 -34.07 -53.25
C GLY D 31 8.77 -32.92 -52.27
N THR D 32 8.05 -33.20 -51.18
CA THR D 32 7.86 -32.21 -50.12
C THR D 32 8.69 -32.56 -48.89
N GLY D 33 8.88 -31.57 -48.01
CA GLY D 33 9.62 -31.76 -46.78
C GLY D 33 9.24 -30.73 -45.74
N GLN D 34 9.65 -31.00 -44.49
CA GLN D 34 9.40 -30.11 -43.36
C GLN D 34 10.62 -30.06 -42.45
N ALA D 35 10.98 -28.86 -42.00
CA ALA D 35 12.11 -28.66 -41.10
C ALA D 35 11.82 -27.59 -40.05
N ALA D 36 12.40 -27.74 -38.87
CA ALA D 36 12.23 -26.77 -37.79
C ALA D 36 13.38 -25.76 -37.75
N ASP D 37 13.08 -24.54 -37.32
CA ASP D 37 14.10 -23.49 -37.17
C ASP D 37 14.41 -23.26 -35.70
N LEU D 38 15.65 -23.52 -35.31
CA LEU D 38 16.06 -23.48 -33.90
C LEU D 38 16.36 -22.10 -33.31
N LYS D 39 17.06 -21.24 -34.06
CA LYS D 39 17.37 -19.89 -33.56
C LYS D 39 16.11 -19.13 -33.15
N SER D 40 15.08 -19.16 -34.01
CA SER D 40 13.81 -18.49 -33.73
C SER D 40 13.19 -19.06 -32.47
N THR D 41 13.10 -20.39 -32.44
CA THR D 41 12.49 -21.12 -31.35
C THR D 41 13.18 -20.83 -30.02
N GLN D 42 14.51 -20.85 -30.03
CA GLN D 42 15.28 -20.61 -28.83
C GLN D 42 15.13 -19.18 -28.32
N THR D 43 15.11 -18.23 -29.24
CA THR D 43 14.90 -16.82 -28.89
C THR D 43 13.57 -16.65 -28.17
N ALA D 44 12.53 -17.28 -28.71
CA ALA D 44 11.22 -17.28 -28.08
C ALA D 44 11.28 -17.88 -26.66
N ILE D 45 11.72 -19.12 -26.56
CA ILE D 45 11.75 -19.84 -25.28
C ILE D 45 12.60 -19.10 -24.25
N ASP D 46 13.78 -18.65 -24.66
CA ASP D 46 14.68 -17.88 -23.80
C ASP D 46 14.02 -16.66 -23.17
N GLN D 47 13.22 -15.95 -23.96
CA GLN D 47 12.49 -14.80 -23.46
C GLN D 47 11.31 -15.18 -22.55
N ILE D 48 10.59 -16.25 -22.91
CA ILE D 48 9.41 -16.70 -22.17
C ILE D 48 9.78 -17.43 -20.87
N ASN D 49 10.73 -18.36 -20.97
CA ASN D 49 11.13 -19.20 -19.84
C ASN D 49 11.38 -18.38 -18.58
N GLU D 50 10.65 -18.71 -17.52
CA GLU D 50 10.78 -18.06 -16.22
C GLU D 50 10.84 -16.52 -16.28
N LYS D 51 9.97 -15.91 -17.09
CA LYS D 51 10.03 -14.45 -17.30
C LYS D 51 9.60 -13.63 -16.08
N LEU D 52 8.73 -14.18 -15.26
CA LEU D 52 8.25 -13.50 -14.05
C LEU D 52 9.35 -13.22 -13.05
N ASN D 53 10.40 -14.04 -13.07
CA ASN D 53 11.54 -13.88 -12.17
C ASN D 53 12.23 -12.54 -12.35
N ARG D 54 12.01 -11.92 -13.50
CA ARG D 54 12.62 -10.63 -13.83
C ARG D 54 11.95 -9.47 -13.09
N VAL D 55 10.71 -9.66 -12.67
CA VAL D 55 9.95 -8.62 -12.01
C VAL D 55 9.68 -8.99 -10.55
N ILE D 56 9.20 -10.21 -10.35
CA ILE D 56 8.86 -10.71 -9.02
C ILE D 56 10.03 -11.48 -8.41
N GLU D 57 10.42 -11.06 -7.22
CA GLU D 57 11.55 -11.66 -6.52
C GLU D 57 11.16 -13.00 -5.89
N ARG D 58 12.18 -13.83 -5.66
CA ARG D 58 12.01 -15.14 -5.03
C ARG D 58 11.35 -14.98 -3.67
N THR D 59 10.15 -15.53 -3.54
CA THR D 59 9.34 -15.50 -2.32
C THR D 59 10.16 -15.43 -1.03
N ASN D 60 9.94 -14.37 -0.24
CA ASN D 60 10.70 -14.17 1.00
C ASN D 60 9.94 -14.54 2.29
N GLU D 61 10.71 -14.82 3.34
CA GLU D 61 10.17 -15.19 4.64
C GLU D 61 9.43 -14.03 5.29
N LYS D 62 8.26 -14.33 5.85
CA LYS D 62 7.59 -13.41 6.77
C LYS D 62 7.16 -14.14 8.04
N PHE D 63 7.42 -13.53 9.18
CA PHE D 63 7.23 -14.19 10.46
C PHE D 63 6.04 -13.60 11.20
N HIS D 64 6.26 -13.15 12.43
CA HIS D 64 5.18 -12.54 13.20
C HIS D 64 4.75 -11.24 12.59
N GLN D 65 3.44 -11.00 12.55
CA GLN D 65 2.91 -9.82 11.90
C GLN D 65 1.84 -9.16 12.77
N ILE D 66 0.65 -8.98 12.20
CA ILE D 66 -0.48 -8.46 12.94
C ILE D 66 -1.65 -9.44 12.85
N GLU D 67 -2.53 -9.38 13.84
CA GLU D 67 -3.77 -10.16 13.81
C GLU D 67 -4.68 -9.69 12.67
N LYS D 68 -5.30 -10.64 11.98
CA LYS D 68 -6.15 -10.34 10.83
C LYS D 68 -7.58 -10.86 10.98
N GLU D 69 -7.83 -11.64 12.02
CA GLU D 69 -9.15 -12.18 12.28
C GLU D 69 -9.52 -11.88 13.73
N PHE D 70 -10.74 -11.40 13.96
CA PHE D 70 -11.11 -10.97 15.31
C PHE D 70 -12.37 -11.66 15.81
N SER D 71 -12.35 -12.05 17.08
CA SER D 71 -13.50 -12.70 17.68
C SER D 71 -14.37 -11.71 18.46
N GLU D 72 -13.74 -10.68 19.01
CA GLU D 72 -14.45 -9.62 19.73
C GLU D 72 -14.68 -8.38 18.86
N VAL D 73 -15.35 -7.39 19.45
CA VAL D 73 -15.66 -6.12 18.81
C VAL D 73 -14.96 -5.01 19.61
N GLU D 74 -14.03 -4.31 18.96
CA GLU D 74 -13.16 -3.35 19.66
C GLU D 74 -13.26 -1.92 19.14
N GLY D 75 -13.55 -1.76 17.86
CA GLY D 75 -13.68 -0.44 17.26
C GLY D 75 -12.40 0.11 16.68
N ARG D 76 -12.03 1.31 17.11
CA ARG D 76 -11.02 2.14 16.44
C ARG D 76 -9.75 1.39 16.04
N ILE D 77 -9.12 0.75 17.01
CA ILE D 77 -7.81 0.13 16.81
C ILE D 77 -7.91 -1.13 15.96
N GLN D 78 -9.04 -1.82 16.04
CA GLN D 78 -9.28 -2.98 15.22
C GLN D 78 -9.63 -2.54 13.79
N ASP D 79 -10.42 -1.48 13.68
CA ASP D 79 -10.76 -0.85 12.39
C ASP D 79 -9.52 -0.57 11.58
N LEU D 80 -8.50 -0.02 12.24
CA LEU D 80 -7.23 0.30 11.60
C LEU D 80 -6.55 -0.96 11.08
N GLU D 81 -6.40 -1.97 11.94
CA GLU D 81 -5.79 -3.23 11.56
C GLU D 81 -6.49 -3.88 10.36
N LYS D 82 -7.82 -3.76 10.31
CA LYS D 82 -8.58 -4.32 9.20
C LYS D 82 -8.34 -3.53 7.91
N TYR D 83 -8.36 -2.21 8.02
CA TYR D 83 -8.15 -1.31 6.90
C TYR D 83 -6.75 -1.50 6.30
N VAL D 84 -5.75 -1.61 7.16
CA VAL D 84 -4.37 -1.83 6.72
C VAL D 84 -4.26 -3.09 5.86
N GLU D 85 -4.76 -4.21 6.38
CA GLU D 85 -4.75 -5.47 5.64
C GLU D 85 -5.55 -5.41 4.33
N ASP D 86 -6.72 -4.77 4.36
CA ASP D 86 -7.55 -4.62 3.16
C ASP D 86 -6.87 -3.79 2.06
N THR D 87 -6.22 -2.70 2.45
CA THR D 87 -5.47 -1.87 1.52
C THR D 87 -4.33 -2.65 0.90
N LYS D 88 -3.60 -3.39 1.73
CA LYS D 88 -2.51 -4.21 1.26
C LYS D 88 -2.98 -5.22 0.20
N ILE D 89 -4.03 -5.97 0.51
CA ILE D 89 -4.56 -6.98 -0.41
C ILE D 89 -5.02 -6.37 -1.74
N ASP D 90 -5.77 -5.26 -1.67
CA ASP D 90 -6.30 -4.62 -2.88
C ASP D 90 -5.18 -4.11 -3.81
N LEU D 91 -4.13 -3.52 -3.23
CA LEU D 91 -2.99 -3.08 -4.02
C LEU D 91 -2.24 -4.24 -4.69
N TRP D 92 -1.93 -5.29 -3.94
CA TRP D 92 -1.33 -6.51 -4.52
C TRP D 92 -2.19 -7.21 -5.58
N SER D 93 -3.51 -7.25 -5.35
CA SER D 93 -4.45 -7.85 -6.33
C SER D 93 -4.40 -7.06 -7.64
N TYR D 94 -4.27 -5.74 -7.52
CA TYR D 94 -4.05 -4.91 -8.69
C TYR D 94 -2.70 -5.23 -9.33
N ASN D 95 -1.63 -5.25 -8.53
CA ASN D 95 -0.31 -5.54 -9.08
C ASN D 95 -0.29 -6.84 -9.87
N ALA D 96 -0.96 -7.84 -9.32
CA ALA D 96 -1.03 -9.17 -9.93
C ALA D 96 -1.76 -9.15 -11.27
N GLU D 97 -2.93 -8.51 -11.31
CA GLU D 97 -3.76 -8.40 -12.51
C GLU D 97 -3.06 -7.69 -13.66
N LEU D 98 -2.42 -6.55 -13.35
CA LEU D 98 -1.70 -5.78 -14.35
C LEU D 98 -0.48 -6.53 -14.86
N LEU D 99 0.22 -7.21 -13.96
CA LEU D 99 1.44 -7.90 -14.33
C LEU D 99 1.16 -8.97 -15.35
N VAL D 100 0.15 -9.79 -15.09
CA VAL D 100 -0.16 -10.93 -15.94
C VAL D 100 -0.53 -10.47 -17.34
N ALA D 101 -1.35 -9.43 -17.42
CA ALA D 101 -1.79 -8.90 -18.70
C ALA D 101 -0.64 -8.27 -19.50
N LEU D 102 0.22 -7.49 -18.82
CA LEU D 102 1.43 -6.93 -19.44
C LEU D 102 2.32 -8.04 -19.97
N GLU D 103 2.62 -9.01 -19.10
CA GLU D 103 3.42 -10.16 -19.46
C GLU D 103 2.81 -10.97 -20.63
N ASN D 104 1.49 -11.16 -20.61
CA ASN D 104 0.85 -11.88 -21.68
C ASN D 104 0.91 -11.10 -22.99
N GLN D 105 0.60 -9.80 -22.93
CA GLN D 105 0.69 -8.93 -24.10
C GLN D 105 2.08 -9.03 -24.73
N HIS D 106 3.09 -9.12 -23.86
CA HIS D 106 4.48 -9.19 -24.26
C HIS D 106 4.83 -10.50 -24.94
N THR D 107 4.32 -11.60 -24.39
CA THR D 107 4.56 -12.94 -24.92
C THR D 107 3.92 -13.11 -26.31
N ILE D 108 2.68 -12.62 -26.46
CA ILE D 108 1.99 -12.61 -27.74
C ILE D 108 2.78 -11.81 -28.77
N ASP D 109 3.17 -10.59 -28.40
CA ASP D 109 3.91 -9.72 -29.30
C ASP D 109 5.26 -10.29 -29.72
N LEU D 110 6.02 -10.82 -28.77
CA LEU D 110 7.38 -11.33 -29.06
C LEU D 110 7.38 -12.60 -29.92
N THR D 111 6.36 -13.43 -29.76
CA THR D 111 6.24 -14.64 -30.57
C THR D 111 5.79 -14.33 -32.00
N ASP D 112 4.92 -13.32 -32.14
CA ASP D 112 4.56 -12.76 -33.44
C ASP D 112 5.77 -12.15 -34.16
N ALA D 113 6.62 -11.45 -33.40
CA ALA D 113 7.83 -10.82 -33.93
C ALA D 113 8.81 -11.84 -34.49
N GLU D 114 9.05 -12.93 -33.75
CA GLU D 114 9.96 -13.98 -34.20
C GLU D 114 9.55 -14.55 -35.55
N MET D 115 8.25 -14.78 -35.73
CA MET D 115 7.71 -15.26 -36.99
C MET D 115 7.94 -14.24 -38.10
N ASN D 116 7.68 -12.97 -37.78
CA ASN D 116 7.85 -11.93 -38.78
C ASN D 116 9.31 -11.83 -39.23
N LYS D 117 10.23 -11.94 -38.27
CA LYS D 117 11.65 -11.88 -38.55
C LYS D 117 12.09 -13.04 -39.40
N LEU D 118 11.57 -14.22 -39.13
CA LEU D 118 11.96 -15.43 -39.85
C LEU D 118 11.55 -15.34 -41.31
N PHE D 119 10.42 -14.67 -41.55
CA PHE D 119 9.96 -14.44 -42.91
C PHE D 119 10.87 -13.45 -43.61
N GLU D 120 11.27 -12.40 -42.91
CA GLU D 120 12.10 -11.32 -43.48
C GLU D 120 13.53 -11.77 -43.79
N LYS D 121 14.10 -12.56 -42.90
CA LYS D 121 15.43 -13.11 -43.06
C LYS D 121 15.51 -13.96 -44.35
N THR D 122 14.50 -14.80 -44.55
CA THR D 122 14.39 -15.63 -45.76
C THR D 122 14.26 -14.79 -47.03
N ARG D 123 13.34 -13.83 -46.99
CA ARG D 123 13.07 -12.95 -48.11
C ARG D 123 14.34 -12.26 -48.59
N ARG D 124 15.12 -11.72 -47.65
CA ARG D 124 16.38 -11.04 -47.95
C ARG D 124 17.41 -11.95 -48.59
N GLN D 125 17.42 -13.22 -48.17
CA GLN D 125 18.30 -14.23 -48.71
C GLN D 125 17.97 -14.53 -50.17
N LEU D 126 16.68 -14.52 -50.49
CA LEU D 126 16.22 -14.91 -51.81
C LEU D 126 16.40 -13.80 -52.85
N ARG D 127 16.48 -12.55 -52.36
CA ARG D 127 16.66 -11.38 -53.22
C ARG D 127 15.62 -11.30 -54.34
N GLU D 128 16.04 -11.48 -55.60
CA GLU D 128 15.16 -11.32 -56.75
C GLU D 128 14.88 -12.68 -57.40
N ASN D 129 15.20 -13.74 -56.68
CA ASN D 129 15.03 -15.11 -57.17
C ASN D 129 13.67 -15.70 -56.80
N ALA D 130 12.88 -14.97 -56.03
CA ALA D 130 11.62 -15.50 -55.52
C ALA D 130 10.58 -14.39 -55.38
N GLU D 131 9.29 -14.77 -55.37
CA GLU D 131 8.22 -13.83 -55.03
C GLU D 131 7.41 -14.30 -53.82
N ASP D 132 6.84 -13.33 -53.10
CA ASP D 132 5.92 -13.58 -52.00
C ASP D 132 4.56 -13.94 -52.58
N MET D 133 4.10 -15.17 -52.32
CA MET D 133 2.80 -15.65 -52.79
C MET D 133 1.68 -15.26 -51.83
N GLY D 134 2.03 -14.63 -50.72
CA GLY D 134 1.10 -14.47 -49.62
C GLY D 134 1.02 -15.78 -48.85
N GLY D 135 0.36 -15.76 -47.70
CA GLY D 135 0.21 -16.94 -46.86
C GLY D 135 1.50 -17.39 -46.20
N GLY D 136 2.57 -16.63 -46.37
CA GLY D 136 3.86 -16.98 -45.80
C GLY D 136 4.71 -17.90 -46.66
N CYS D 137 4.29 -18.14 -47.90
CA CYS D 137 5.10 -18.92 -48.86
C CYS D 137 5.86 -18.05 -49.86
N PHE D 138 6.99 -18.58 -50.34
CA PHE D 138 7.73 -18.02 -51.44
C PHE D 138 7.66 -18.97 -52.64
N LYS D 139 7.33 -18.42 -53.81
CA LYS D 139 7.58 -19.12 -55.06
C LYS D 139 9.04 -18.90 -55.40
N ILE D 140 9.80 -19.98 -55.58
CA ILE D 140 11.20 -19.88 -55.97
C ILE D 140 11.33 -20.24 -57.45
N TYR D 141 11.82 -19.29 -58.24
CA TYR D 141 11.74 -19.39 -59.70
C TYR D 141 12.93 -20.09 -60.36
N HIS D 142 13.56 -21.01 -59.65
CA HIS D 142 14.63 -21.81 -60.21
C HIS D 142 14.58 -23.21 -59.63
N LYS D 143 15.12 -24.18 -60.38
CA LYS D 143 15.27 -25.55 -59.89
C LYS D 143 16.01 -25.49 -58.55
N CYS D 144 15.48 -26.19 -57.55
CA CYS D 144 15.92 -25.98 -56.18
C CYS D 144 15.74 -27.22 -55.32
N ASP D 145 16.67 -28.16 -55.46
CA ASP D 145 16.59 -29.45 -54.75
C ASP D 145 16.75 -29.32 -53.23
N ASN D 146 16.72 -30.45 -52.53
CA ASN D 146 16.78 -30.46 -51.06
C ASN D 146 18.02 -29.78 -50.49
N ALA D 147 19.16 -29.97 -51.16
CA ALA D 147 20.43 -29.37 -50.75
C ALA D 147 20.45 -27.85 -50.94
N CYS D 148 19.73 -27.39 -51.97
CA CYS D 148 19.55 -25.95 -52.17
C CYS D 148 18.64 -25.33 -51.11
N ILE D 149 17.55 -26.02 -50.76
CA ILE D 149 16.66 -25.63 -49.65
C ILE D 149 17.44 -25.63 -48.33
N GLY D 150 18.32 -26.61 -48.16
CA GLY D 150 19.21 -26.70 -46.99
C GLY D 150 20.05 -25.46 -46.79
N SER D 151 20.58 -24.91 -47.89
CA SER D 151 21.37 -23.68 -47.86
C SER D 151 20.58 -22.48 -47.36
N ILE D 152 19.32 -22.40 -47.78
CA ILE D 152 18.41 -21.36 -47.30
C ILE D 152 18.20 -21.52 -45.80
N ARG D 153 17.89 -22.74 -45.38
CA ARG D 153 17.66 -23.04 -43.99
C ARG D 153 18.84 -22.63 -43.09
N ASN D 154 20.06 -23.00 -43.47
CA ASN D 154 21.24 -22.65 -42.66
C ASN D 154 21.86 -21.29 -43.03
N GLY D 155 21.19 -20.57 -43.92
CA GLY D 155 21.55 -19.19 -44.27
C GLY D 155 22.78 -18.99 -45.15
N THR D 156 23.06 -19.95 -46.02
CA THR D 156 24.22 -19.86 -46.92
C THR D 156 23.81 -19.90 -48.39
N TYR D 157 22.57 -19.49 -48.67
CA TYR D 157 22.04 -19.47 -50.02
C TYR D 157 22.61 -18.30 -50.80
N ASP D 158 23.30 -18.58 -51.90
CA ASP D 158 23.91 -17.57 -52.73
C ASP D 158 23.04 -17.29 -53.95
N HIS D 159 22.35 -16.16 -53.94
CA HIS D 159 21.41 -15.79 -55.01
C HIS D 159 22.09 -15.58 -56.38
N TYR D 160 23.37 -15.23 -56.38
CA TYR D 160 24.07 -14.93 -57.62
C TYR D 160 24.20 -16.17 -58.51
N ILE D 161 24.10 -17.35 -57.91
CA ILE D 161 24.17 -18.61 -58.66
C ILE D 161 22.92 -18.81 -59.51
N TYR D 162 21.77 -18.37 -59.01
CA TYR D 162 20.49 -18.62 -59.69
C TYR D 162 19.87 -17.38 -60.33
N ARG D 163 20.45 -16.21 -60.10
CA ARG D 163 19.86 -14.96 -60.53
C ARG D 163 19.37 -15.00 -61.99
N ASP D 164 20.17 -15.53 -62.89
CA ASP D 164 19.83 -15.51 -64.32
C ASP D 164 18.71 -16.48 -64.71
N GLU D 165 18.71 -17.68 -64.13
CA GLU D 165 17.60 -18.61 -64.30
C GLU D 165 16.32 -17.96 -63.75
N ALA D 166 16.38 -17.52 -62.49
CA ALA D 166 15.26 -16.90 -61.80
C ALA D 166 14.66 -15.71 -62.56
N LEU D 167 15.48 -14.72 -62.87
CA LEU D 167 15.03 -13.53 -63.60
C LEU D 167 14.46 -13.88 -64.97
N ASN D 168 14.97 -14.95 -65.57
CA ASN D 168 14.40 -15.43 -66.81
C ASN D 168 12.96 -15.89 -66.59
N ASN D 169 12.76 -16.76 -65.60
CA ASN D 169 11.44 -17.31 -65.31
C ASN D 169 10.40 -16.28 -64.80
N ARG D 170 10.87 -15.25 -64.10
CA ARG D 170 9.99 -14.20 -63.59
C ARG D 170 9.51 -13.25 -64.69
N PHE D 171 10.37 -12.95 -65.67
CA PHE D 171 10.04 -12.00 -66.75
C PHE D 171 10.56 -12.51 -68.09
N SER E 1 5.15 13.18 -63.49
CA SER E 1 4.85 12.08 -64.46
C SER E 1 4.98 12.50 -65.95
N GLN E 2 4.26 13.53 -66.42
CA GLN E 2 3.27 14.30 -65.64
C GLN E 2 1.83 13.96 -66.10
N ASN E 3 1.46 14.47 -67.28
CA ASN E 3 0.16 14.27 -67.91
C ASN E 3 -1.08 14.71 -67.12
N PRO E 4 -1.65 15.87 -67.48
CA PRO E 4 -2.77 16.53 -66.81
C PRO E 4 -3.98 15.60 -66.57
N ILE E 5 -4.37 14.88 -67.60
CA ILE E 5 -5.44 13.89 -67.51
C ILE E 5 -4.80 12.51 -67.41
N SER E 6 -5.07 11.81 -66.31
CA SER E 6 -4.45 10.49 -66.09
C SER E 6 -4.94 9.43 -67.09
N ASN E 7 -4.15 8.37 -67.22
CA ASN E 7 -4.36 7.34 -68.23
C ASN E 7 -5.39 6.28 -67.81
N ASN E 8 -6.19 5.82 -68.77
CA ASN E 8 -7.17 4.77 -68.53
C ASN E 8 -6.57 3.41 -68.18
N ASN E 9 -5.34 3.16 -68.65
CA ASN E 9 -4.66 1.89 -68.44
C ASN E 9 -3.80 1.82 -67.18
N THR E 10 -4.02 2.76 -66.26
CA THR E 10 -3.40 2.73 -64.93
C THR E 10 -4.40 3.20 -63.88
N ALA E 11 -4.05 3.02 -62.61
CA ALA E 11 -4.88 3.46 -61.50
C ALA E 11 -4.02 3.77 -60.28
N THR E 12 -4.54 4.59 -59.38
CA THR E 12 -3.85 4.91 -58.13
C THR E 12 -4.68 4.45 -56.93
N LEU E 13 -4.03 3.78 -55.98
CA LEU E 13 -4.70 3.34 -54.78
C LEU E 13 -3.95 3.82 -53.55
N CYS E 14 -4.57 4.70 -52.76
CA CYS E 14 -3.93 5.18 -51.56
C CYS E 14 -4.60 4.66 -50.31
N LEU E 15 -3.79 4.27 -49.34
CA LEU E 15 -4.29 3.81 -48.07
C LEU E 15 -4.03 4.89 -47.04
N GLY E 16 -4.94 5.03 -46.08
CA GLY E 16 -4.83 6.07 -45.09
C GLY E 16 -5.77 5.87 -43.94
N HIS E 17 -5.79 6.85 -43.05
CA HIS E 17 -6.59 6.79 -41.84
C HIS E 17 -7.32 8.09 -41.63
N HIS E 18 -8.28 8.08 -40.72
CA HIS E 18 -9.11 9.24 -40.48
C HIS E 18 -8.40 10.28 -39.61
N ALA E 19 -9.02 11.46 -39.51
CA ALA E 19 -8.52 12.54 -38.66
C ALA E 19 -9.68 13.46 -38.30
N VAL E 20 -9.53 14.15 -37.18
CA VAL E 20 -10.50 15.14 -36.76
C VAL E 20 -9.81 16.52 -36.76
N ALA E 21 -10.59 17.58 -36.94
CA ALA E 21 -10.03 18.93 -36.94
C ALA E 21 -9.55 19.33 -35.53
N ASN E 22 -10.44 19.25 -34.55
CA ASN E 22 -10.06 19.52 -33.17
C ASN E 22 -9.68 18.24 -32.43
N GLY E 23 -8.37 18.05 -32.25
CA GLY E 23 -7.87 16.91 -31.48
C GLY E 23 -7.79 17.24 -30.01
N THR E 24 -7.12 16.36 -29.26
CA THR E 24 -6.93 16.51 -27.82
C THR E 24 -5.61 15.83 -27.40
N LEU E 25 -4.89 16.45 -26.45
CA LEU E 25 -3.56 16.00 -26.05
C LEU E 25 -3.56 14.97 -24.92
N VAL E 26 -2.77 13.90 -25.08
CA VAL E 26 -2.59 12.91 -24.01
C VAL E 26 -1.10 12.64 -23.74
N LYS E 27 -0.82 11.89 -22.66
CA LYS E 27 0.53 11.60 -22.24
C LYS E 27 0.85 10.11 -22.36
N THR E 28 2.02 9.79 -22.90
CA THR E 28 2.45 8.39 -23.08
C THR E 28 3.81 8.15 -22.42
N ILE E 29 4.33 6.93 -22.56
CA ILE E 29 5.71 6.61 -22.14
C ILE E 29 6.78 7.35 -22.99
N SER E 30 6.47 7.57 -24.27
CA SER E 30 7.37 8.22 -25.23
C SER E 30 7.28 9.74 -25.27
N ASP E 31 6.10 10.29 -25.01
CA ASP E 31 5.86 11.72 -25.19
C ASP E 31 5.13 12.36 -24.02
N ASP E 32 5.55 13.57 -23.64
CA ASP E 32 4.87 14.35 -22.61
C ASP E 32 3.45 14.68 -23.10
N GLN E 33 3.38 15.15 -24.34
CA GLN E 33 2.13 15.55 -25.00
C GLN E 33 2.12 14.98 -26.41
N ILE E 34 0.97 14.45 -26.82
CA ILE E 34 0.79 13.91 -28.17
C ILE E 34 -0.70 13.99 -28.52
N GLU E 35 -1.02 14.41 -29.75
CA GLU E 35 -2.42 14.64 -30.11
C GLU E 35 -3.14 13.38 -30.60
N VAL E 36 -4.31 13.09 -30.01
CA VAL E 36 -5.15 11.96 -30.44
C VAL E 36 -6.53 12.44 -30.88
N THR E 37 -7.26 11.56 -31.58
CA THR E 37 -8.55 11.91 -32.17
C THR E 37 -9.64 12.07 -31.11
N ASN E 38 -9.49 11.34 -30.01
CA ASN E 38 -10.38 11.50 -28.86
C ASN E 38 -9.79 10.89 -27.59
N ALA E 39 -10.27 11.36 -26.44
CA ALA E 39 -9.84 10.85 -25.15
C ALA E 39 -10.96 11.02 -24.12
N THR E 40 -10.94 10.21 -23.08
CA THR E 40 -11.89 10.35 -21.98
C THR E 40 -11.18 10.72 -20.69
N GLU E 41 -11.84 11.56 -19.90
CA GLU E 41 -11.43 11.89 -18.55
C GLU E 41 -11.68 10.69 -17.64
N LEU E 42 -10.69 10.36 -16.81
CA LEU E 42 -10.79 9.21 -15.93
C LEU E 42 -10.88 9.61 -14.47
N VAL E 43 -10.79 10.91 -14.20
CA VAL E 43 -10.89 11.43 -12.84
C VAL E 43 -12.18 12.22 -12.66
N GLN E 44 -13.01 11.78 -11.72
CA GLN E 44 -14.23 12.47 -11.37
C GLN E 44 -13.92 13.59 -10.37
N SER E 45 -14.24 14.84 -10.72
CA SER E 45 -13.90 15.96 -9.86
C SER E 45 -15.06 16.91 -9.58
N ILE E 46 -16.23 16.56 -10.09
CA ILE E 46 -17.46 17.30 -9.82
C ILE E 46 -18.40 16.39 -9.05
N SER E 47 -18.99 16.92 -7.97
CA SER E 47 -20.01 16.19 -7.24
C SER E 47 -21.40 16.64 -7.68
N MET E 48 -22.43 15.96 -7.20
CA MET E 48 -23.81 16.34 -7.49
C MET E 48 -24.28 17.48 -6.60
N GLY E 49 -23.49 17.81 -5.58
CA GLY E 49 -23.80 18.91 -4.66
C GLY E 49 -24.73 18.51 -3.52
N LYS E 50 -25.31 17.31 -3.62
CA LYS E 50 -26.27 16.81 -2.64
C LYS E 50 -26.13 15.30 -2.46
N ILE E 51 -26.71 14.78 -1.38
CA ILE E 51 -26.69 13.34 -1.08
C ILE E 51 -27.94 12.65 -1.61
N CYS E 52 -27.74 11.65 -2.46
CA CYS E 52 -28.84 10.90 -3.06
C CYS E 52 -29.41 9.88 -2.06
N ASN E 53 -30.73 9.92 -1.88
CA ASN E 53 -31.39 9.11 -0.84
C ASN E 53 -31.91 7.75 -1.30
N ASN E 54 -31.72 7.43 -2.58
CA ASN E 54 -32.43 6.30 -3.20
C ASN E 54 -31.71 4.94 -3.26
N SER E 55 -30.42 4.95 -3.58
CA SER E 55 -29.63 3.72 -3.59
C SER E 55 -29.49 3.15 -2.17
N TYR E 56 -28.69 3.83 -1.34
CA TYR E 56 -28.51 3.42 0.05
C TYR E 56 -29.51 4.13 0.97
N ARG E 57 -29.77 3.51 2.13
CA ARG E 57 -30.72 4.04 3.10
C ARG E 57 -30.05 5.10 3.97
N ILE E 58 -30.29 6.36 3.63
CA ILE E 58 -29.60 7.48 4.27
C ILE E 58 -30.42 7.99 5.45
N LEU E 59 -29.74 8.32 6.55
CA LEU E 59 -30.39 8.87 7.73
C LEU E 59 -29.74 10.18 8.14
N ASP E 60 -30.53 11.25 8.12
CA ASP E 60 -30.05 12.58 8.49
C ASP E 60 -30.10 12.73 10.01
N GLY E 61 -28.95 13.05 10.60
CA GLY E 61 -28.86 13.23 12.05
C GLY E 61 -29.38 14.57 12.52
N ARG E 62 -29.61 15.47 11.57
CA ARG E 62 -30.11 16.82 11.84
C ARG E 62 -29.21 17.51 12.87
N ASN E 63 -29.76 17.91 14.02
CA ASN E 63 -28.93 18.49 15.08
C ASN E 63 -28.63 17.53 16.23
N CYS E 64 -28.57 16.23 15.93
CA CYS E 64 -28.13 15.21 16.88
C CYS E 64 -26.91 14.46 16.39
N THR E 65 -25.99 14.16 17.31
CA THR E 65 -24.89 13.26 17.01
C THR E 65 -25.39 11.83 17.18
N LEU E 66 -24.77 10.90 16.48
CA LEU E 66 -25.11 9.48 16.60
C LEU E 66 -25.05 8.97 18.05
N ILE E 67 -24.10 9.48 18.82
CA ILE E 67 -23.93 9.10 20.22
C ILE E 67 -25.06 9.63 21.12
N ASP E 68 -25.48 10.88 20.88
CA ASP E 68 -26.64 11.47 21.57
C ASP E 68 -27.93 10.70 21.29
N ALA E 69 -28.19 10.43 20.01
CA ALA E 69 -29.34 9.66 19.58
C ALA E 69 -29.39 8.29 20.25
N MET E 70 -28.22 7.72 20.48
CA MET E 70 -28.10 6.43 21.14
C MET E 70 -28.30 6.56 22.65
N LEU E 71 -27.69 7.59 23.25
CA LEU E 71 -27.81 7.84 24.70
C LEU E 71 -29.25 8.12 25.12
N GLY E 72 -29.98 8.87 24.29
CA GLY E 72 -31.38 9.21 24.57
C GLY E 72 -31.60 10.64 25.01
N ASP E 73 -30.79 11.55 24.47
CA ASP E 73 -30.96 13.00 24.63
C ASP E 73 -32.39 13.39 24.22
N PRO E 74 -33.08 14.18 25.07
CA PRO E 74 -34.44 14.65 24.78
C PRO E 74 -34.66 15.17 23.36
N HIS E 75 -33.82 16.09 22.89
CA HIS E 75 -34.02 16.66 21.55
C HIS E 75 -33.68 15.67 20.42
N CYS E 76 -33.35 14.45 20.79
CA CYS E 76 -33.04 13.37 19.83
C CYS E 76 -34.08 12.25 19.85
N ASP E 77 -35.15 12.44 20.62
CA ASP E 77 -36.18 11.42 20.83
C ASP E 77 -36.80 10.83 19.56
N VAL E 78 -36.82 11.62 18.48
CA VAL E 78 -37.36 11.17 17.20
C VAL E 78 -36.58 9.98 16.61
N PHE E 79 -35.33 9.82 17.02
CA PHE E 79 -34.43 8.81 16.46
C PHE E 79 -34.60 7.40 17.07
N GLN E 80 -35.55 7.26 18.00
CA GLN E 80 -35.77 5.98 18.68
C GLN E 80 -36.03 4.84 17.71
N TYR E 81 -35.35 3.71 17.94
CA TYR E 81 -35.49 2.48 17.13
C TYR E 81 -35.36 2.74 15.63
N GLU E 82 -34.31 3.45 15.24
CA GLU E 82 -34.02 3.74 13.84
C GLU E 82 -32.84 2.90 13.37
N ASN E 83 -32.83 2.59 12.07
CA ASN E 83 -31.67 1.97 11.44
C ASN E 83 -31.28 2.61 10.10
N TRP E 84 -30.03 2.38 9.70
CA TRP E 84 -29.46 3.11 8.57
C TRP E 84 -28.38 2.31 7.86
N ASP E 85 -28.09 2.70 6.63
CA ASP E 85 -26.85 2.30 5.97
C ASP E 85 -25.82 3.38 6.26
N LEU E 86 -26.21 4.64 6.02
CA LEU E 86 -25.34 5.76 6.30
C LEU E 86 -26.05 6.80 7.16
N PHE E 87 -25.46 7.09 8.32
CA PHE E 87 -25.93 8.16 9.20
C PHE E 87 -25.11 9.41 8.87
N ILE E 88 -25.80 10.54 8.72
CA ILE E 88 -25.10 11.79 8.44
C ILE E 88 -25.09 12.70 9.68
N GLU E 89 -23.89 12.93 10.22
CA GLU E 89 -23.69 13.90 11.30
C GLU E 89 -23.40 15.28 10.72
N ARG E 90 -24.07 16.29 11.26
CA ARG E 90 -23.92 17.67 10.82
C ARG E 90 -22.99 18.42 11.77
N SER E 91 -22.31 19.43 11.24
CA SER E 91 -21.37 20.23 12.00
C SER E 91 -22.04 21.10 13.06
N SER E 92 -23.34 21.36 12.87
CA SER E 92 -24.11 22.21 13.78
C SER E 92 -24.77 21.46 14.95
N ALA E 93 -24.61 20.13 14.98
CA ALA E 93 -25.22 19.31 16.02
C ALA E 93 -24.67 19.64 17.41
N PHE E 94 -25.50 19.46 18.43
CA PHE E 94 -25.08 19.69 19.82
C PHE E 94 -25.70 18.69 20.79
N SER E 95 -25.17 18.65 22.01
CA SER E 95 -25.76 17.88 23.10
C SER E 95 -26.64 18.78 23.96
N ASN E 96 -27.76 18.25 24.42
CA ASN E 96 -28.71 19.01 25.22
C ASN E 96 -29.21 18.29 26.48
N CYS E 97 -28.27 17.76 27.26
CA CYS E 97 -28.60 17.01 28.46
C CYS E 97 -27.53 17.24 29.53
N TYR E 98 -27.38 16.30 30.47
CA TYR E 98 -26.36 16.41 31.52
C TYR E 98 -24.95 16.28 30.90
N PRO E 99 -24.03 17.23 31.24
CA PRO E 99 -22.68 17.28 30.65
C PRO E 99 -21.87 16.02 30.95
N TYR E 100 -21.29 15.45 29.90
CA TYR E 100 -20.70 14.11 29.98
C TYR E 100 -19.42 13.98 29.15
N ASP E 101 -18.71 12.87 29.37
CA ASP E 101 -17.61 12.47 28.50
C ASP E 101 -17.64 10.95 28.30
N ILE E 102 -17.18 10.52 27.13
CA ILE E 102 -17.02 9.10 26.85
C ILE E 102 -15.56 8.81 26.49
N PRO E 103 -14.81 8.20 27.43
CA PRO E 103 -13.45 7.77 27.10
C PRO E 103 -13.49 6.77 25.96
N ASP E 104 -12.69 7.01 24.92
CA ASP E 104 -12.78 6.30 23.64
C ASP E 104 -14.15 6.47 22.95
N TYR E 105 -14.67 7.69 23.03
CA TYR E 105 -15.82 8.12 22.24
C TYR E 105 -15.72 7.56 20.82
N ALA E 106 -14.55 7.74 20.22
CA ALA E 106 -14.29 7.34 18.85
C ALA E 106 -14.63 5.86 18.59
N SER E 107 -14.37 5.01 19.58
CA SER E 107 -14.58 3.58 19.40
C SER E 107 -16.05 3.21 19.51
N LEU E 108 -16.76 3.81 20.45
CA LEU E 108 -18.19 3.53 20.62
C LEU E 108 -18.97 4.00 19.40
N ARG E 109 -18.66 5.22 18.93
CA ARG E 109 -19.30 5.79 17.73
C ARG E 109 -19.15 4.84 16.56
N SER E 110 -17.94 4.31 16.38
CA SER E 110 -17.62 3.40 15.29
C SER E 110 -18.31 2.03 15.43
N ILE E 111 -18.47 1.55 16.66
CA ILE E 111 -19.14 0.26 16.90
C ILE E 111 -20.62 0.34 16.56
N VAL E 112 -21.26 1.44 16.96
CA VAL E 112 -22.69 1.64 16.72
C VAL E 112 -22.96 1.93 15.24
N ALA E 113 -22.16 2.81 14.64
CA ALA E 113 -22.33 3.17 13.24
C ALA E 113 -22.27 1.95 12.34
N SER E 114 -21.27 1.09 12.59
CA SER E 114 -21.02 -0.10 11.80
C SER E 114 -22.10 -1.16 11.99
N SER E 115 -22.68 -1.19 13.19
CA SER E 115 -23.81 -2.06 13.50
C SER E 115 -24.99 -1.66 12.63
N GLY E 116 -25.32 -0.36 12.65
CA GLY E 116 -26.33 0.20 11.75
C GLY E 116 -27.76 0.10 12.21
N THR E 117 -27.98 0.24 13.53
CA THR E 117 -29.31 0.20 14.13
C THR E 117 -29.29 0.68 15.58
N LEU E 118 -30.41 1.26 16.04
CA LEU E 118 -30.55 1.63 17.43
C LEU E 118 -31.64 0.80 18.10
N GLU E 119 -31.65 -0.49 17.78
CA GLU E 119 -32.60 -1.44 18.35
C GLU E 119 -32.29 -1.71 19.82
N PHE E 120 -33.21 -1.28 20.68
CA PHE E 120 -33.03 -1.27 22.12
C PHE E 120 -34.17 -2.00 22.80
N THR E 121 -33.85 -3.06 23.54
CA THR E 121 -34.85 -3.79 24.33
C THR E 121 -34.71 -3.48 25.81
N ALA E 122 -35.81 -3.11 26.46
CA ALA E 122 -35.80 -2.88 27.90
C ALA E 122 -35.56 -4.21 28.62
N GLU E 123 -35.04 -4.12 29.84
CA GLU E 123 -34.80 -5.30 30.67
C GLU E 123 -35.16 -5.04 32.13
N GLY E 124 -35.67 -6.07 32.78
CA GLY E 124 -36.13 -5.95 34.15
C GLY E 124 -35.03 -6.03 35.18
N PHE E 125 -34.42 -4.89 35.46
CA PHE E 125 -33.41 -4.79 36.51
C PHE E 125 -34.07 -4.54 37.85
N THR E 126 -33.44 -5.02 38.93
CA THR E 126 -33.97 -4.91 40.29
C THR E 126 -33.04 -4.06 41.18
N TRP E 127 -33.39 -2.79 41.36
CA TRP E 127 -32.56 -1.85 42.12
C TRP E 127 -33.01 -1.74 43.57
N THR E 128 -32.70 -2.78 44.33
CA THR E 128 -33.14 -2.92 45.72
C THR E 128 -32.46 -1.89 46.63
N GLY E 129 -33.26 -0.95 47.13
CA GLY E 129 -32.81 -0.02 48.17
C GLY E 129 -32.41 1.37 47.70
N VAL E 130 -32.71 1.68 46.44
CA VAL E 130 -32.39 2.99 45.86
C VAL E 130 -33.56 3.60 45.09
N THR E 131 -33.51 4.91 44.89
CA THR E 131 -34.48 5.63 44.06
C THR E 131 -34.04 5.62 42.59
N GLN E 132 -35.00 5.49 41.69
CA GLN E 132 -34.74 5.42 40.26
C GLN E 132 -35.21 6.69 39.54
N ASN E 133 -34.83 6.81 38.26
CA ASN E 133 -35.26 7.91 37.37
C ASN E 133 -34.86 9.30 37.86
N GLY E 134 -33.58 9.45 38.23
CA GLY E 134 -33.02 10.73 38.63
C GLY E 134 -33.03 11.72 37.47
N ARG E 135 -33.53 12.92 37.74
CA ARG E 135 -33.75 13.94 36.72
C ARG E 135 -32.78 15.11 36.89
N SER E 136 -32.68 15.94 35.86
CA SER E 136 -31.83 17.13 35.89
C SER E 136 -32.46 18.34 35.21
N GLY E 137 -32.16 19.52 35.76
CA GLY E 137 -32.58 20.79 35.17
C GLY E 137 -31.76 21.19 33.94
N ALA E 138 -30.70 20.44 33.67
CA ALA E 138 -29.87 20.66 32.50
C ALA E 138 -30.30 19.78 31.32
N CYS E 139 -31.30 18.93 31.56
CA CYS E 139 -31.79 17.97 30.58
C CYS E 139 -33.31 18.00 30.52
N LYS E 140 -33.86 19.08 29.97
CA LYS E 140 -35.31 19.30 29.87
C LYS E 140 -35.98 18.46 28.77
N ARG E 141 -36.93 17.61 29.17
CA ARG E 141 -37.79 16.90 28.22
C ARG E 141 -39.24 17.28 28.49
N GLY E 142 -39.92 17.76 27.45
CA GLY E 142 -41.27 18.30 27.60
C GLY E 142 -41.17 19.62 28.34
N SER E 143 -41.64 19.62 29.58
CA SER E 143 -41.47 20.76 30.47
C SER E 143 -40.66 20.32 31.69
N ALA E 144 -40.98 19.11 32.17
CA ALA E 144 -40.37 18.54 33.35
C ALA E 144 -38.87 18.27 33.17
N ASP E 145 -38.15 18.25 34.29
CA ASP E 145 -36.77 17.79 34.32
C ASP E 145 -36.73 16.33 33.92
N SER E 146 -35.70 15.96 33.16
CA SER E 146 -35.59 14.62 32.63
C SER E 146 -34.15 14.13 32.56
N PHE E 147 -33.95 12.99 31.90
CA PHE E 147 -32.64 12.37 31.78
C PHE E 147 -32.54 11.62 30.46
N PHE E 148 -31.36 11.07 30.16
CA PHE E 148 -31.18 10.20 29.01
C PHE E 148 -32.21 9.08 29.08
N SER E 149 -33.05 8.97 28.04
CA SER E 149 -34.12 7.98 28.00
C SER E 149 -33.60 6.54 28.13
N ARG E 150 -32.32 6.35 27.83
CA ARG E 150 -31.72 5.01 27.82
C ARG E 150 -30.89 4.70 29.08
N LEU E 151 -30.75 5.68 29.97
CA LEU E 151 -29.99 5.47 31.21
C LEU E 151 -30.81 5.83 32.45
N ASN E 152 -30.38 5.32 33.60
CA ASN E 152 -31.18 5.39 34.84
C ASN E 152 -30.37 5.89 36.04
N TRP E 153 -30.51 7.18 36.36
CA TRP E 153 -29.76 7.81 37.46
C TRP E 153 -30.28 7.31 38.80
N LEU E 154 -29.37 6.78 39.63
CA LEU E 154 -29.73 6.22 40.93
C LEU E 154 -29.19 7.07 42.07
N THR E 155 -30.01 7.26 43.09
CA THR E 155 -29.62 8.03 44.27
C THR E 155 -30.08 7.33 45.55
N LYS E 156 -29.64 7.83 46.69
CA LYS E 156 -30.01 7.27 47.99
C LYS E 156 -31.53 7.21 48.22
N SER E 157 -31.97 6.17 48.92
CA SER E 157 -33.36 6.04 49.36
C SER E 157 -33.40 5.89 50.89
N GLY E 158 -34.01 6.87 51.53
CA GLY E 158 -34.05 6.92 52.99
C GLY E 158 -32.69 7.26 53.56
N ASN E 159 -32.22 6.43 54.48
CA ASN E 159 -31.01 6.67 55.24
C ASN E 159 -29.74 6.14 54.57
N SER E 160 -29.91 5.22 53.62
CA SER E 160 -28.76 4.47 53.09
C SER E 160 -28.77 4.19 51.58
N TYR E 161 -27.57 3.93 51.06
CA TYR E 161 -27.34 3.47 49.70
C TYR E 161 -26.63 2.11 49.82
N PRO E 162 -27.39 1.01 49.68
CA PRO E 162 -26.86 -0.34 49.89
C PRO E 162 -25.97 -0.80 48.75
N THR E 163 -25.17 -1.84 48.97
CA THR E 163 -24.32 -2.41 47.92
C THR E 163 -25.19 -3.13 46.88
N LEU E 164 -25.23 -2.57 45.67
CA LEU E 164 -26.04 -3.13 44.60
C LEU E 164 -25.34 -4.32 43.95
N ASN E 165 -26.13 -5.35 43.64
CA ASN E 165 -25.60 -6.59 43.10
C ASN E 165 -26.66 -7.24 42.22
N VAL E 166 -26.56 -6.98 40.92
CA VAL E 166 -27.59 -7.43 39.98
C VAL E 166 -27.01 -8.26 38.83
N THR E 167 -27.79 -9.24 38.39
CA THR E 167 -27.40 -10.13 37.29
C THR E 167 -28.32 -9.90 36.07
N MET E 168 -27.87 -10.38 34.91
CA MET E 168 -28.66 -10.35 33.68
C MET E 168 -28.06 -11.26 32.61
N PRO E 169 -28.55 -12.51 32.51
CA PRO E 169 -27.98 -13.46 31.55
C PRO E 169 -28.34 -13.12 30.09
N ASN E 170 -27.41 -13.38 29.19
CA ASN E 170 -27.69 -13.32 27.76
C ASN E 170 -28.03 -14.71 27.23
N ASN E 171 -29.32 -15.03 27.19
CA ASN E 171 -29.80 -16.33 26.72
C ASN E 171 -30.20 -16.32 25.24
N LYS E 172 -29.89 -15.22 24.56
CA LYS E 172 -30.19 -15.08 23.14
C LYS E 172 -29.09 -15.73 22.28
N ASN E 173 -28.96 -15.27 21.04
CA ASN E 173 -27.93 -15.80 20.12
C ASN E 173 -27.21 -14.69 19.38
N PHE E 174 -27.15 -13.52 20.01
CA PHE E 174 -26.45 -12.37 19.46
C PHE E 174 -25.78 -11.56 20.57
N ASP E 175 -24.77 -10.76 20.19
CA ASP E 175 -24.04 -9.94 21.13
C ASP E 175 -24.92 -8.78 21.62
N LYS E 176 -24.94 -8.58 22.94
CA LYS E 176 -25.67 -7.49 23.56
C LYS E 176 -24.75 -6.33 23.85
N LEU E 177 -25.20 -5.11 23.59
CA LEU E 177 -24.42 -3.92 23.95
C LEU E 177 -25.10 -3.12 25.05
N TYR E 178 -24.49 -3.12 26.23
CA TYR E 178 -25.00 -2.35 27.36
C TYR E 178 -24.23 -1.05 27.53
N ILE E 179 -24.98 0.05 27.65
CA ILE E 179 -24.38 1.36 27.88
C ILE E 179 -24.67 1.76 29.32
N TRP E 180 -23.63 2.10 30.07
CA TRP E 180 -23.78 2.48 31.47
C TRP E 180 -22.88 3.66 31.80
N GLY E 181 -22.96 4.15 33.02
CA GLY E 181 -22.20 5.33 33.41
C GLY E 181 -21.95 5.54 34.89
N ILE E 182 -21.16 6.57 35.20
CA ILE E 182 -20.82 6.93 36.57
C ILE E 182 -20.88 8.45 36.73
N HIS E 183 -21.29 8.91 37.91
CA HIS E 183 -21.43 10.34 38.17
C HIS E 183 -20.28 10.90 38.99
N HIS E 184 -19.79 12.07 38.59
CA HIS E 184 -18.75 12.80 39.33
C HIS E 184 -19.37 14.06 39.94
N PRO E 185 -19.62 14.05 41.28
CA PRO E 185 -20.14 15.25 41.96
C PRO E 185 -19.11 16.38 42.02
N SER E 186 -19.60 17.60 42.20
CA SER E 186 -18.74 18.78 42.21
C SER E 186 -18.07 19.02 43.56
N SER E 187 -18.69 18.52 44.63
CA SER E 187 -18.20 18.73 45.99
C SER E 187 -18.38 17.50 46.88
N ASN E 188 -17.74 17.50 48.04
CA ASN E 188 -17.91 16.44 49.03
C ASN E 188 -19.33 16.43 49.61
N GLN E 189 -19.86 17.62 49.89
CA GLN E 189 -21.23 17.77 50.37
C GLN E 189 -22.22 17.07 49.44
N GLU E 190 -22.01 17.24 48.14
CA GLU E 190 -22.89 16.69 47.11
C GLU E 190 -22.80 15.17 47.03
N GLN E 191 -21.58 14.64 47.15
CA GLN E 191 -21.33 13.20 47.14
C GLN E 191 -22.18 12.49 48.19
N THR E 192 -22.03 12.92 49.44
CA THR E 192 -22.69 12.29 50.58
C THR E 192 -24.19 12.57 50.61
N LYS E 193 -24.59 13.72 50.07
CA LYS E 193 -26.01 14.06 49.94
C LYS E 193 -26.71 13.04 49.05
N LEU E 194 -26.05 12.69 47.95
CA LEU E 194 -26.67 11.84 46.93
C LEU E 194 -26.47 10.34 47.13
N TYR E 195 -25.28 9.94 47.57
CA TYR E 195 -24.93 8.51 47.64
C TYR E 195 -24.50 8.00 49.03
N ILE E 196 -24.56 8.88 50.02
CA ILE E 196 -24.14 8.57 51.40
C ILE E 196 -22.63 8.37 51.53
N GLN E 197 -22.10 7.34 50.87
CA GLN E 197 -20.68 6.98 50.94
C GLN E 197 -19.75 8.14 50.58
N GLU E 198 -18.58 8.18 51.22
CA GLU E 198 -17.54 9.14 50.88
C GLU E 198 -17.04 8.91 49.46
N SER E 199 -17.00 7.64 49.08
CA SER E 199 -16.45 7.21 47.80
C SER E 199 -17.41 6.24 47.12
N GLY E 200 -17.74 6.52 45.87
CA GLY E 200 -18.54 5.60 45.05
C GLY E 200 -17.64 4.60 44.36
N ARG E 201 -18.26 3.63 43.69
CA ARG E 201 -17.54 2.66 42.87
C ARG E 201 -18.54 1.87 42.04
N VAL E 202 -18.19 1.61 40.79
CA VAL E 202 -18.99 0.77 39.91
C VAL E 202 -18.10 -0.32 39.32
N THR E 203 -18.49 -1.58 39.50
CA THR E 203 -17.81 -2.69 38.85
C THR E 203 -18.80 -3.45 37.97
N VAL E 204 -18.56 -3.40 36.66
CA VAL E 204 -19.36 -4.14 35.70
C VAL E 204 -18.53 -5.29 35.15
N SER E 205 -19.06 -6.51 35.27
CA SER E 205 -18.31 -7.71 34.93
C SER E 205 -19.11 -8.76 34.19
N THR E 206 -18.45 -9.43 33.25
CA THR E 206 -18.97 -10.65 32.65
C THR E 206 -18.15 -11.79 33.22
N LYS E 207 -18.21 -12.96 32.59
CA LYS E 207 -17.39 -14.10 33.00
C LYS E 207 -15.94 -13.89 32.60
N ARG E 208 -15.73 -13.28 31.44
CA ARG E 208 -14.40 -13.15 30.85
C ARG E 208 -13.76 -11.78 31.04
N SER E 209 -14.51 -10.80 31.55
CA SER E 209 -14.01 -9.43 31.65
C SER E 209 -14.58 -8.68 32.85
N GLN E 210 -13.89 -7.61 33.25
CA GLN E 210 -14.38 -6.69 34.27
C GLN E 210 -13.97 -5.25 33.99
N GLN E 211 -14.77 -4.32 34.49
CA GLN E 211 -14.48 -2.90 34.43
C GLN E 211 -14.81 -2.26 35.77
N THR E 212 -13.84 -1.59 36.39
CA THR E 212 -14.09 -0.78 37.58
C THR E 212 -13.76 0.69 37.33
N ILE E 213 -14.67 1.59 37.72
CA ILE E 213 -14.39 3.02 37.71
C ILE E 213 -14.64 3.64 39.09
N ILE E 214 -13.71 4.50 39.51
CA ILE E 214 -13.86 5.30 40.73
C ILE E 214 -14.24 6.73 40.32
N PRO E 215 -15.20 7.35 41.02
CA PRO E 215 -15.57 8.75 40.73
C PRO E 215 -14.48 9.72 41.17
N ASN E 216 -14.58 10.96 40.72
CA ASN E 216 -13.63 12.00 41.09
C ASN E 216 -14.31 13.32 41.42
N ILE E 217 -14.56 13.50 42.72
CA ILE E 217 -15.19 14.71 43.24
C ILE E 217 -14.41 15.96 42.81
N GLY E 218 -15.13 16.97 42.31
CA GLY E 218 -14.50 18.22 41.91
C GLY E 218 -15.28 19.05 40.92
N SER E 219 -15.03 20.35 40.92
CA SER E 219 -15.72 21.29 40.04
C SER E 219 -15.18 21.24 38.62
N ARG E 220 -16.08 21.09 37.66
CA ARG E 220 -15.77 21.25 36.26
C ARG E 220 -16.47 22.51 35.77
N PRO E 221 -16.03 23.06 34.63
CA PRO E 221 -16.65 24.25 34.05
C PRO E 221 -18.18 24.17 34.02
N TRP E 222 -18.81 25.24 34.53
CA TRP E 222 -20.26 25.40 34.51
C TRP E 222 -20.82 25.16 33.11
N VAL E 223 -21.61 24.11 32.97
CA VAL E 223 -22.25 23.77 31.70
C VAL E 223 -23.73 23.46 31.93
N ARG E 224 -24.59 24.30 31.33
CA ARG E 224 -26.05 24.25 31.50
C ARG E 224 -26.45 24.21 32.98
N GLY E 225 -25.69 24.89 33.82
CA GLY E 225 -25.99 24.95 35.25
C GLY E 225 -25.33 23.89 36.12
N GLN E 226 -24.41 23.12 35.56
CA GLN E 226 -23.81 21.99 36.30
C GLN E 226 -22.28 21.95 36.27
N SER E 227 -21.70 21.71 37.45
CA SER E 227 -20.25 21.57 37.62
C SER E 227 -19.87 20.09 37.73
N GLY E 228 -20.86 19.23 37.94
CA GLY E 228 -20.68 17.79 37.91
C GLY E 228 -20.61 17.26 36.50
N ARG E 229 -20.24 15.98 36.38
CA ARG E 229 -20.17 15.31 35.08
C ARG E 229 -20.60 13.84 35.19
N ILE E 230 -20.87 13.24 34.05
CA ILE E 230 -21.10 11.81 33.95
C ILE E 230 -20.10 11.24 32.95
N SER E 231 -19.63 10.01 33.19
CA SER E 231 -18.73 9.35 32.27
C SER E 231 -19.33 8.05 31.80
N ILE E 232 -19.49 7.93 30.48
CA ILE E 232 -20.17 6.79 29.86
C ILE E 232 -19.22 5.69 29.44
N TYR E 233 -19.56 4.46 29.79
CA TYR E 233 -18.78 3.27 29.43
C TYR E 233 -19.70 2.25 28.77
N TRP E 234 -19.15 1.19 28.19
CA TRP E 234 -19.97 0.13 27.63
C TRP E 234 -19.44 -1.27 27.91
N THR E 235 -20.34 -2.25 27.83
CA THR E 235 -19.96 -3.65 27.96
C THR E 235 -20.75 -4.48 26.95
N ILE E 236 -20.06 -5.36 26.23
CA ILE E 236 -20.69 -6.25 25.28
C ILE E 236 -20.76 -7.64 25.90
N VAL E 237 -21.96 -8.18 26.03
CA VAL E 237 -22.15 -9.53 26.57
C VAL E 237 -22.39 -10.50 25.42
N LYS E 238 -21.55 -11.53 25.34
CA LYS E 238 -21.66 -12.57 24.33
C LYS E 238 -22.77 -13.56 24.69
N PRO E 239 -23.24 -14.37 23.70
CA PRO E 239 -24.23 -15.42 23.98
C PRO E 239 -23.72 -16.47 24.98
N GLY E 240 -24.50 -16.72 26.01
CA GLY E 240 -24.13 -17.65 27.08
C GLY E 240 -23.50 -16.93 28.27
N ASP E 241 -22.84 -15.80 27.99
CA ASP E 241 -22.20 -14.98 29.01
C ASP E 241 -23.26 -14.26 29.84
N ILE E 242 -22.84 -13.64 30.93
CA ILE E 242 -23.77 -13.03 31.90
C ILE E 242 -23.24 -11.69 32.43
N LEU E 243 -24.12 -10.70 32.53
CA LEU E 243 -23.74 -9.37 33.03
C LEU E 243 -23.93 -9.26 34.53
N MET E 244 -22.97 -8.62 35.19
CA MET E 244 -23.09 -8.33 36.63
C MET E 244 -22.74 -6.87 36.92
N ILE E 245 -23.55 -6.22 37.74
CA ILE E 245 -23.30 -4.82 38.12
C ILE E 245 -23.22 -4.67 39.64
N ASN E 246 -22.16 -4.00 40.08
CA ASN E 246 -21.89 -3.83 41.50
C ASN E 246 -21.53 -2.38 41.79
N SER E 247 -22.22 -1.77 42.76
CA SER E 247 -21.98 -0.38 43.13
C SER E 247 -22.41 -0.03 44.54
N ASN E 248 -21.54 0.64 45.27
CA ASN E 248 -21.93 1.26 46.53
C ASN E 248 -22.02 2.79 46.40
N GLY E 249 -22.38 3.24 45.20
CA GLY E 249 -22.60 4.66 44.96
C GLY E 249 -22.17 5.12 43.58
N ASN E 250 -22.87 6.13 43.08
CA ASN E 250 -22.53 6.84 41.83
C ASN E 250 -22.90 6.14 40.52
N LEU E 251 -23.63 5.03 40.61
CA LEU E 251 -24.00 4.28 39.41
C LEU E 251 -25.05 5.00 38.57
N VAL E 252 -24.77 5.14 37.28
CA VAL E 252 -25.79 5.50 36.30
C VAL E 252 -26.09 4.21 35.53
N ALA E 253 -27.18 3.56 35.91
CA ALA E 253 -27.51 2.22 35.44
C ALA E 253 -27.95 2.18 33.99
N PRO E 254 -27.88 0.99 33.36
CA PRO E 254 -28.54 0.75 32.07
C PRO E 254 -30.01 0.40 32.27
N ARG E 255 -30.79 0.55 31.20
CA ARG E 255 -32.20 0.18 31.19
C ARG E 255 -32.41 -1.03 30.30
N GLY E 256 -31.50 -1.22 29.35
CA GLY E 256 -31.58 -2.35 28.43
C GLY E 256 -30.35 -2.47 27.57
N TYR E 257 -30.41 -3.38 26.60
CA TYR E 257 -29.30 -3.62 25.71
C TYR E 257 -29.63 -3.15 24.30
N PHE E 258 -28.60 -2.84 23.52
CA PHE E 258 -28.79 -2.66 22.10
C PHE E 258 -28.42 -3.97 21.41
N LYS E 259 -29.17 -4.33 20.37
CA LYS E 259 -28.84 -5.48 19.56
C LYS E 259 -27.65 -5.11 18.68
N LEU E 260 -26.67 -6.01 18.61
CA LEU E 260 -25.50 -5.77 17.77
C LEU E 260 -25.46 -6.69 16.56
N LYS E 261 -25.55 -6.08 15.37
CA LYS E 261 -25.41 -6.79 14.10
C LYS E 261 -24.03 -6.51 13.50
N THR E 262 -23.56 -7.43 12.67
CA THR E 262 -22.43 -7.13 11.80
C THR E 262 -23.04 -6.51 10.55
N GLY E 263 -23.19 -5.19 10.58
CA GLY E 263 -23.78 -4.45 9.48
C GLY E 263 -22.75 -4.03 8.44
N LYS E 264 -23.28 -3.63 7.28
CA LYS E 264 -22.47 -3.03 6.24
C LYS E 264 -22.77 -1.53 6.23
N SER E 265 -22.76 -0.95 7.43
CA SER E 265 -23.23 0.42 7.66
C SER E 265 -22.11 1.33 8.15
N SER E 266 -22.37 2.63 8.17
CA SER E 266 -21.36 3.61 8.60
C SER E 266 -21.97 4.95 9.01
N VAL E 267 -21.10 5.90 9.35
CA VAL E 267 -21.48 7.27 9.68
C VAL E 267 -20.49 8.22 9.02
N MET E 268 -20.99 9.36 8.55
CA MET E 268 -20.19 10.34 7.80
C MET E 268 -20.51 11.75 8.22
N ARG E 269 -19.50 12.61 8.28
CA ARG E 269 -19.70 14.03 8.59
C ARG E 269 -19.87 14.83 7.31
N SER E 270 -21.00 15.52 7.17
CA SER E 270 -21.32 16.32 5.98
C SER E 270 -22.39 17.36 6.25
N ASP E 271 -22.33 18.46 5.52
CA ASP E 271 -23.27 19.57 5.69
C ASP E 271 -24.19 19.81 4.48
N VAL E 272 -24.05 18.98 3.45
CA VAL E 272 -24.83 19.15 2.22
C VAL E 272 -26.24 18.56 2.38
N PRO E 273 -27.23 19.13 1.67
CA PRO E 273 -28.62 18.63 1.82
C PRO E 273 -28.84 17.23 1.23
N ILE E 274 -29.80 16.50 1.78
CA ILE E 274 -30.19 15.18 1.28
C ILE E 274 -31.42 15.31 0.36
N ASP E 275 -31.36 14.69 -0.81
CA ASP E 275 -32.36 14.92 -1.85
C ASP E 275 -32.68 13.70 -2.72
N ILE E 276 -33.70 13.85 -3.57
CA ILE E 276 -34.16 12.80 -4.49
C ILE E 276 -33.24 12.60 -5.70
N CYS E 277 -32.54 11.47 -5.71
CA CYS E 277 -31.73 11.03 -6.85
C CYS E 277 -31.16 9.64 -6.55
N VAL E 278 -30.78 8.93 -7.60
CA VAL E 278 -30.17 7.61 -7.42
C VAL E 278 -28.67 7.70 -7.68
N SER E 279 -27.89 7.37 -6.67
CA SER E 279 -26.43 7.35 -6.76
C SER E 279 -25.84 6.36 -5.78
N GLU E 280 -24.76 5.71 -6.19
CA GLU E 280 -24.19 4.60 -5.42
C GLU E 280 -22.90 4.93 -4.66
N CYS E 281 -22.42 6.17 -4.78
CA CYS E 281 -21.24 6.63 -4.04
C CYS E 281 -21.55 7.93 -3.30
N ILE E 282 -21.10 8.01 -2.05
CA ILE E 282 -21.35 9.19 -1.21
C ILE E 282 -20.06 9.71 -0.58
N THR E 283 -19.85 11.02 -0.69
CA THR E 283 -18.73 11.71 -0.07
C THR E 283 -19.29 12.90 0.72
N PRO E 284 -18.50 13.48 1.65
CA PRO E 284 -18.97 14.66 2.37
C PRO E 284 -19.35 15.86 1.48
N ASN E 285 -18.79 15.91 0.27
CA ASN E 285 -19.14 16.96 -0.69
C ASN E 285 -20.43 16.63 -1.45
N GLY E 286 -21.00 15.47 -1.14
CA GLY E 286 -22.22 15.00 -1.80
C GLY E 286 -22.00 13.69 -2.52
N SER E 287 -23.05 13.19 -3.18
CA SER E 287 -22.95 12.01 -4.03
C SER E 287 -22.18 12.34 -5.30
N ILE E 288 -21.44 11.36 -5.81
CA ILE E 288 -20.72 11.52 -7.07
C ILE E 288 -21.06 10.37 -8.02
N SER E 289 -20.93 10.64 -9.31
CA SER E 289 -21.09 9.60 -10.33
C SER E 289 -20.00 8.56 -10.15
N ASN E 290 -20.33 7.30 -10.40
CA ASN E 290 -19.34 6.22 -10.26
C ASN E 290 -18.88 5.56 -11.58
N GLU E 291 -19.12 6.25 -12.71
CA GLU E 291 -18.76 5.71 -14.02
C GLU E 291 -17.27 5.79 -14.35
N LYS E 292 -16.55 6.70 -13.70
CA LYS E 292 -15.10 6.81 -13.88
C LYS E 292 -14.34 6.00 -12.82
N PRO E 293 -13.18 5.42 -13.18
CA PRO E 293 -12.43 4.58 -12.26
C PRO E 293 -11.79 5.34 -11.08
N PHE E 294 -11.48 6.62 -11.28
CA PHE E 294 -10.83 7.43 -10.27
C PHE E 294 -11.61 8.70 -9.94
N GLN E 295 -11.41 9.18 -8.73
CA GLN E 295 -12.05 10.40 -8.31
C GLN E 295 -11.09 11.25 -7.50
N ASN E 296 -11.38 12.54 -7.47
CA ASN E 296 -10.55 13.55 -6.82
C ASN E 296 -11.35 14.45 -5.90
N VAL E 297 -12.56 14.04 -5.55
CA VAL E 297 -13.48 14.88 -4.78
C VAL E 297 -13.18 14.82 -3.29
N ASN E 298 -13.13 13.59 -2.74
CA ASN E 298 -12.88 13.38 -1.33
C ASN E 298 -12.33 11.99 -1.01
N LYS E 299 -11.40 11.95 -0.06
CA LYS E 299 -10.84 10.67 0.38
C LYS E 299 -11.82 9.87 1.25
N VAL E 300 -12.84 10.55 1.77
CA VAL E 300 -13.90 9.93 2.58
C VAL E 300 -15.07 9.53 1.67
N THR E 301 -15.30 8.23 1.53
CA THR E 301 -16.36 7.73 0.64
C THR E 301 -17.13 6.56 1.25
N TYR E 302 -18.35 6.36 0.75
CA TYR E 302 -19.15 5.21 1.15
C TYR E 302 -19.92 4.69 -0.05
N GLY E 303 -19.92 3.38 -0.24
CA GLY E 303 -20.66 2.73 -1.32
C GLY E 303 -19.76 2.28 -2.45
N LYS E 304 -20.34 2.15 -3.65
CA LYS E 304 -19.57 1.81 -4.85
C LYS E 304 -18.87 3.06 -5.37
N CYS E 305 -17.59 3.21 -5.05
CA CYS E 305 -16.88 4.46 -5.29
C CYS E 305 -15.64 4.33 -6.19
N PRO E 306 -15.33 5.39 -6.96
CA PRO E 306 -14.04 5.43 -7.63
C PRO E 306 -12.94 5.65 -6.59
N LYS E 307 -11.72 5.24 -6.91
CA LYS E 307 -10.61 5.35 -5.98
C LYS E 307 -10.11 6.78 -5.88
N TYR E 308 -9.81 7.24 -4.66
CA TYR E 308 -9.27 8.59 -4.50
C TYR E 308 -7.82 8.70 -4.97
N ILE E 309 -7.55 9.70 -5.80
CA ILE E 309 -6.19 9.99 -6.21
C ILE E 309 -5.92 11.49 -6.08
N ARG E 310 -4.66 11.90 -6.17
CA ARG E 310 -4.28 13.30 -6.00
C ARG E 310 -4.46 14.13 -7.26
N GLN E 311 -4.34 13.49 -8.43
CA GLN E 311 -4.45 14.17 -9.72
C GLN E 311 -5.87 14.63 -9.98
N ASN E 312 -6.03 15.84 -10.52
CA ASN E 312 -7.38 16.35 -10.85
C ASN E 312 -7.88 15.97 -12.25
N THR E 313 -6.97 15.46 -13.08
CA THR E 313 -7.29 15.05 -14.46
C THR E 313 -6.33 13.97 -14.98
N LEU E 314 -6.88 13.00 -15.72
CA LEU E 314 -6.11 12.00 -16.44
C LEU E 314 -6.84 11.59 -17.72
N LYS E 315 -6.20 11.80 -18.86
CA LYS E 315 -6.83 11.55 -20.14
C LYS E 315 -6.40 10.20 -20.69
N LEU E 316 -7.36 9.38 -21.08
CA LEU E 316 -7.08 8.10 -21.72
C LEU E 316 -7.46 8.17 -23.20
N ALA E 317 -6.47 8.07 -24.08
CA ALA E 317 -6.74 8.11 -25.52
C ALA E 317 -7.77 7.05 -25.88
N THR E 318 -8.76 7.43 -26.65
CA THR E 318 -9.71 6.45 -27.20
C THR E 318 -9.63 6.43 -28.73
N GLY E 319 -8.51 6.89 -29.26
CA GLY E 319 -8.32 6.95 -30.70
C GLY E 319 -6.85 7.03 -31.06
N MET E 320 -6.57 6.76 -32.32
CA MET E 320 -5.21 6.86 -32.86
C MET E 320 -4.69 8.28 -32.80
N ARG E 321 -3.39 8.42 -33.02
CA ARG E 321 -2.76 9.71 -33.13
C ARG E 321 -3.45 10.51 -34.22
N ASN E 322 -3.77 11.77 -33.90
CA ASN E 322 -4.42 12.67 -34.84
C ASN E 322 -3.44 13.52 -35.64
N VAL E 323 -3.39 13.32 -36.95
CA VAL E 323 -2.55 14.11 -37.85
C VAL E 323 -3.46 14.86 -38.83
N PRO E 324 -3.75 16.15 -38.53
CA PRO E 324 -4.67 17.00 -39.32
C PRO E 324 -4.19 17.33 -40.73
N GLU E 325 -5.12 17.77 -41.57
CA GLU E 325 -4.84 18.10 -42.98
C GLU E 325 -4.45 19.58 -43.20
N GLY F 1 5.55 6.88 -33.87
CA GLY F 1 5.08 5.47 -33.81
C GLY F 1 6.18 4.50 -34.21
N ILE F 2 6.22 3.35 -33.56
CA ILE F 2 7.26 2.35 -33.80
C ILE F 2 7.22 1.71 -35.20
N PHE F 3 6.02 1.68 -35.81
CA PHE F 3 5.87 1.14 -37.15
C PHE F 3 6.05 2.21 -38.21
N GLY F 4 5.97 3.47 -37.79
CA GLY F 4 6.23 4.62 -38.64
C GLY F 4 5.28 4.75 -39.81
N ALA F 5 4.02 4.37 -39.60
CA ALA F 5 2.99 4.59 -40.62
C ALA F 5 2.22 5.89 -40.34
N ILE F 6 1.38 5.91 -39.30
CA ILE F 6 0.77 7.17 -38.85
C ILE F 6 1.88 8.14 -38.44
N ALA F 7 1.81 9.36 -38.98
CA ALA F 7 2.84 10.39 -38.81
C ALA F 7 4.21 9.88 -39.27
N GLY F 8 4.20 9.06 -40.32
CA GLY F 8 5.40 8.52 -40.93
C GLY F 8 5.22 8.53 -42.43
N PHE F 9 5.31 7.36 -43.06
CA PHE F 9 5.19 7.29 -44.51
C PHE F 9 3.81 7.68 -45.03
N ILE F 10 2.78 7.53 -44.19
CA ILE F 10 1.47 8.17 -44.45
C ILE F 10 1.58 9.61 -43.93
N GLU F 11 1.48 10.58 -44.83
CA GLU F 11 1.73 12.01 -44.50
C GLU F 11 0.78 12.56 -43.45
N ASN F 12 -0.52 12.35 -43.66
CA ASN F 12 -1.55 12.84 -42.75
C ASN F 12 -2.84 12.06 -42.85
N GLY F 13 -3.74 12.30 -41.90
CA GLY F 13 -5.04 11.65 -41.89
C GLY F 13 -6.05 12.27 -42.85
N TRP F 14 -7.22 11.64 -42.91
CA TRP F 14 -8.31 12.10 -43.75
C TRP F 14 -9.51 12.50 -42.91
N GLU F 15 -9.72 13.80 -42.76
CA GLU F 15 -10.92 14.33 -42.08
C GLU F 15 -12.16 13.97 -42.86
N GLY F 16 -12.00 13.83 -44.18
CA GLY F 16 -13.11 13.46 -45.06
C GLY F 16 -13.69 12.09 -44.82
N MET F 17 -12.90 11.17 -44.26
CA MET F 17 -13.38 9.82 -44.02
C MET F 17 -14.09 9.65 -42.68
N VAL F 18 -15.41 9.49 -42.75
CA VAL F 18 -16.27 9.54 -41.58
C VAL F 18 -16.83 8.18 -41.14
N ASP F 19 -16.83 7.20 -42.03
CA ASP F 19 -17.42 5.90 -41.74
C ASP F 19 -16.40 4.78 -41.49
N GLY F 20 -15.19 5.15 -41.15
CA GLY F 20 -14.14 4.18 -40.84
C GLY F 20 -12.89 4.85 -40.32
N TRP F 21 -12.00 4.04 -39.72
CA TRP F 21 -10.72 4.52 -39.20
C TRP F 21 -9.59 4.32 -40.20
N TYR F 22 -9.75 3.33 -41.07
CA TYR F 22 -8.75 3.02 -42.07
C TYR F 22 -9.47 2.79 -43.36
N GLY F 23 -8.88 3.18 -44.47
CA GLY F 23 -9.56 3.01 -45.73
C GLY F 23 -8.69 3.21 -46.94
N PHE F 24 -9.37 3.28 -48.09
CA PHE F 24 -8.71 3.45 -49.36
C PHE F 24 -9.25 4.69 -50.05
N ARG F 25 -8.44 5.29 -50.91
CA ARG F 25 -8.90 6.21 -51.95
C ARG F 25 -8.31 5.77 -53.27
N TYR F 26 -9.07 5.94 -54.34
CA TYR F 26 -8.61 5.48 -55.64
C TYR F 26 -9.03 6.41 -56.76
N GLN F 27 -8.21 6.43 -57.80
CA GLN F 27 -8.53 7.12 -59.03
C GLN F 27 -8.24 6.16 -60.17
N ASN F 28 -9.19 6.08 -61.10
CA ASN F 28 -9.06 5.25 -62.29
C ASN F 28 -9.91 5.81 -63.43
N SER F 29 -10.24 4.95 -64.39
CA SER F 29 -11.05 5.29 -65.56
C SER F 29 -12.46 5.79 -65.19
N GLU F 30 -13.08 5.13 -64.21
CA GLU F 30 -14.45 5.45 -63.80
C GLU F 30 -14.54 6.66 -62.87
N GLY F 31 -13.42 7.07 -62.30
CA GLY F 31 -13.40 8.29 -61.50
C GLY F 31 -12.61 8.21 -60.23
N THR F 32 -13.06 8.94 -59.21
CA THR F 32 -12.45 8.95 -57.88
C THR F 32 -13.40 8.29 -56.87
N GLY F 33 -12.83 7.59 -55.91
CA GLY F 33 -13.61 6.93 -54.87
C GLY F 33 -12.91 6.86 -53.53
N GLN F 34 -13.67 6.48 -52.51
CA GLN F 34 -13.17 6.31 -51.16
C GLN F 34 -14.01 5.23 -50.49
N ALA F 35 -13.37 4.41 -49.66
CA ALA F 35 -14.07 3.37 -48.91
C ALA F 35 -13.31 3.02 -47.64
N ALA F 36 -14.04 2.77 -46.56
CA ALA F 36 -13.42 2.35 -45.30
C ALA F 36 -13.14 0.85 -45.31
N ASP F 37 -12.10 0.44 -44.59
CA ASP F 37 -11.83 -0.97 -44.35
C ASP F 37 -12.31 -1.35 -42.95
N LEU F 38 -13.37 -2.15 -42.91
CA LEU F 38 -14.08 -2.43 -41.66
C LEU F 38 -13.36 -3.39 -40.71
N LYS F 39 -12.69 -4.40 -41.26
CA LYS F 39 -11.87 -5.34 -40.47
C LYS F 39 -10.84 -4.66 -39.60
N SER F 40 -9.98 -3.88 -40.23
CA SER F 40 -8.88 -3.24 -39.50
C SER F 40 -9.39 -2.17 -38.54
N THR F 41 -10.47 -1.48 -38.94
CA THR F 41 -11.18 -0.53 -38.08
C THR F 41 -11.75 -1.21 -36.83
N GLN F 42 -12.47 -2.31 -37.03
CA GLN F 42 -13.05 -3.03 -35.92
C GLN F 42 -12.00 -3.57 -34.95
N THR F 43 -10.92 -4.14 -35.49
CA THR F 43 -9.83 -4.66 -34.67
C THR F 43 -9.32 -3.56 -33.74
N ALA F 44 -9.08 -2.37 -34.29
CA ALA F 44 -8.64 -1.20 -33.53
C ALA F 44 -9.63 -0.83 -32.43
N ILE F 45 -10.91 -0.73 -32.78
CA ILE F 45 -11.95 -0.34 -31.81
C ILE F 45 -12.11 -1.38 -30.70
N ASP F 46 -12.13 -2.66 -31.07
CA ASP F 46 -12.26 -3.76 -30.10
C ASP F 46 -11.18 -3.72 -29.02
N GLN F 47 -9.95 -3.43 -29.42
CA GLN F 47 -8.82 -3.37 -28.50
C GLN F 47 -8.86 -2.14 -27.63
N ILE F 48 -9.49 -1.08 -28.14
CA ILE F 48 -9.51 0.20 -27.44
C ILE F 48 -10.74 0.33 -26.54
N ASN F 49 -11.79 -0.41 -26.87
CA ASN F 49 -13.06 -0.29 -26.15
C ASN F 49 -12.97 -0.62 -24.66
N GLU F 50 -12.91 0.44 -23.83
CA GLU F 50 -12.82 0.36 -22.36
C GLU F 50 -11.75 -0.65 -21.92
N LYS F 51 -10.52 -0.42 -22.38
CA LYS F 51 -9.42 -1.34 -22.16
C LYS F 51 -8.97 -1.40 -20.70
N LEU F 52 -9.42 -0.46 -19.88
CA LEU F 52 -9.11 -0.48 -18.44
C LEU F 52 -9.77 -1.65 -17.74
N ASN F 53 -11.00 -1.97 -18.13
CA ASN F 53 -11.77 -3.05 -17.54
C ASN F 53 -10.99 -4.35 -17.43
N ARG F 54 -9.94 -4.47 -18.25
CA ARG F 54 -9.11 -5.66 -18.28
C ARG F 54 -8.13 -5.79 -17.10
N VAL F 55 -7.71 -4.65 -16.54
CA VAL F 55 -6.77 -4.68 -15.42
C VAL F 55 -7.37 -4.09 -14.13
N ILE F 56 -8.28 -3.12 -14.28
CA ILE F 56 -8.91 -2.50 -13.12
C ILE F 56 -10.44 -2.63 -13.18
N GLU F 57 -11.04 -2.92 -12.01
CA GLU F 57 -12.48 -3.10 -11.89
C GLU F 57 -13.24 -1.78 -11.85
N ARG F 58 -14.52 -1.80 -12.23
CA ARG F 58 -15.34 -0.59 -12.36
C ARG F 58 -15.33 0.25 -11.08
N THR F 59 -15.92 -0.28 -10.02
CA THR F 59 -15.80 0.29 -8.68
C THR F 59 -15.86 -0.84 -7.65
N ASN F 60 -15.18 -0.65 -6.53
CA ASN F 60 -15.32 -1.56 -5.41
C ASN F 60 -16.22 -1.00 -4.32
N GLU F 61 -17.14 -1.82 -3.83
CA GLU F 61 -18.02 -1.42 -2.74
C GLU F 61 -17.28 -1.45 -1.40
N LYS F 62 -17.14 -0.29 -0.78
CA LYS F 62 -16.52 -0.18 0.53
C LYS F 62 -17.52 0.42 1.53
N PHE F 63 -17.49 -0.07 2.77
CA PHE F 63 -18.48 0.34 3.78
C PHE F 63 -17.87 1.16 4.91
N HIS F 64 -17.89 0.65 6.14
CA HIS F 64 -17.24 1.35 7.25
C HIS F 64 -15.73 1.22 7.12
N GLN F 65 -15.05 2.34 7.23
CA GLN F 65 -13.58 2.36 7.17
C GLN F 65 -13.02 3.08 8.38
N ILE F 66 -11.88 3.74 8.20
CA ILE F 66 -11.29 4.51 9.27
C ILE F 66 -11.60 5.98 9.09
N GLU F 67 -11.53 6.73 10.18
CA GLU F 67 -11.60 8.18 10.12
C GLU F 67 -10.41 8.75 9.35
N LYS F 68 -10.62 9.89 8.69
CA LYS F 68 -9.62 10.48 7.81
C LYS F 68 -9.46 11.99 8.03
N GLU F 69 -10.37 12.56 8.83
CA GLU F 69 -10.29 13.96 9.25
C GLU F 69 -10.47 14.02 10.76
N PHE F 70 -9.72 14.90 11.42
CA PHE F 70 -9.68 14.97 12.88
C PHE F 70 -9.77 16.40 13.38
N SER F 71 -10.44 16.59 14.52
CA SER F 71 -10.61 17.92 15.09
C SER F 71 -9.66 18.19 16.26
N GLU F 72 -9.28 17.14 16.99
CA GLU F 72 -8.36 17.30 18.12
C GLU F 72 -6.98 16.70 17.81
N VAL F 73 -5.95 17.28 18.41
CA VAL F 73 -4.61 16.73 18.29
C VAL F 73 -4.45 15.63 19.34
N GLU F 74 -4.26 14.40 18.89
CA GLU F 74 -4.21 13.24 19.77
C GLU F 74 -2.83 12.60 19.83
N GLY F 75 -2.11 12.61 18.70
CA GLY F 75 -0.74 12.09 18.62
C GLY F 75 -0.60 10.74 17.94
N ARG F 76 0.09 9.81 18.61
CA ARG F 76 0.52 8.53 18.05
C ARG F 76 -0.47 7.81 17.13
N ILE F 77 -1.65 7.46 17.65
CA ILE F 77 -2.63 6.74 16.83
C ILE F 77 -3.21 7.57 15.69
N GLN F 78 -3.40 8.87 15.91
CA GLN F 78 -3.81 9.77 14.83
C GLN F 78 -2.76 9.83 13.74
N ASP F 79 -1.49 9.94 14.15
CA ASP F 79 -0.36 9.92 13.24
C ASP F 79 -0.46 8.74 12.29
N LEU F 80 -0.73 7.57 12.86
CA LEU F 80 -0.78 6.32 12.13
C LEU F 80 -1.93 6.27 11.13
N GLU F 81 -3.11 6.73 11.54
CA GLU F 81 -4.28 6.83 10.67
C GLU F 81 -3.99 7.72 9.45
N LYS F 82 -3.36 8.87 9.70
CA LYS F 82 -2.99 9.78 8.63
C LYS F 82 -1.99 9.13 7.68
N TYR F 83 -0.93 8.53 8.24
CA TYR F 83 0.13 7.88 7.47
C TYR F 83 -0.38 6.72 6.61
N VAL F 84 -1.15 5.82 7.22
CA VAL F 84 -1.80 4.71 6.51
C VAL F 84 -2.53 5.20 5.27
N GLU F 85 -3.35 6.23 5.46
CA GLU F 85 -4.18 6.79 4.38
C GLU F 85 -3.34 7.45 3.29
N ASP F 86 -2.38 8.26 3.72
CA ASP F 86 -1.44 8.95 2.85
C ASP F 86 -0.68 7.99 1.94
N THR F 87 -0.19 6.90 2.54
CA THR F 87 0.47 5.83 1.81
C THR F 87 -0.44 5.23 0.74
N LYS F 88 -1.65 4.86 1.14
CA LYS F 88 -2.65 4.34 0.22
C LYS F 88 -2.82 5.27 -0.99
N ILE F 89 -3.11 6.54 -0.70
CA ILE F 89 -3.37 7.52 -1.75
C ILE F 89 -2.17 7.64 -2.69
N ASP F 90 -0.98 7.83 -2.13
CA ASP F 90 0.25 7.94 -2.93
C ASP F 90 0.42 6.72 -3.83
N LEU F 91 0.23 5.53 -3.27
CA LEU F 91 0.36 4.32 -4.06
C LEU F 91 -0.65 4.23 -5.22
N TRP F 92 -1.92 4.54 -4.96
CA TRP F 92 -2.91 4.50 -6.02
C TRP F 92 -2.70 5.58 -7.08
N SER F 93 -2.21 6.74 -6.63
CA SER F 93 -1.89 7.84 -7.52
C SER F 93 -0.77 7.47 -8.48
N TYR F 94 0.22 6.73 -7.98
CA TYR F 94 1.26 6.18 -8.85
C TYR F 94 0.69 5.14 -9.82
N ASN F 95 -0.16 4.25 -9.31
CA ASN F 95 -0.79 3.24 -10.16
C ASN F 95 -1.55 3.86 -11.31
N ALA F 96 -2.34 4.89 -10.99
CA ALA F 96 -3.17 5.57 -11.97
C ALA F 96 -2.29 6.17 -13.08
N GLU F 97 -1.25 6.89 -12.67
CA GLU F 97 -0.38 7.59 -13.61
C GLU F 97 0.28 6.61 -14.56
N LEU F 98 0.85 5.53 -14.02
CA LEU F 98 1.53 4.52 -14.82
C LEU F 98 0.57 3.86 -15.80
N LEU F 99 -0.58 3.42 -15.29
CA LEU F 99 -1.58 2.74 -16.11
C LEU F 99 -1.99 3.54 -17.35
N VAL F 100 -2.35 4.80 -17.15
CA VAL F 100 -2.76 5.65 -18.26
C VAL F 100 -1.65 5.80 -19.30
N ALA F 101 -0.44 6.15 -18.84
CA ALA F 101 0.72 6.25 -19.71
C ALA F 101 0.97 4.97 -20.49
N LEU F 102 0.77 3.82 -19.84
CA LEU F 102 0.95 2.52 -20.47
C LEU F 102 -0.15 2.24 -21.47
N GLU F 103 -1.39 2.49 -21.08
CA GLU F 103 -2.52 2.27 -21.95
C GLU F 103 -2.46 3.18 -23.18
N ASN F 104 -2.17 4.46 -22.97
CA ASN F 104 -2.01 5.39 -24.06
C ASN F 104 -0.92 4.93 -25.05
N GLN F 105 0.26 4.63 -24.53
CA GLN F 105 1.34 4.08 -25.33
C GLN F 105 0.85 2.90 -26.15
N HIS F 106 0.12 1.99 -25.50
CA HIS F 106 -0.35 0.78 -26.17
C HIS F 106 -1.39 1.07 -27.26
N THR F 107 -2.23 2.09 -27.03
CA THR F 107 -3.21 2.55 -28.01
C THR F 107 -2.56 3.10 -29.29
N ILE F 108 -1.53 3.92 -29.13
CA ILE F 108 -0.83 4.51 -30.29
C ILE F 108 -0.12 3.41 -31.07
N ASP F 109 0.61 2.57 -30.34
CA ASP F 109 1.32 1.45 -30.91
C ASP F 109 0.37 0.59 -31.76
N LEU F 110 -0.76 0.19 -31.18
CA LEU F 110 -1.67 -0.74 -31.87
C LEU F 110 -2.35 -0.11 -33.09
N THR F 111 -2.65 1.18 -33.04
CA THR F 111 -3.32 1.82 -34.17
C THR F 111 -2.38 2.10 -35.35
N ASP F 112 -1.10 2.31 -35.04
CA ASP F 112 -0.05 2.42 -36.06
C ASP F 112 0.09 1.07 -36.74
N ALA F 113 0.19 0.01 -35.93
CA ALA F 113 0.30 -1.37 -36.42
C ALA F 113 -0.81 -1.76 -37.39
N GLU F 114 -2.03 -1.30 -37.15
CA GLU F 114 -3.16 -1.59 -38.04
C GLU F 114 -2.94 -0.99 -39.41
N MET F 115 -2.56 0.29 -39.43
CA MET F 115 -2.25 0.99 -40.65
C MET F 115 -1.17 0.24 -41.42
N ASN F 116 -0.14 -0.17 -40.71
CA ASN F 116 0.95 -0.91 -41.30
C ASN F 116 0.50 -2.26 -41.84
N LYS F 117 -0.33 -2.96 -41.08
CA LYS F 117 -0.83 -4.28 -41.51
C LYS F 117 -1.67 -4.19 -42.77
N LEU F 118 -2.51 -3.14 -42.87
CA LEU F 118 -3.38 -2.96 -44.03
C LEU F 118 -2.57 -2.64 -45.29
N PHE F 119 -1.52 -1.83 -45.12
CA PHE F 119 -0.63 -1.53 -46.24
C PHE F 119 0.10 -2.78 -46.75
N GLU F 120 0.55 -3.63 -45.84
CA GLU F 120 1.26 -4.86 -46.21
C GLU F 120 0.35 -5.89 -46.89
N LYS F 121 -0.86 -6.03 -46.36
CA LYS F 121 -1.90 -6.88 -46.93
C LYS F 121 -2.13 -6.51 -48.40
N THR F 122 -2.18 -5.21 -48.68
CA THR F 122 -2.41 -4.71 -50.02
C THR F 122 -1.19 -4.94 -50.91
N ARG F 123 0.00 -4.59 -50.40
CA ARG F 123 1.23 -4.86 -51.13
C ARG F 123 1.27 -6.30 -51.62
N ARG F 124 1.08 -7.25 -50.70
CA ARG F 124 1.15 -8.69 -51.02
C ARG F 124 0.18 -9.20 -52.10
N GLN F 125 -1.05 -8.70 -52.06
CA GLN F 125 -2.06 -9.02 -53.07
C GLN F 125 -1.59 -8.58 -54.45
N LEU F 126 -1.05 -7.35 -54.51
CA LEU F 126 -0.75 -6.70 -55.79
C LEU F 126 0.46 -7.29 -56.53
N ARG F 127 1.34 -7.98 -55.80
CA ARG F 127 2.51 -8.66 -56.35
C ARG F 127 3.40 -7.74 -57.18
N GLU F 128 3.59 -8.07 -58.46
CA GLU F 128 4.44 -7.30 -59.36
C GLU F 128 3.64 -6.32 -60.20
N ASN F 129 2.34 -6.23 -59.95
CA ASN F 129 1.45 -5.39 -60.74
C ASN F 129 1.45 -3.91 -60.34
N ALA F 130 2.17 -3.59 -59.27
CA ALA F 130 2.07 -2.28 -58.64
C ALA F 130 3.36 -1.88 -57.93
N GLU F 131 3.58 -0.57 -57.80
CA GLU F 131 4.72 -0.06 -57.04
C GLU F 131 4.29 0.88 -55.91
N ASP F 132 5.00 0.80 -54.80
CA ASP F 132 4.80 1.71 -53.69
C ASP F 132 5.49 3.04 -54.04
N MET F 133 4.69 4.10 -54.10
CA MET F 133 5.17 5.42 -54.48
C MET F 133 5.63 6.25 -53.29
N GLY F 134 5.37 5.76 -52.08
CA GLY F 134 5.49 6.58 -50.88
C GLY F 134 4.17 7.29 -50.62
N GLY F 135 3.99 7.75 -49.39
CA GLY F 135 2.72 8.34 -48.97
C GLY F 135 1.64 7.30 -48.78
N GLY F 136 2.01 6.02 -48.84
CA GLY F 136 1.04 4.94 -48.72
C GLY F 136 0.21 4.73 -49.97
N CYS F 137 0.74 5.17 -51.10
CA CYS F 137 0.05 5.03 -52.38
C CYS F 137 0.69 4.03 -53.32
N PHE F 138 -0.15 3.31 -54.05
CA PHE F 138 0.32 2.38 -55.05
C PHE F 138 -0.02 2.92 -56.43
N LYS F 139 0.92 2.76 -57.36
CA LYS F 139 0.62 2.92 -58.77
C LYS F 139 0.30 1.53 -59.29
N ILE F 140 -0.89 1.36 -59.84
CA ILE F 140 -1.29 0.08 -60.42
C ILE F 140 -1.13 0.16 -61.93
N TYR F 141 -0.16 -0.59 -62.46
CA TYR F 141 0.21 -0.52 -63.86
C TYR F 141 -0.70 -1.26 -64.86
N HIS F 142 -2.01 -1.28 -64.62
CA HIS F 142 -2.97 -1.86 -65.56
C HIS F 142 -4.36 -1.26 -65.41
N LYS F 143 -5.18 -1.36 -66.45
CA LYS F 143 -6.57 -0.89 -66.39
C LYS F 143 -7.24 -1.51 -65.18
N CYS F 144 -7.90 -0.69 -64.38
CA CYS F 144 -8.37 -1.12 -63.09
C CYS F 144 -9.64 -0.37 -62.71
N ASP F 145 -10.77 -0.80 -63.27
CA ASP F 145 -12.06 -0.19 -62.99
C ASP F 145 -12.54 -0.45 -61.54
N ASN F 146 -13.75 0.04 -61.21
CA ASN F 146 -14.25 -0.08 -59.85
C ASN F 146 -14.43 -1.51 -59.38
N ALA F 147 -14.75 -2.41 -60.32
CA ALA F 147 -14.90 -3.84 -60.03
C ALA F 147 -13.58 -4.43 -59.52
N CYS F 148 -12.51 -4.10 -60.24
CA CYS F 148 -11.16 -4.54 -59.94
C CYS F 148 -10.65 -3.98 -58.60
N ILE F 149 -10.97 -2.73 -58.30
CA ILE F 149 -10.63 -2.14 -57.02
C ILE F 149 -11.33 -2.91 -55.91
N GLY F 150 -12.62 -3.17 -56.13
CA GLY F 150 -13.46 -3.90 -55.18
C GLY F 150 -12.83 -5.22 -54.79
N SER F 151 -12.28 -5.92 -55.79
CA SER F 151 -11.59 -7.19 -55.56
C SER F 151 -10.38 -7.04 -54.65
N ILE F 152 -9.69 -5.90 -54.74
CA ILE F 152 -8.57 -5.66 -53.86
C ILE F 152 -9.10 -5.50 -52.44
N ARG F 153 -10.13 -4.66 -52.29
CA ARG F 153 -10.73 -4.33 -51.00
C ARG F 153 -11.38 -5.50 -50.28
N ASN F 154 -11.87 -6.49 -51.02
CA ASN F 154 -12.40 -7.70 -50.40
C ASN F 154 -11.45 -8.91 -50.48
N GLY F 155 -10.17 -8.63 -50.74
CA GLY F 155 -9.11 -9.63 -50.72
C GLY F 155 -9.14 -10.72 -51.78
N THR F 156 -9.86 -10.50 -52.87
CA THR F 156 -10.01 -11.53 -53.92
C THR F 156 -9.28 -11.22 -55.24
N TYR F 157 -8.40 -10.22 -55.21
CA TYR F 157 -7.66 -9.76 -56.40
C TYR F 157 -6.76 -10.85 -56.96
N ASP F 158 -6.83 -11.04 -58.27
CA ASP F 158 -6.11 -12.11 -58.93
C ASP F 158 -4.99 -11.56 -59.83
N HIS F 159 -3.80 -11.42 -59.26
CA HIS F 159 -2.67 -10.77 -59.92
C HIS F 159 -2.31 -11.41 -61.27
N TYR F 160 -2.61 -12.68 -61.41
CA TYR F 160 -2.26 -13.41 -62.62
C TYR F 160 -2.96 -12.90 -63.89
N ILE F 161 -4.15 -12.33 -63.74
CA ILE F 161 -4.92 -11.83 -64.89
C ILE F 161 -4.27 -10.59 -65.55
N TYR F 162 -3.58 -9.79 -64.73
CA TYR F 162 -3.08 -8.50 -65.16
C TYR F 162 -1.56 -8.46 -65.33
N ARG F 163 -0.87 -9.51 -64.88
CA ARG F 163 0.59 -9.54 -64.84
C ARG F 163 1.30 -9.11 -66.12
N ASP F 164 0.86 -9.64 -67.26
CA ASP F 164 1.45 -9.28 -68.57
C ASP F 164 1.32 -7.79 -68.92
N GLU F 165 0.10 -7.27 -68.78
CA GLU F 165 -0.18 -5.85 -68.97
C GLU F 165 0.67 -5.04 -67.98
N ALA F 166 0.61 -5.42 -66.70
CA ALA F 166 1.33 -4.73 -65.64
C ALA F 166 2.84 -4.69 -65.90
N LEU F 167 3.42 -5.85 -66.17
CA LEU F 167 4.86 -5.97 -66.43
C LEU F 167 5.31 -5.17 -67.66
N ASN F 168 4.52 -5.22 -68.72
CA ASN F 168 4.79 -4.44 -69.93
C ASN F 168 4.85 -2.94 -69.62
N ASN F 169 3.88 -2.47 -68.84
CA ASN F 169 3.82 -1.07 -68.43
C ASN F 169 4.95 -0.59 -67.51
N ARG F 170 5.42 -1.47 -66.63
CA ARG F 170 6.46 -1.13 -65.65
C ARG F 170 7.87 -0.94 -66.21
N PHE F 171 8.23 -1.70 -67.23
CA PHE F 171 9.62 -1.75 -67.68
C PHE F 171 9.93 -1.07 -69.02
N GLN F 172 8.91 -0.47 -69.65
CA GLN F 172 9.07 0.22 -70.93
C GLN F 172 9.97 1.45 -70.85
C1 NAG G . -14.16 26.92 41.30
C2 NAG G . -15.56 27.00 41.87
C3 NAG G . -16.55 27.06 40.71
C4 NAG G . -16.19 28.20 39.77
C5 NAG G . -14.73 28.10 39.35
C6 NAG G . -14.27 29.24 38.43
C7 NAG G . -15.63 25.86 44.05
C8 NAG G . -15.98 24.60 44.77
N2 NAG G . -15.85 25.86 42.72
O3 NAG G . -17.85 27.21 41.20
O4 NAG G . -17.05 28.12 38.64
O5 NAG G . -13.91 28.05 40.51
O6 NAG G . -13.90 30.37 39.19
O7 NAG G . -15.15 26.82 44.66
C1 NAG G . -17.92 29.28 38.55
C2 NAG G . -18.53 29.30 37.15
C3 NAG G . -19.51 30.44 37.00
C4 NAG G . -20.56 30.33 38.10
C5 NAG G . -19.85 30.33 39.45
C6 NAG G . -20.82 30.27 40.62
C7 NAG G . -17.07 28.27 35.50
C8 NAG G . -16.06 28.50 34.40
N2 NAG G . -17.54 29.37 36.10
O3 NAG G . -20.10 30.35 35.74
O4 NAG G . -21.50 31.38 37.99
O5 NAG G . -18.95 29.24 39.52
O6 NAG G . -21.36 28.97 40.72
O7 NAG G . -17.41 27.13 35.81
C1 BMA G . -22.59 30.97 37.12
C2 BMA G . -23.96 31.23 37.76
C3 BMA G . -24.93 32.14 36.98
C4 BMA G . -24.68 32.27 35.47
C5 BMA G . -23.56 31.35 34.98
C6 BMA G . -23.14 31.60 33.54
O2 BMA G . -23.78 31.74 39.09
O3 BMA G . -24.98 33.44 37.59
O4 BMA G . -25.91 31.99 34.79
O5 BMA G . -22.44 31.57 35.83
O6 BMA G . -22.24 32.72 33.51
C1 MAN G . -26.32 33.79 38.05
C2 MAN G . -26.80 32.93 39.21
C3 MAN G . -28.09 33.50 39.78
C4 MAN G . -28.73 34.56 38.87
C5 MAN G . -28.59 34.26 37.38
C6 MAN G . -28.93 35.49 36.54
O2 MAN G . -25.80 32.84 40.21
O3 MAN G . -27.83 34.08 41.04
O4 MAN G . -30.10 34.67 39.20
O5 MAN G . -27.29 33.79 37.02
O6 MAN G . -30.23 35.37 35.99
C1 MAN G . -21.69 33.01 32.20
C2 MAN G . -20.85 34.26 32.32
C3 MAN G . -21.73 35.51 32.52
C4 MAN G . -22.89 35.59 31.53
C5 MAN G . -23.57 34.23 31.29
C6 MAN G . -24.42 34.28 30.03
O2 MAN G . -20.02 34.39 31.18
O3 MAN G . -20.97 36.69 32.44
O4 MAN G . -23.84 36.50 32.04
O5 MAN G . -22.65 33.16 31.16
O6 MAN G . -25.62 34.98 30.29
C1 NAG H . 22.31 4.20 8.95
C2 NAG H . 23.08 2.94 8.53
C3 NAG H . 22.34 1.69 9.02
C4 NAG H . 22.19 1.83 10.54
C5 NAG H . 21.26 3.04 10.72
C6 NAG H . 20.68 3.23 12.12
C7 NAG H . 24.40 3.25 6.48
C8 NAG H . 25.62 3.57 7.32
N2 NAG H . 23.24 2.95 7.09
O3 NAG H . 23.01 0.52 8.63
O4 NAG H . 21.71 0.66 11.17
O5 NAG H . 21.98 4.20 10.34
O6 NAG H . 19.51 3.99 11.96
O7 NAG H . 24.49 3.26 5.26
C1 NAG H . 22.78 0.07 11.94
C2 NAG H . 22.20 -0.95 12.95
C3 NAG H . 23.13 -2.15 13.23
C4 NAG H . 24.63 -1.89 12.99
C5 NAG H . 24.95 -0.92 11.84
C6 NAG H . 25.99 -1.52 10.88
C7 NAG H . 20.59 0.28 14.34
C8 NAG H . 20.33 0.91 15.66
N2 NAG H . 21.81 -0.29 14.18
O3 NAG H . 22.73 -3.27 12.46
O4 NAG H . 25.20 -1.39 14.18
O5 NAG H . 23.76 -0.55 11.14
O6 NAG H . 25.40 -1.89 9.64
O7 NAG H . 19.73 0.29 13.47
C1 NAG I . 35.23 6.09 -63.25
C2 NAG I . 35.98 6.19 -64.58
C3 NAG I . 37.35 6.82 -64.42
C4 NAG I . 37.30 8.09 -63.56
C5 NAG I . 36.57 7.78 -62.25
C6 NAG I . 36.47 8.87 -61.17
C7 NAG I . 35.63 4.51 -66.34
C8 NAG I . 35.83 3.10 -66.75
N2 NAG I . 36.09 4.85 -65.14
O3 NAG I . 37.88 7.13 -65.70
O4 NAG I . 38.61 8.56 -63.36
O5 NAG I . 35.25 7.32 -62.56
O6 NAG I . 36.45 10.24 -61.58
O7 NAG I . 35.06 5.29 -67.12
C1 NAG I . 38.74 9.93 -63.79
C2 NAG I . 40.10 10.48 -63.38
C3 NAG I . 40.27 11.94 -63.80
C4 NAG I . 39.86 12.15 -65.26
C5 NAG I . 38.48 11.53 -65.50
C6 NAG I . 37.97 11.72 -66.92
C7 NAG I . 40.98 9.35 -61.42
C8 NAG I . 41.09 9.34 -59.92
N2 NAG I . 40.28 10.36 -61.94
O3 NAG I . 41.61 12.31 -63.61
O4 NAG I . 39.84 13.52 -65.57
O5 NAG I . 38.51 10.15 -65.18
O6 NAG I . 38.77 11.00 -67.82
O7 NAG I . 41.48 8.46 -62.09
C1 BMA I . 41.00 13.88 -66.35
C2 BMA I . 40.63 14.98 -67.35
C3 BMA I . 41.85 15.49 -68.12
C4 BMA I . 43.05 15.77 -67.21
C5 BMA I . 43.29 14.62 -66.23
C6 BMA I . 44.41 14.93 -65.23
O2 BMA I . 40.00 16.07 -66.64
O3 BMA I . 41.50 16.69 -68.84
O4 BMA I . 44.21 15.98 -68.04
O5 BMA I . 42.09 14.32 -65.51
O6 BMA I . 45.60 14.23 -65.61
C1 FUC I . 35.25 10.58 -62.32
C2 FUC I . 35.13 12.08 -62.57
C3 FUC I . 34.00 12.31 -63.58
C4 FUC I . 32.71 11.58 -63.17
C5 FUC I . 33.01 10.12 -62.78
C6 FUC I . 31.78 9.35 -62.30
O2 FUC I . 36.33 12.59 -63.10
O3 FUC I . 33.76 13.68 -63.75
O4 FUC I . 32.10 12.27 -62.10
O5 FUC I . 34.03 10.10 -61.79
C1 NAG J . 25.78 8.63 -20.51
C2 NAG J . 26.67 9.82 -20.87
C3 NAG J . 27.39 10.40 -19.64
C4 NAG J . 26.51 10.47 -18.38
C5 NAG J . 25.69 9.18 -18.23
C6 NAG J . 24.73 9.22 -17.02
C7 NAG J . 27.48 9.23 -23.11
C8 NAG J . 28.67 8.82 -23.92
N2 NAG J . 27.71 9.43 -21.81
O3 NAG J . 27.82 11.69 -20.00
O4 NAG J . 27.33 10.66 -17.24
O5 NAG J . 24.95 8.95 -19.41
O6 NAG J . 24.90 8.08 -16.22
O7 NAG J . 26.36 9.34 -23.65
C1 NAG J . 27.47 12.07 -16.95
C2 NAG J . 27.16 12.36 -15.49
C3 NAG J . 27.42 13.82 -15.12
C4 NAG J . 28.61 14.49 -15.81
C5 NAG J . 28.83 13.98 -17.25
C6 NAG J . 30.19 14.42 -17.78
C7 NAG J . 25.32 11.48 -14.08
C8 NAG J . 23.84 11.25 -13.98
N2 NAG J . 25.77 12.05 -15.21
O3 NAG J . 27.60 13.87 -13.72
O4 NAG J . 28.47 15.90 -15.84
O5 NAG J . 28.75 12.57 -17.30
O6 NAG J . 30.24 14.16 -19.16
O7 NAG J . 26.05 11.15 -13.14
C1 BMA J . 28.64 16.49 -14.53
C2 BMA J . 29.82 17.48 -14.45
C3 BMA J . 29.98 17.97 -13.01
C4 BMA J . 28.65 18.35 -12.33
C5 BMA J . 27.53 17.34 -12.60
C6 BMA J . 26.17 17.80 -12.10
O2 BMA J . 29.61 18.59 -15.32
O3 BMA J . 30.89 19.08 -12.97
O4 BMA J . 28.87 18.48 -10.92
O5 BMA J . 27.44 17.08 -14.01
O6 BMA J . 25.46 16.68 -11.57
C1 NAG K . 16.98 12.63 57.99
C2 NAG K . 16.68 11.33 57.25
C3 NAG K . 16.54 11.70 55.78
C4 NAG K . 15.46 12.77 55.59
C5 NAG K . 15.20 13.73 56.77
C6 NAG K . 13.70 13.79 57.02
C7 NAG K . 17.55 9.06 57.54
C8 NAG K . 18.77 8.23 57.74
N2 NAG K . 17.75 10.37 57.45
O1 NAG K . 17.38 12.33 59.30
O3 NAG K . 16.18 10.56 55.01
O4 NAG K . 15.76 13.51 54.43
O5 NAG K . 15.79 13.39 58.02
O6 NAG K . 13.17 14.89 56.32
O7 NAG K . 16.43 8.54 57.48
C1 GAL K . 14.59 13.50 53.57
C2 GAL K . 14.86 14.33 52.32
C3 GAL K . 13.71 14.26 51.32
C4 GAL K . 13.10 12.86 51.18
C5 GAL K . 12.92 12.18 52.55
C6 GAL K . 12.40 10.75 52.39
O2 GAL K . 15.08 15.68 52.67
O3 GAL K . 14.20 14.62 50.06
O4 GAL K . 13.94 12.08 50.35
O5 GAL K . 14.16 12.20 53.23
O6 GAL K . 12.67 9.99 53.55
C1 SIA K . 14.57 16.03 48.24
C2 SIA K . 13.78 15.90 49.52
C3 SIA K . 13.60 17.29 50.14
C4 SIA K . 12.67 18.13 49.26
C5 SIA K . 11.32 17.45 49.17
C6 SIA K . 11.49 16.06 48.60
C7 SIA K . 10.18 15.27 48.66
C8 SIA K . 10.30 13.90 48.01
C9 SIA K . 8.90 13.30 47.88
C10 SIA K . 9.15 18.59 48.68
C11 SIA K . 8.66 18.28 50.07
N5 SIA K . 10.38 18.20 48.33
O1A SIA K . 15.71 16.56 48.31
O1B SIA K . 14.08 15.59 47.16
O4 SIA K . 12.53 19.45 49.78
O6 SIA K . 12.49 15.30 49.30
O7 SIA K . 9.80 15.11 50.02
O8 SIA K . 10.92 14.03 46.72
O9 SIA K . 8.98 11.92 47.47
O10 SIA K . 8.45 19.19 47.89
C1 FUC K . 17.29 9.92 54.32
C2 FUC K . 16.79 9.06 53.14
C3 FUC K . 16.53 9.93 51.90
C4 FUC K . 17.74 10.81 51.58
C5 FUC K . 18.13 11.62 52.82
C6 FUC K . 19.37 12.49 52.60
O2 FUC K . 15.62 8.36 53.48
O3 FUC K . 16.21 9.12 50.80
O4 FUC K . 18.83 10.01 51.16
O5 FUC K . 18.36 10.77 53.94
C1 NAG L . 19.19 18.35 -50.16
C2 NAG L . 19.00 19.86 -49.94
C3 NAG L . 19.19 20.65 -51.24
C4 NAG L . 20.48 20.21 -51.95
C5 NAG L . 20.49 18.69 -52.14
C6 NAG L . 21.75 18.21 -52.88
C7 NAG L . 17.40 21.02 -48.44
C8 NAG L . 15.96 21.08 -48.01
N2 NAG L . 17.68 20.10 -49.37
O3 NAG L . 19.25 22.03 -50.99
O4 NAG L . 20.59 20.91 -53.17
O5 NAG L . 20.37 18.04 -50.88
O6 NAG L . 22.60 17.39 -52.10
O7 NAG L . 18.21 21.80 -47.95
C1 FUC L . 23.49 18.14 -51.24
C2 FUC L . 24.75 18.66 -51.95
C3 FUC L . 25.79 19.15 -50.93
C4 FUC L . 25.20 19.37 -49.53
C5 FUC L . 24.35 18.19 -49.02
C6 FUC L . 25.10 17.29 -48.02
O2 FUC L . 24.42 19.74 -52.81
O3 FUC L . 26.87 18.25 -50.88
O4 FUC L . 26.23 19.72 -48.62
O5 FUC L . 23.87 17.39 -50.09
C1 NAG M . 5.61 -33.87 13.59
C2 NAG M . 6.68 -34.28 14.60
C3 NAG M . 6.63 -35.78 14.91
C4 NAG M . 5.20 -36.35 15.08
C5 NAG M . 4.26 -35.78 14.01
C6 NAG M . 2.80 -36.21 14.21
C7 NAG M . 8.73 -32.87 14.56
C8 NAG M . 10.08 -32.70 13.94
N2 NAG M . 8.01 -33.91 14.12
O3 NAG M . 7.37 -36.04 16.09
O4 NAG M . 5.25 -37.75 14.95
O5 NAG M . 4.34 -34.36 14.00
O6 NAG M . 2.32 -35.79 15.46
O7 NAG M . 8.37 -32.08 15.43
C1 NAG M . 5.01 -38.43 16.21
C2 NAG M . 4.76 -39.91 15.91
C3 NAG M . 4.59 -40.74 17.18
C4 NAG M . 5.55 -40.36 18.32
C5 NAG M . 5.87 -38.87 18.39
C6 NAG M . 7.12 -38.61 19.23
C7 NAG M . 3.69 -40.33 13.74
C8 NAG M . 2.41 -40.47 12.99
N2 NAG M . 3.60 -40.07 15.05
O3 NAG M . 4.76 -42.10 16.84
O4 NAG M . 5.02 -40.75 19.58
O5 NAG M . 6.09 -38.31 17.11
O6 NAG M . 6.79 -37.77 20.32
O7 NAG M . 4.77 -40.47 13.15
C1 BMA M . 5.33 -42.12 19.91
C2 BMA M . 5.86 -42.22 21.34
C3 BMA M . 5.97 -43.67 21.83
C4 BMA M . 4.81 -44.57 21.38
C5 BMA M . 4.42 -44.35 19.92
C6 BMA M . 3.16 -45.13 19.56
O2 BMA M . 5.00 -41.46 22.23
O3 BMA M . 6.03 -43.68 23.27
O4 BMA M . 5.19 -45.94 21.57
O5 BMA M . 4.19 -42.96 19.70
O6 BMA M . 3.29 -45.66 18.24
C1 NAG N . -9.69 -31.35 24.88
C2 NAG N . -9.20 -32.70 25.40
C3 NAG N . -10.28 -33.79 25.43
C4 NAG N . -11.73 -33.32 25.71
C5 NAG N . -12.00 -31.88 25.26
C6 NAG N . -13.19 -31.29 26.02
C7 NAG N . -6.86 -33.43 25.03
C8 NAG N . -5.86 -33.87 24.01
N2 NAG N . -8.09 -33.15 24.57
O3 NAG N . -9.95 -34.76 26.41
O4 NAG N . -12.57 -34.23 25.02
O5 NAG N . -10.91 -31.00 25.48
O6 NAG N . -14.37 -31.45 25.28
O7 NAG N . -6.55 -33.36 26.22
C1 NAG N . -13.65 -34.77 25.81
C2 NAG N . -14.74 -35.28 24.87
C3 NAG N . -15.86 -36.09 25.57
C4 NAG N . -15.65 -36.41 27.05
C5 NAG N . -14.21 -36.22 27.59
C6 NAG N . -13.75 -37.49 28.28
C7 NAG N . -15.34 -34.09 22.81
C8 NAG N . -15.96 -32.86 22.21
N2 NAG N . -15.32 -34.16 24.15
O3 NAG N . -16.05 -37.30 24.84
O4 NAG N . -16.50 -35.53 27.79
O5 NAG N . -13.24 -35.85 26.62
O6 NAG N . -12.61 -37.17 29.05
O7 NAG N . -14.88 -34.96 22.08
C1 BMA N . -17.30 -36.10 28.85
C2 BMA N . -16.61 -35.85 30.19
C3 BMA N . -17.46 -36.29 31.38
C4 BMA N . -18.91 -35.78 31.32
C5 BMA N . -19.53 -35.80 29.91
C6 BMA N . -20.68 -34.80 29.84
O2 BMA N . -16.30 -34.46 30.35
O3 BMA N . -16.87 -35.81 32.60
O4 BMA N . -19.73 -36.57 32.18
O5 BMA N . -18.61 -35.50 28.84
O6 BMA N . -21.79 -35.36 29.13
C1 MAN N . -15.78 -36.64 33.09
C2 MAN N . -16.21 -38.07 33.49
C3 MAN N . -17.10 -38.08 34.74
C4 MAN N . -16.61 -37.14 35.83
C5 MAN N . -16.01 -35.83 35.32
C6 MAN N . -15.24 -35.05 36.39
O2 MAN N . -15.05 -38.84 33.72
O3 MAN N . -17.19 -39.39 35.26
O4 MAN N . -17.69 -36.86 36.69
O5 MAN N . -15.13 -36.06 34.22
O6 MAN N . -16.12 -34.62 37.41
C1 NAG O . 12.40 -1.33 50.31
C2 NAG O . 12.82 -0.26 51.31
C3 NAG O . 13.77 0.74 50.65
C4 NAG O . 14.90 0.05 49.86
C5 NAG O . 14.32 -1.05 48.97
C6 NAG O . 15.38 -1.82 48.21
C7 NAG O . 11.08 0.08 53.00
C8 NAG O . 9.85 0.85 53.40
N2 NAG O . 11.64 0.40 51.83
O3 NAG O . 14.36 1.56 51.63
O4 NAG O . 15.59 1.00 49.08
O5 NAG O . 13.57 -1.93 49.79
O6 NAG O . 16.24 -2.48 49.11
O7 NAG O . 11.51 -0.80 53.75
C1 NAG O . 16.97 1.09 49.51
C2 NAG O . 17.83 1.71 48.42
C3 NAG O . 19.27 1.85 48.87
C4 NAG O . 19.38 2.54 50.23
C5 NAG O . 18.42 1.86 51.23
C6 NAG O . 18.40 2.53 52.60
C7 NAG O . 16.95 1.09 46.21
C8 NAG O . 17.11 0.17 45.04
N2 NAG O . 17.82 0.91 47.20
O3 NAG O . 19.99 2.58 47.90
O4 NAG O . 20.71 2.47 50.71
O5 NAG O . 17.11 1.83 50.71
O6 NAG O . 18.89 3.86 52.51
O7 NAG O . 16.05 1.92 46.24
C1 BMA O . 21.43 3.69 50.47
C2 BMA O . 22.32 4.03 51.66
C3 BMA O . 23.29 5.19 51.41
C4 BMA O . 23.73 5.38 49.96
C5 BMA O . 22.67 4.96 48.94
C6 BMA O . 23.18 5.00 47.51
O2 BMA O . 23.04 2.85 52.04
O3 BMA O . 24.49 5.00 52.19
O4 BMA O . 24.04 6.77 49.77
O5 BMA O . 22.21 3.65 49.27
O6 BMA O . 24.20 4.01 47.33
C1 MAN O . 24.42 5.70 53.46
C2 MAN O . 25.82 6.16 53.87
C3 MAN O . 25.84 6.67 55.31
C4 MAN O . 24.40 6.85 55.84
C5 MAN O . 23.60 5.55 55.72
C6 MAN O . 22.09 5.77 55.95
O2 MAN O . 26.24 7.17 52.99
O3 MAN O . 26.56 7.89 55.42
O4 MAN O . 24.46 7.29 57.19
O5 MAN O . 23.83 4.90 54.48
O6 MAN O . 21.34 4.73 55.37
C1 MAN O . 25.15 4.42 46.32
C2 MAN O . 24.66 4.00 44.92
C3 MAN O . 24.49 2.49 44.89
C4 MAN O . 25.74 1.74 45.38
C5 MAN O . 26.44 2.42 46.57
C6 MAN O . 27.87 1.93 46.76
O2 MAN O . 25.60 4.43 43.96
O3 MAN O . 24.13 2.06 43.59
O4 MAN O . 25.36 0.43 45.75
O5 MAN O . 26.45 3.85 46.48
O6 MAN O . 27.83 0.73 47.49
C1 NAG P . -9.80 -21.34 5.74
C2 NAG P . -10.86 -21.40 4.64
C3 NAG P . -11.70 -20.13 4.70
C4 NAG P . -12.31 -20.02 6.10
C5 NAG P . -11.17 -19.99 7.14
C6 NAG P . -11.65 -19.85 8.58
C7 NAG P . -10.25 -22.64 2.58
C8 NAG P . -10.97 -23.85 3.10
N2 NAG P . -10.23 -21.53 3.34
O3 NAG P . -12.66 -20.10 3.67
O4 NAG P . -13.14 -18.88 6.24
O5 NAG P . -10.38 -21.16 7.02
O6 NAG P . -12.88 -20.51 8.78
O7 NAG P . -9.69 -22.66 1.48
C1 NAG P . -14.54 -19.23 6.05
C2 NAG P . -15.40 -18.49 7.09
C3 NAG P . -16.37 -17.48 6.42
C4 NAG P . -17.13 -18.07 5.22
C5 NAG P . -16.35 -19.16 4.49
C6 NAG P . -16.64 -19.13 2.99
C7 NAG P . -15.91 -19.55 9.25
C8 NAG P . -16.72 -20.59 9.96
N2 NAG P . -16.11 -19.44 7.94
O3 NAG P . -15.65 -16.35 5.99
O4 NAG P . -18.39 -18.58 5.63
O5 NAG P . -14.96 -19.00 4.72
O6 NAG P . -16.13 -20.31 2.40
O7 NAG P . -15.10 -18.86 9.89
C1 NAG Q . -8.89 -28.06 -24.09
C2 NAG Q . -9.89 -26.93 -23.82
C3 NAG Q . -10.23 -26.86 -22.32
C4 NAG Q . -10.64 -28.22 -21.76
C5 NAG Q . -9.61 -29.29 -22.16
C6 NAG Q . -10.01 -30.70 -21.73
C7 NAG Q . -9.75 -25.09 -25.47
C8 NAG Q . -9.20 -23.73 -25.77
N2 NAG Q . -9.42 -25.61 -24.28
O3 NAG Q . -11.26 -25.91 -22.11
O4 NAG Q . -10.78 -28.16 -20.36
O5 NAG Q . -9.43 -29.27 -23.56
O6 NAG Q . -11.13 -31.16 -22.46
O7 NAG Q . -10.46 -25.66 -26.31
C1 NAG Q . -12.18 -28.24 -19.96
C2 NAG Q . -12.27 -28.76 -18.52
C3 NAG Q . -13.65 -28.56 -17.89
C4 NAG Q . -14.22 -27.17 -18.18
C5 NAG Q . -14.18 -26.92 -19.69
C6 NAG Q . -14.77 -25.56 -20.07
C7 NAG Q . -10.79 -30.65 -17.92
C8 NAG Q . -10.64 -32.13 -17.93
N2 NAG Q . -11.93 -30.17 -18.44
O3 NAG Q . -13.57 -28.77 -16.49
O4 NAG Q . -15.55 -27.06 -17.69
O5 NAG Q . -12.83 -26.98 -20.12
O6 NAG Q . -14.23 -25.11 -21.30
O7 NAG Q . -9.90 -29.94 -17.43
C1 BMA Q . -15.60 -26.25 -16.49
C2 BMA Q . -16.87 -25.38 -16.45
C3 BMA Q . -17.59 -25.45 -15.11
C4 BMA Q . -17.81 -26.89 -14.63
C5 BMA Q . -16.57 -27.78 -14.79
C6 BMA Q . -16.86 -29.01 -15.64
O2 BMA Q . -17.78 -25.77 -17.50
O3 BMA Q . -18.86 -24.78 -15.21
O4 BMA Q . -18.19 -26.87 -13.25
O5 BMA Q . -15.43 -27.03 -15.28
O6 BMA Q . -17.53 -30.02 -14.86
C1 NAG R . 3.75 -25.65 -20.89
C2 NAG R . 5.05 -26.28 -21.36
C3 NAG R . 5.64 -27.08 -20.21
C4 NAG R . 5.85 -26.20 -18.99
C5 NAG R . 4.75 -25.14 -18.74
C6 NAG R . 5.35 -23.87 -18.15
C7 NAG R . 5.55 -26.85 -23.67
C8 NAG R . 5.24 -27.75 -24.83
N2 NAG R . 4.85 -27.09 -22.55
O3 NAG R . 6.89 -27.60 -20.58
O4 NAG R . 5.98 -27.08 -17.89
O5 NAG R . 4.06 -24.69 -19.89
O6 NAG R . 5.35 -23.97 -16.74
O7 NAG R . 6.40 -25.97 -23.79
C1 NAG R . 7.10 -26.70 -17.05
C2 NAG R . 7.07 -27.53 -15.76
C3 NAG R . 8.32 -27.33 -14.90
C4 NAG R . 9.62 -27.06 -15.69
C5 NAG R . 9.36 -26.15 -16.89
C6 NAG R . 10.60 -25.87 -17.75
C7 NAG R . 4.79 -27.87 -14.92
C8 NAG R . 3.68 -27.24 -14.12
N2 NAG R . 5.89 -27.13 -15.03
O3 NAG R . 8.52 -28.47 -14.10
O4 NAG R . 10.59 -26.51 -14.81
O5 NAG R . 8.36 -26.78 -17.69
O6 NAG R . 11.05 -27.06 -18.37
O7 NAG R . 4.66 -29.00 -15.42
C1 BMA R . 11.74 -27.38 -14.71
C2 BMA R . 13.00 -26.54 -14.44
C3 BMA R . 14.24 -27.41 -14.17
C4 BMA R . 13.94 -28.61 -13.26
C5 BMA R . 12.70 -29.35 -13.77
C6 BMA R . 12.39 -30.63 -12.99
O2 BMA R . 12.75 -25.63 -13.35
O3 BMA R . 15.31 -26.62 -13.63
O4 BMA R . 15.09 -29.49 -13.22
O5 BMA R . 11.58 -28.45 -13.76
O6 BMA R . 11.68 -30.32 -11.79
C1 NAG S . -20.08 -23.94 52.79
C2 NAG S . -20.35 -22.71 51.92
C3 NAG S . -19.27 -22.62 50.82
C4 NAG S . -17.87 -22.69 51.43
C5 NAG S . -17.75 -23.87 52.41
C6 NAG S . -16.41 -23.90 53.15
C7 NAG S . -22.56 -21.77 51.42
C8 NAG S . -23.89 -22.00 50.77
N2 NAG S . -21.69 -22.78 51.35
O1 NAG S . -21.05 -24.03 53.81
O3 NAG S . -19.37 -21.43 50.07
O4 NAG S . -16.92 -22.80 50.39
O5 NAG S . -18.80 -23.81 53.37
O6 NAG S . -16.31 -22.78 54.01
O7 NAG S . -22.31 -20.69 51.97
C1 GAL S . -16.02 -21.67 50.40
C2 GAL S . -14.94 -21.89 49.36
C3 GAL S . -13.97 -20.70 49.31
C4 GAL S . -14.73 -19.37 49.29
C5 GAL S . -15.85 -19.32 50.33
C6 GAL S . -16.71 -18.07 50.19
O2 GAL S . -14.23 -23.09 49.63
O3 GAL S . -13.23 -20.76 48.12
O4 GAL S . -15.27 -19.19 47.99
O5 GAL S . -16.69 -20.44 50.17
O6 GAL S . -16.32 -17.13 51.16
C1 SIA S . -11.58 -21.87 46.84
C2 SIA S . -11.88 -21.27 48.20
C3 SIA S . -11.03 -21.98 49.26
C4 SIA S . -9.55 -21.61 49.16
C5 SIA S . -9.38 -20.09 49.23
C6 SIA S . -10.25 -19.41 48.18
C7 SIA S . -10.19 -17.88 48.32
C8 SIA S . -11.11 -17.15 47.36
C9 SIA S . -10.71 -15.69 47.30
C10 SIA S . -7.26 -18.98 49.88
C11 SIA S . -7.86 -18.61 51.20
N5 SIA S . -8.00 -19.68 49.01
O1A SIA S . -12.03 -23.01 46.60
O1B SIA S . -10.90 -21.22 46.01
O4 SIA S . -8.82 -22.24 50.20
O6 SIA S . -11.61 -19.85 48.23
O7 SIA S . -10.51 -17.49 49.66
O8 SIA S . -11.00 -17.73 46.06
O9 SIA S . -11.53 -14.99 46.37
O10 SIA S . -6.11 -18.67 49.59
C1 FUC S . -20.12 -21.61 48.84
C2 FUC S . -20.48 -20.22 48.29
C3 FUC S . -19.27 -19.57 47.62
C4 FUC S . -18.61 -20.51 46.61
C5 FUC S . -18.33 -21.86 47.27
C6 FUC S . -17.68 -22.86 46.30
O2 FUC S . -20.92 -19.39 49.35
O3 FUC S . -19.67 -18.37 46.98
O4 FUC S . -19.42 -20.68 45.45
O5 FUC S . -19.52 -22.41 47.82
C1 NAG T . 24.31 -25.75 -45.16
C2 NAG T . 25.67 -26.31 -44.72
C3 NAG T . 26.43 -27.05 -45.83
C4 NAG T . 25.53 -27.98 -46.65
C5 NAG T . 24.23 -27.26 -47.05
C6 NAG T . 23.33 -28.20 -47.89
C7 NAG T . 26.79 -25.07 -42.91
C8 NAG T . 27.68 -23.92 -42.58
N2 NAG T . 26.52 -25.24 -44.21
O3 NAG T . 27.47 -27.79 -45.26
O4 NAG T . 26.25 -28.45 -47.80
O5 NAG T . 23.58 -26.72 -45.90
O6 NAG T . 22.10 -28.64 -47.31
O7 NAG T . 26.36 -25.81 -42.02
C1 NAG T . 26.33 -29.90 -47.88
C2 NAG T . 26.93 -30.28 -49.25
C3 NAG T . 27.12 -31.79 -49.40
C4 NAG T . 27.77 -32.42 -48.17
C5 NAG T . 27.11 -31.94 -46.87
C6 NAG T . 27.87 -32.47 -45.64
C7 NAG T . 26.62 -29.19 -51.42
C8 NAG T . 25.65 -28.74 -52.47
N2 NAG T . 26.10 -29.79 -50.35
O3 NAG T . 27.94 -32.06 -50.52
O4 NAG T . 27.70 -33.82 -48.30
O5 NAG T . 27.05 -30.51 -46.83
O6 NAG T . 27.52 -31.75 -44.49
O7 NAG T . 27.83 -28.98 -51.56
C1 FUC T . 22.30 -29.28 -46.04
C2 FUC T . 22.10 -30.80 -46.04
C3 FUC T . 22.60 -31.32 -44.69
C4 FUC T . 21.91 -30.58 -43.55
C5 FUC T . 22.05 -29.05 -43.72
C6 FUC T . 21.37 -28.26 -42.60
O2 FUC T . 22.80 -31.41 -47.12
O3 FUC T . 22.43 -32.71 -44.59
O4 FUC T . 20.53 -30.92 -43.51
O5 FUC T . 21.53 -28.70 -44.99
C1 NAG U . -34.86 11.49 0.65
C2 NAG U . -35.84 12.55 0.14
C3 NAG U . -37.30 12.06 0.04
C4 NAG U . -37.77 11.28 1.28
C5 NAG U . -36.72 10.27 1.79
C6 NAG U . -36.84 8.90 1.09
C7 NAG U . -35.94 15.01 0.52
C8 NAG U . -36.23 15.27 -0.93
N2 NAG U . -35.77 13.75 0.96
O3 NAG U . -37.49 11.27 -1.11
O4 NAG U . -38.16 12.18 2.31
O5 NAG U . -35.37 10.76 1.77
O6 NAG U . -35.61 8.20 1.14
O7 NAG U . -35.87 15.96 1.29
C1 NAG U . -39.24 13.05 1.89
C2 NAG U . -40.39 12.97 2.89
C3 NAG U . -41.46 14.04 2.66
C4 NAG U . -40.87 15.41 2.36
C5 NAG U . -39.81 15.28 1.25
C6 NAG U . -39.19 16.63 0.91
C7 NAG U . -41.24 10.87 3.88
C8 NAG U . -41.91 9.56 3.59
N2 NAG U . -41.02 11.66 2.81
O3 NAG U . -42.30 14.15 3.79
O4 NAG U . -41.89 16.29 1.96
O5 NAG U . -38.81 14.39 1.71
O6 NAG U . -39.39 16.89 -0.46
O7 NAG U . -40.93 11.17 5.03
C1 NAG V . -30.74 22.40 15.18
C2 NAG V . -31.06 22.90 13.78
C3 NAG V . -31.13 24.43 13.74
C4 NAG V . -32.16 24.96 14.74
C5 NAG V . -31.95 24.37 16.14
C6 NAG V . -33.27 23.90 16.77
C7 NAG V . -30.41 21.87 11.67
C8 NAG V . -29.28 21.43 10.77
N2 NAG V . -30.07 22.43 12.83
O3 NAG V . -31.44 24.85 12.43
O4 NAG V . -32.07 26.37 14.85
O5 NAG V . -30.96 23.35 16.23
O6 NAG V . -33.19 24.04 18.17
O7 NAG V . -31.58 21.70 11.31
C1 NAG V . -32.94 27.07 13.92
C2 NAG V . -33.36 28.42 14.53
C3 NAG V . -33.26 29.57 13.53
C4 NAG V . -33.64 29.21 12.10
C5 NAG V . -33.18 27.80 11.69
C6 NAG V . -32.49 27.84 10.32
C7 NAG V . -34.97 28.12 16.36
C8 NAG V . -36.42 28.09 16.75
N2 NAG V . -34.71 28.35 15.08
O3 NAG V . -31.95 30.10 13.55
O4 NAG V . -35.05 29.31 11.94
O5 NAG V . -32.33 27.26 12.67
O6 NAG V . -31.33 27.02 10.31
O7 NAG V . -34.11 27.92 17.21
C1 NAG W . -24.73 -11.27 43.84
C2 NAG W . -24.34 -12.23 44.96
C3 NAG W . -23.84 -13.55 44.40
C4 NAG W . -24.76 -14.13 43.31
C5 NAG W . -25.17 -13.03 42.32
C6 NAG W . -26.22 -13.48 41.30
C7 NAG W . -23.54 -11.41 47.12
C8 NAG W . -22.41 -10.76 47.89
N2 NAG W . -23.34 -11.62 45.82
O3 NAG W . -23.70 -14.49 45.43
O4 NAG W . -24.05 -15.16 42.64
O5 NAG W . -25.69 -11.92 43.02
O6 NAG W . -27.46 -13.65 41.96
O7 NAG W . -24.56 -11.69 47.73
C1 NAG W . -24.68 -16.45 42.76
C2 NAG W . -24.25 -17.29 41.57
C3 NAG W . -24.82 -18.70 41.66
C4 NAG W . -24.52 -19.34 43.02
C5 NAG W . -24.89 -18.38 44.15
C6 NAG W . -24.45 -18.93 45.51
C7 NAG W . -23.75 -15.96 39.56
C8 NAG W . -24.27 -15.45 38.26
N2 NAG W . -24.60 -16.70 40.29
O3 NAG W . -24.23 -19.45 40.62
O4 NAG W . -25.23 -20.57 43.20
O5 NAG W . -24.30 -17.11 43.95
O6 NAG W . -24.36 -17.87 46.43
O7 NAG W . -22.61 -15.68 39.92
C1 BMA W . -24.50 -21.70 42.67
C2 BMA W . -24.77 -22.98 43.47
C3 BMA W . -24.26 -24.25 42.77
C4 BMA W . -24.47 -24.23 41.26
C5 BMA W . -24.06 -22.89 40.64
C6 BMA W . -24.40 -22.70 39.16
O2 BMA W . -26.18 -23.10 43.72
O3 BMA W . -24.95 -25.40 43.28
O4 BMA W . -23.74 -25.31 40.69
O5 BMA W . -24.83 -21.89 41.30
O6 BMA W . -23.81 -23.67 38.28
C1 MAN W . -24.25 -26.03 44.39
C2 MAN W . -24.49 -27.55 44.37
C3 MAN W . -25.16 -28.09 45.65
C4 MAN W . -26.23 -27.17 46.25
C5 MAN W . -25.95 -25.68 46.02
C6 MAN W . -26.29 -24.85 47.26
O2 MAN W . -23.28 -28.25 44.17
O3 MAN W . -24.17 -28.40 46.61
O4 MAN W . -27.48 -27.48 45.68
O5 MAN W . -24.60 -25.47 45.65
O6 MAN W . -26.73 -23.57 46.86
C1 MAN W . -24.92 -24.24 37.55
C2 MAN W . -24.68 -25.70 37.14
C3 MAN W . -26.00 -26.31 36.69
C4 MAN W . -26.78 -25.41 35.73
C5 MAN W . -26.69 -23.88 36.02
C6 MAN W . -27.73 -23.39 37.04
O2 MAN W . -24.14 -26.42 38.22
O3 MAN W . -26.81 -26.62 37.81
O4 MAN W . -26.34 -25.66 34.41
O5 MAN W . -25.37 -23.51 36.42
O6 MAN W . -29.05 -23.63 36.59
C1 NAG X . -15.14 19.00 0.10
C2 NAG X . -14.28 19.79 -0.88
C3 NAG X . -12.89 19.96 -0.29
C4 NAG X . -13.02 20.77 1.01
C5 NAG X . -14.12 20.22 1.95
C6 NAG X . -14.56 21.30 2.93
C7 NAG X . -14.54 19.87 -3.33
C8 NAG X . -14.97 21.31 -3.22
N2 NAG X . -14.22 19.20 -2.22
O3 NAG X . -12.03 20.61 -1.21
O4 NAG X . -11.77 20.83 1.68
O5 NAG X . -15.30 19.78 1.28
O6 NAG X . -14.00 21.03 4.19
O7 NAG X . -14.48 19.33 -4.43
C1 NAG X . -11.16 22.12 1.49
C2 NAG X . -10.42 22.59 2.76
C3 NAG X . -9.54 23.84 2.54
C4 NAG X . -8.89 23.92 1.15
C5 NAG X . -9.80 23.43 0.03
C6 NAG X . -9.09 23.41 -1.31
C7 NAG X . -12.30 23.63 4.19
C8 NAG X . -12.71 24.69 3.21
N2 NAG X . -11.31 22.76 3.92
O3 NAG X . -8.53 23.87 3.53
O4 NAG X . -8.50 25.25 0.87
O5 NAG X . -10.28 22.13 0.36
O6 NAG X . -9.95 22.95 -2.33
O7 NAG X . -12.91 23.57 5.26
C1 NAG Y . -10.93 6.62 -71.26
C2 NAG Y . -10.65 7.42 -72.53
C3 NAG Y . -11.74 8.48 -72.70
C4 NAG Y . -13.10 7.78 -72.76
C5 NAG Y . -13.33 6.87 -71.54
C6 NAG Y . -14.61 6.03 -71.70
C7 NAG Y . -8.62 8.23 -73.72
C8 NAG Y . -7.24 8.80 -73.57
N2 NAG Y . -9.30 7.99 -72.58
O3 NAG Y . -11.53 9.26 -73.86
O4 NAG Y . -14.12 8.74 -72.92
O5 NAG Y . -12.22 6.01 -71.32
O6 NAG Y . -14.50 4.79 -71.05
O7 NAG Y . -9.06 8.00 -74.85
C1 NAG Y . -14.79 8.57 -74.19
C2 NAG Y . -16.05 9.44 -74.21
C3 NAG Y . -16.78 9.29 -75.55
C4 NAG Y . -15.81 9.58 -76.70
C5 NAG Y . -14.61 8.64 -76.57
C6 NAG Y . -13.61 8.85 -77.70
C7 NAG Y . -17.38 9.98 -72.22
C8 NAG Y . -18.23 9.43 -71.11
N2 NAG Y . -16.90 9.07 -73.07
O3 NAG Y . -17.88 10.18 -75.61
O4 NAG Y . -16.47 9.43 -77.94
O5 NAG Y . -13.97 8.86 -75.32
O6 NAG Y . -12.45 8.09 -77.47
O7 NAG Y . -17.18 11.19 -72.30
C1 NAG Z . -15.23 11.49 -27.79
C2 NAG Z . -16.65 11.20 -28.27
C3 NAG Z . -17.77 11.44 -27.25
C4 NAG Z . -17.37 11.74 -25.79
C5 NAG Z . -15.91 12.22 -25.71
C6 NAG Z . -15.31 12.38 -24.32
C7 NAG Z . -16.77 11.51 -30.68
C8 NAG Z . -17.07 12.47 -31.80
N2 NAG Z . -16.91 11.99 -29.45
O3 NAG Z . -18.62 10.31 -27.27
O4 NAG Z . -18.29 12.69 -25.31
O5 NAG Z . -15.13 11.29 -26.41
O6 NAG Z . -15.35 11.16 -23.62
O7 NAG Z . -16.40 10.36 -30.90
C1 NAG Z . -18.55 12.57 -23.88
C2 NAG Z . -18.80 13.99 -23.35
C3 NAG Z . -20.26 14.44 -23.38
C4 NAG Z . -21.27 13.29 -23.50
C5 NAG Z . -20.71 11.97 -22.88
C6 NAG Z . -21.69 10.80 -22.94
C7 NAG Z . -17.52 15.23 -21.64
C8 NAG Z . -17.03 15.22 -20.23
N2 NAG Z . -18.24 14.16 -22.02
O3 NAG Z . -20.44 15.32 -24.47
O4 NAG Z . -22.57 13.75 -23.12
O5 NAG Z . -19.52 11.58 -23.54
O6 NAG Z . -21.03 9.61 -22.52
O7 NAG Z . -17.27 16.18 -22.38
C1 BMA Z . -23.11 13.39 -21.82
C2 BMA Z . -22.75 14.40 -20.74
C3 BMA Z . -23.37 14.00 -19.40
C4 BMA Z . -24.87 13.73 -19.52
C5 BMA Z . -25.15 12.75 -20.67
C6 BMA Z . -26.65 12.58 -20.91
O2 BMA Z . -23.20 15.71 -21.12
O3 BMA Z . -23.15 15.03 -18.43
O4 BMA Z . -25.36 13.20 -18.29
O5 BMA Z . -24.54 13.21 -21.89
O6 BMA Z . -26.91 11.36 -21.61
C1 NAG AA . -29.94 28.07 45.42
C2 NAG AA . -28.69 28.04 44.53
C3 NAG AA . -28.64 26.85 43.56
C4 NAG AA . -29.31 25.56 44.07
C5 NAG AA . -30.56 25.84 44.90
C6 NAG AA . -31.18 24.58 45.51
C7 NAG AA . -27.73 30.24 43.92
C8 NAG AA . -27.82 31.40 42.98
N2 NAG AA . -28.62 29.25 43.74
O1 NAG AA . -29.72 28.94 46.51
O3 NAG AA . -27.29 26.61 43.22
O4 NAG AA . -29.65 24.78 42.94
O5 NAG AA . -30.24 26.77 45.92
O6 NAG AA . -31.06 24.59 46.92
O7 NAG AA . -26.85 30.22 44.80
C1 GAL AA . -29.07 23.46 43.01
C2 GAL AA . -29.65 22.59 41.88
C3 GAL AA . -28.90 21.27 41.65
C4 GAL AA . -27.37 21.41 41.86
C5 GAL AA . -27.06 22.20 43.12
C6 GAL AA . -25.56 22.36 43.33
O2 GAL AA . -31.00 22.31 42.18
O3 GAL AA . -29.12 20.82 40.33
O4 GAL AA . -26.81 22.07 40.74
O5 GAL AA . -27.65 23.48 43.00
O6 GAL AA . -25.20 21.82 44.58
C1 SIA AA . -30.49 19.87 38.64
C2 SIA AA . -30.14 19.79 40.12
C3 SIA AA . -31.36 19.26 40.87
C4 SIA AA . -31.61 17.77 40.59
C5 SIA AA . -30.36 16.94 40.90
C6 SIA AA . -29.06 17.53 40.33
C7 SIA AA . -27.84 16.89 41.03
C8 SIA AA . -26.50 17.50 40.62
C9 SIA AA . -25.37 16.48 40.81
C10 SIA AA . -30.73 14.47 41.11
C11 SIA AA . -30.92 14.62 42.60
N5 SIA AA . -30.48 15.58 40.38
O1A SIA AA . -31.07 20.89 38.24
O1B SIA AA . -30.17 18.94 37.88
O4 SIA AA . -32.71 17.31 41.36
O6 SIA AA . -28.98 18.97 40.39
O7 SIA AA . -27.96 16.98 42.46
O8 SIA AA . -26.50 17.92 39.25
O9 SIA AA . -24.12 17.07 40.47
O10 SIA AA . -30.79 13.38 40.57
C1 FUC AA . -27.09 26.82 41.80
C2 FUC AA . -25.62 27.11 41.44
C3 FUC AA . -25.21 26.40 40.15
C4 FUC AA . -26.33 26.45 39.10
C5 FUC AA . -27.66 25.96 39.67
C6 FUC AA . -28.13 24.67 38.98
O2 FUC AA . -24.74 26.73 42.48
O3 FUC AA . -24.04 26.97 39.62
O4 FUC AA . -26.47 27.78 38.65
O5 FUC AA . -27.58 25.72 41.06
C1 NAG BA . -15.35 -9.36 -54.09
C2 NAG BA . -16.47 -10.39 -53.95
C3 NAG BA . -16.96 -10.91 -55.31
C4 NAG BA . -17.14 -9.81 -56.36
C5 NAG BA . -15.97 -8.82 -56.33
C6 NAG BA . -16.25 -7.64 -57.28
C7 NAG BA . -16.45 -11.68 -51.86
C8 NAG BA . -15.91 -12.89 -51.15
N2 NAG BA . -16.05 -11.51 -53.12
O3 NAG BA . -18.18 -11.59 -55.15
O4 NAG BA . -17.28 -10.42 -57.63
O5 NAG BA . -15.74 -8.35 -55.00
O6 NAG BA . -16.03 -6.38 -56.70
O7 NAG BA . -17.22 -10.93 -51.27
C1 NAG BA . -18.46 -9.94 -58.33
C2 NAG BA . -18.35 -10.31 -59.81
C3 NAG BA . -19.65 -9.95 -60.52
C4 NAG BA . -20.83 -10.72 -59.93
C5 NAG BA . -20.71 -11.03 -58.43
C6 NAG BA . -20.58 -12.54 -58.19
C7 NAG BA . -16.12 -10.25 -60.81
C8 NAG BA . -15.06 -9.40 -61.43
N2 NAG BA . -17.23 -9.62 -60.43
O3 NAG BA . -19.54 -10.23 -61.91
O4 NAG BA . -22.02 -10.00 -60.16
O5 NAG BA . -19.69 -10.32 -57.71
O6 NAG BA . -21.83 -13.16 -58.38
O7 NAG BA . -15.94 -11.46 -60.65
C1 FUC BA . -17.24 -5.86 -56.08
C2 FUC BA . -17.87 -4.77 -56.96
C3 FUC BA . -18.51 -3.67 -56.13
C4 FUC BA . -19.13 -4.23 -54.84
C5 FUC BA . -18.12 -5.05 -54.01
C6 FUC BA . -17.64 -4.33 -52.75
O2 FUC BA . -18.86 -5.36 -57.79
O3 FUC BA . -17.53 -2.70 -55.82
O4 FUC BA . -19.75 -3.20 -54.10
O5 FUC BA . -16.98 -5.38 -54.78
C1 NAG CA . 25.13 25.01 11.21
C2 NAG CA . 24.78 26.19 12.13
C3 NAG CA . 25.98 27.14 12.28
C4 NAG CA . 27.24 26.36 12.69
C5 NAG CA . 27.42 25.12 11.79
C6 NAG CA . 28.62 24.26 12.22
C7 NAG CA . 23.22 27.45 10.60
C8 NAG CA . 21.87 28.11 10.54
N2 NAG CA . 23.55 26.90 11.78
O3 NAG CA . 25.70 28.10 13.26
O4 NAG CA . 28.37 27.19 12.61
O5 NAG CA . 26.24 24.32 11.76
O6 NAG CA . 28.36 23.58 13.43
O7 NAG CA . 23.94 27.45 9.60
C1 NAG DA . 27.16 16.33 27.98
C2 NAG DA . 27.99 17.56 27.55
C3 NAG DA . 29.41 17.63 28.15
C4 NAG DA . 29.52 17.05 29.56
C5 NAG DA . 28.76 15.73 29.64
C6 NAG DA . 28.87 15.07 31.01
C7 NAG DA . 27.44 18.41 25.32
C8 NAG DA . 27.68 18.26 23.85
N2 NAG DA . 28.10 17.57 26.11
O3 NAG DA . 29.84 18.97 28.16
O4 NAG DA . 30.88 16.88 29.88
O5 NAG DA . 27.40 15.99 29.33
O6 NAG DA . 27.79 15.48 31.82
O7 NAG DA . 26.65 19.27 25.74
C1 NAG EA . 34.07 -1.28 -18.38
C2 NAG EA . 33.85 -1.07 -16.88
C3 NAG EA . 35.15 -1.26 -16.09
C4 NAG EA . 35.95 -2.49 -16.52
C5 NAG EA . 35.98 -2.66 -18.04
C6 NAG EA . 36.60 -3.99 -18.45
C7 NAG EA . 32.23 0.47 -15.78
C8 NAG EA . 31.57 -0.70 -15.10
N2 NAG EA . 33.28 0.25 -16.60
O3 NAG EA . 34.86 -1.37 -14.71
O4 NAG EA . 37.25 -2.38 -16.01
O5 NAG EA . 34.68 -2.55 -18.57
O6 NAG EA . 36.42 -4.23 -19.83
O7 NAG EA . 31.80 1.61 -15.59
C1 NAG FA . -12.56 23.84 -32.65
C2 NAG FA . -13.44 24.34 -33.82
C3 NAG FA . -13.25 25.84 -33.98
C4 NAG FA . -13.73 26.55 -32.71
C5 NAG FA . -13.09 25.94 -31.44
C6 NAG FA . -13.93 26.34 -30.23
C7 NAG FA . -13.78 22.51 -35.45
C8 NAG FA . -13.48 22.05 -36.84
N2 NAG FA . -13.25 23.69 -35.10
O3 NAG FA . -14.01 26.30 -35.08
O4 NAG FA . -13.47 27.94 -32.82
O5 NAG FA . -12.98 24.52 -31.47
O6 NAG FA . -13.18 26.35 -29.03
O7 NAG FA . -14.45 21.80 -34.69
#